data_7H4A
# 
_entry.id   7H4A 
# 
_audit_conform.dict_name       mmcif_pdbx.dic 
_audit_conform.dict_version    5.397 
_audit_conform.dict_location   http://mmcif.pdb.org/dictionaries/ascii/mmcif_pdbx.dic 
# 
loop_
_database_2.database_id 
_database_2.database_code 
_database_2.pdbx_database_accession 
_database_2.pdbx_DOI 
PDB   7H4A         pdb_00007h4a 10.2210/pdb7h4a/pdb 
WWPDB D_1001407005 ?            ?                   
# 
loop_
_pdbx_audit_revision_history.ordinal 
_pdbx_audit_revision_history.data_content_type 
_pdbx_audit_revision_history.major_revision 
_pdbx_audit_revision_history.minor_revision 
_pdbx_audit_revision_history.revision_date 
1 'Structure model' 1 0 2024-04-24 
2 'Structure model' 1 1 2024-10-16 
# 
_pdbx_audit_revision_details.ordinal             1 
_pdbx_audit_revision_details.revision_ordinal    1 
_pdbx_audit_revision_details.data_content_type   'Structure model' 
_pdbx_audit_revision_details.provider            repository 
_pdbx_audit_revision_details.type                'Initial release' 
_pdbx_audit_revision_details.description         ? 
_pdbx_audit_revision_details.details             ? 
# 
loop_
_pdbx_audit_revision_group.ordinal 
_pdbx_audit_revision_group.revision_ordinal 
_pdbx_audit_revision_group.data_content_type 
_pdbx_audit_revision_group.group 
1 2 'Structure model' 'Database references' 
2 2 'Structure model' 'Structure summary'   
# 
loop_
_pdbx_audit_revision_category.ordinal 
_pdbx_audit_revision_category.revision_ordinal 
_pdbx_audit_revision_category.data_content_type 
_pdbx_audit_revision_category.category 
1 2 'Structure model' citation           
2 2 'Structure model' citation_author    
3 2 'Structure model' pdbx_entry_details 
# 
loop_
_pdbx_audit_revision_item.ordinal 
_pdbx_audit_revision_item.revision_ordinal 
_pdbx_audit_revision_item.data_content_type 
_pdbx_audit_revision_item.item 
1 2 'Structure model' '_citation.country'                 
2 2 'Structure model' '_citation.journal_abbrev'          
3 2 'Structure model' '_citation.journal_id_CSD'          
4 2 'Structure model' '_citation.journal_id_ISSN'         
5 2 'Structure model' '_citation.pdbx_database_id_DOI'    
6 2 'Structure model' '_citation.pdbx_database_id_PubMed' 
7 2 'Structure model' '_citation.title'                   
8 2 'Structure model' '_citation.year'                    
# 
_pdbx_database_status.entry_id                        7H4A 
_pdbx_database_status.status_code                     REL 
_pdbx_database_status.status_code_sf                  REL 
_pdbx_database_status.status_code_mr                  ? 
_pdbx_database_status.status_code_cs                  ? 
_pdbx_database_status.recvd_initial_deposition_date   2024-04-04 
_pdbx_database_status.status_code_nmr_data            ? 
_pdbx_database_status.deposit_site                    RCSB 
_pdbx_database_status.process_site                    RCSB 
_pdbx_database_status.SG_entry                        ? 
_pdbx_database_status.pdb_format_compatible           Y 
_pdbx_database_status.methods_development_category    ? 
# 
_pdbx_contact_author.id                 1 
_pdbx_contact_author.email              frank.von-delft@diamond.ac.uk 
_pdbx_contact_author.name_first         Frank 
_pdbx_contact_author.name_last          'von Delft' 
_pdbx_contact_author.role               'principal investigator/group leader' 
_pdbx_contact_author.identifier_ORCID   0000-0003-0378-0017 
_pdbx_contact_author.name_mi            ? 
# 
loop_
_audit_author.name 
_audit_author.pdbx_ordinal 
'Lithgo, R.M.'        1  
'Fairhead, M.'        2  
'Koekemoer, L.'       3  
'Balcomb, B.H.'       4  
'Capkin, E.'          5  
'Chandran, A.V.'      6  
'Golding, M.'         7  
'Godoy, A.S.'         8  
'Aschenbrenner, J.C.' 9  
'Marples, P.G.'       10 
'Ni, X.'              11 
'Thompson, W.'        12 
'Tomlinson, C.W.E.'   13 
'Wild, C.'            14 
'Winokan, M.'         15 
'Xavier, M.-A.E.'     16 
'Fearon, D.'          17 
'von Delft, F.'       18 
# 
_citation.id                        primary 
_citation.title                     
;Crystallographic Fragment Screen of Coxsackievirus A16 2A Protease identifies new opportunities for the development of broad-spectrum anti-enterovirals.
;
_citation.journal_abbrev            Biorxiv 
_citation.journal_volume            ? 
_citation.page_first                ? 
_citation.page_last                 ? 
_citation.year                      2024 
_citation.journal_id_ASTM           ? 
_citation.country                   US 
_citation.journal_id_ISSN           2692-8205 
_citation.journal_id_CSD            ? 
_citation.book_publisher            ? 
_citation.pdbx_database_id_PubMed   38746446 
_citation.pdbx_database_id_DOI      10.1101/2024.04.29.591684 
# 
loop_
_citation_author.citation_id 
_citation_author.name 
_citation_author.identifier_ORCID 
_citation_author.ordinal 
primary 'Lithgo, R.M.'        0000-0002-4706-9916 1  
primary 'Tomlinson, C.W.E.'   0000-0002-1845-6028 2  
primary 'Fairhead, M.'        0000-0001-5361-3933 3  
primary 'Winokan, M.'         ?                   4  
primary 'Thompson, W.'        0000-0003-1474-7810 5  
primary 'Wild, C.'            0000-0003-0654-8141 6  
primary 'Aschenbrenner, J.C.' 0000-0002-4318-0481 7  
primary 'Balcomb, B.H.'       0000-0001-7599-8467 8  
primary 'Marples, P.G.'       0000-0002-8787-7969 9  
primary 'Chandran, A.V.'      0000-0001-9942-2614 10 
primary 'Golding, M.'         0009-0004-7472-8333 11 
primary 'Koekemoer, L.'       0000-0001-9226-9127 12 
primary 'Williams, E.P.'      0000-0002-1331-9518 13 
primary 'Wang, S.'            ?                   14 
primary 'Ni, X.'              0000-0002-7769-8297 15 
primary 'MacLean, E.'         0000-0003-1680-4292 16 
primary 'Giroud, C.'          0000-0002-1629-1581 17 
primary 'Godoy, A.S.'         0000-0002-0613-9164 18 
primary 'Xavier, M.A.'        0000-0002-1709-9479 19 
primary 'Walsh, M.'           0000-0001-5683-1151 20 
primary 'Fearon, D.'          0000-0003-3529-7863 21 
primary 'von Delft, F.'       0000-0003-0378-0017 22 
# 
loop_
_entity.id 
_entity.type 
_entity.src_method 
_entity.pdbx_description 
_entity.formula_weight 
_entity.pdbx_number_of_molecules 
_entity.pdbx_ec 
_entity.pdbx_mutation 
_entity.pdbx_fragment 
_entity.details 
1 polymer     man 'Protease 2A'                        16493.311 1   3.4.22.29 ? ? ? 
2 non-polymer man 'N-methyl-2-(methylsulfonyl)aniline' 185.243   1   ?         ? ? ? 
3 non-polymer syn 'ZINC ION'                           65.409    1   ?         ? ? ? 
4 non-polymer syn 'DIMETHYL SULFOXIDE'                 78.133    5   ?         ? ? ? 
5 non-polymer syn 'SULFATE ION'                        96.063    1   ?         ? ? ? 
6 water       nat water                                18.015    236 ?         ? ? ? 
# 
_entity_name_com.entity_id   1 
_entity_name_com.name        'P2A,Picornain 2A,Protein 2A' 
# 
_entity_poly.entity_id                      1 
_entity_poly.type                           'polypeptide(L)' 
_entity_poly.nstd_linkage                   no 
_entity_poly.nstd_monomer                   no 
_entity_poly.pdbx_seq_one_letter_code       
;QEQTGGSGAIYVGNYRVVNRHLATHNDWANLVWEDSSRDLLVSSTTAQGCDTIARCDCQTGVYYCSSRRKHYPVSFSKPS
LIFVEASEYYPARYQSHLMLAVGHSEPGDCGGILRCQHGVVGIVSTGGNGLVGFADVRDLLWLDEEAMEQ
;
_entity_poly.pdbx_seq_one_letter_code_can   
;QEQTGGSGAIYVGNYRVVNRHLATHNDWANLVWEDSSRDLLVSSTTAQGCDTIARCDCQTGVYYCSSRRKHYPVSFSKPS
LIFVEASEYYPARYQSHLMLAVGHSEPGDCGGILRCQHGVVGIVSTGGNGLVGFADVRDLLWLDEEAMEQ
;
_entity_poly.pdbx_strand_id                 A 
_entity_poly.pdbx_target_identifier         ? 
# 
loop_
_pdbx_entity_nonpoly.entity_id 
_pdbx_entity_nonpoly.name 
_pdbx_entity_nonpoly.comp_id 
2 'N-methyl-2-(methylsulfonyl)aniline' UVA 
3 'ZINC ION'                           ZN  
4 'DIMETHYL SULFOXIDE'                 DMS 
5 'SULFATE ION'                        SO4 
6 water                                HOH 
# 
loop_
_entity_poly_seq.entity_id 
_entity_poly_seq.num 
_entity_poly_seq.mon_id 
_entity_poly_seq.hetero 
1 1   GLN n 
1 2   GLU n 
1 3   GLN n 
1 4   THR n 
1 5   GLY n 
1 6   GLY n 
1 7   SER n 
1 8   GLY n 
1 9   ALA n 
1 10  ILE n 
1 11  TYR n 
1 12  VAL n 
1 13  GLY n 
1 14  ASN n 
1 15  TYR n 
1 16  ARG n 
1 17  VAL n 
1 18  VAL n 
1 19  ASN n 
1 20  ARG n 
1 21  HIS n 
1 22  LEU n 
1 23  ALA n 
1 24  THR n 
1 25  HIS n 
1 26  ASN n 
1 27  ASP n 
1 28  TRP n 
1 29  ALA n 
1 30  ASN n 
1 31  LEU n 
1 32  VAL n 
1 33  TRP n 
1 34  GLU n 
1 35  ASP n 
1 36  SER n 
1 37  SER n 
1 38  ARG n 
1 39  ASP n 
1 40  LEU n 
1 41  LEU n 
1 42  VAL n 
1 43  SER n 
1 44  SER n 
1 45  THR n 
1 46  THR n 
1 47  ALA n 
1 48  GLN n 
1 49  GLY n 
1 50  CYS n 
1 51  ASP n 
1 52  THR n 
1 53  ILE n 
1 54  ALA n 
1 55  ARG n 
1 56  CYS n 
1 57  ASP n 
1 58  CYS n 
1 59  GLN n 
1 60  THR n 
1 61  GLY n 
1 62  VAL n 
1 63  TYR n 
1 64  TYR n 
1 65  CYS n 
1 66  SER n 
1 67  SER n 
1 68  ARG n 
1 69  ARG n 
1 70  LYS n 
1 71  HIS n 
1 72  TYR n 
1 73  PRO n 
1 74  VAL n 
1 75  SER n 
1 76  PHE n 
1 77  SER n 
1 78  LYS n 
1 79  PRO n 
1 80  SER n 
1 81  LEU n 
1 82  ILE n 
1 83  PHE n 
1 84  VAL n 
1 85  GLU n 
1 86  ALA n 
1 87  SER n 
1 88  GLU n 
1 89  TYR n 
1 90  TYR n 
1 91  PRO n 
1 92  ALA n 
1 93  ARG n 
1 94  TYR n 
1 95  GLN n 
1 96  SER n 
1 97  HIS n 
1 98  LEU n 
1 99  MET n 
1 100 LEU n 
1 101 ALA n 
1 102 VAL n 
1 103 GLY n 
1 104 HIS n 
1 105 SER n 
1 106 GLU n 
1 107 PRO n 
1 108 GLY n 
1 109 ASP n 
1 110 CYS n 
1 111 GLY n 
1 112 GLY n 
1 113 ILE n 
1 114 LEU n 
1 115 ARG n 
1 116 CYS n 
1 117 GLN n 
1 118 HIS n 
1 119 GLY n 
1 120 VAL n 
1 121 VAL n 
1 122 GLY n 
1 123 ILE n 
1 124 VAL n 
1 125 SER n 
1 126 THR n 
1 127 GLY n 
1 128 GLY n 
1 129 ASN n 
1 130 GLY n 
1 131 LEU n 
1 132 VAL n 
1 133 GLY n 
1 134 PHE n 
1 135 ALA n 
1 136 ASP n 
1 137 VAL n 
1 138 ARG n 
1 139 ASP n 
1 140 LEU n 
1 141 LEU n 
1 142 TRP n 
1 143 LEU n 
1 144 ASP n 
1 145 GLU n 
1 146 GLU n 
1 147 ALA n 
1 148 MET n 
1 149 GLU n 
1 150 GLN n 
# 
loop_
_entity_src_gen.entity_id 
_entity_src_gen.pdbx_src_id 
_entity_src_gen.pdbx_alt_source_flag 
_entity_src_gen.pdbx_seq_type 
_entity_src_gen.pdbx_beg_seq_num 
_entity_src_gen.pdbx_end_seq_num 
_entity_src_gen.gene_src_common_name 
_entity_src_gen.gene_src_genus 
_entity_src_gen.pdbx_gene_src_gene 
_entity_src_gen.gene_src_species 
_entity_src_gen.gene_src_strain 
_entity_src_gen.gene_src_tissue 
_entity_src_gen.gene_src_tissue_fraction 
_entity_src_gen.gene_src_details 
_entity_src_gen.pdbx_gene_src_fragment 
_entity_src_gen.pdbx_gene_src_scientific_name 
_entity_src_gen.pdbx_gene_src_ncbi_taxonomy_id 
_entity_src_gen.pdbx_gene_src_variant 
_entity_src_gen.pdbx_gene_src_cell_line 
_entity_src_gen.pdbx_gene_src_atcc 
_entity_src_gen.pdbx_gene_src_organ 
_entity_src_gen.pdbx_gene_src_organelle 
_entity_src_gen.pdbx_gene_src_cell 
_entity_src_gen.pdbx_gene_src_cellular_location 
_entity_src_gen.host_org_common_name 
_entity_src_gen.pdbx_host_org_scientific_name 
_entity_src_gen.pdbx_host_org_ncbi_taxonomy_id 
_entity_src_gen.host_org_genus 
_entity_src_gen.pdbx_host_org_gene 
_entity_src_gen.pdbx_host_org_organ 
_entity_src_gen.host_org_species 
_entity_src_gen.pdbx_host_org_tissue 
_entity_src_gen.pdbx_host_org_tissue_fraction 
_entity_src_gen.pdbx_host_org_strain 
_entity_src_gen.pdbx_host_org_variant 
_entity_src_gen.pdbx_host_org_cell_line 
_entity_src_gen.pdbx_host_org_atcc 
_entity_src_gen.pdbx_host_org_culture_collection 
_entity_src_gen.pdbx_host_org_cell 
_entity_src_gen.pdbx_host_org_organelle 
_entity_src_gen.pdbx_host_org_cellular_location 
_entity_src_gen.pdbx_host_org_vector_type 
_entity_src_gen.pdbx_host_org_vector 
_entity_src_gen.host_org_details 
_entity_src_gen.expression_system_id 
_entity_src_gen.plasmid_name 
_entity_src_gen.plasmid_details 
_entity_src_gen.pdbx_description 
1 1 sample 'Biological sequence' 1 150 ? ? ? ? ? ? ? ? ? 'Coxsackievirus A16' 31704 ? ? ? ? ? ? ? ? 'Escherichia coli' 562 ? ? ? ? 
? ? ? ? ? ? ? ? ? ? ? ? ? ? ? ? ? 
2 1 sample ?                     ? ?   ? ? ? ? ? ? ? ? ? 'Coxsackievirus A16' 31704 ? ? ? ? ? ? ? ? 'Escherichia coli' 562 ? ? ? ? 
? ? ? ? ? ? ? ? ? ? ? ? ? ? ? ? ? 
# 
loop_
_chem_comp.id 
_chem_comp.type 
_chem_comp.mon_nstd_flag 
_chem_comp.name 
_chem_comp.pdbx_synonyms 
_chem_comp.formula 
_chem_comp.formula_weight 
ALA 'L-peptide linking' y ALANINE                              ? 'C3 H7 N O2'     89.093  
ARG 'L-peptide linking' y ARGININE                             ? 'C6 H15 N4 O2 1' 175.209 
ASN 'L-peptide linking' y ASPARAGINE                           ? 'C4 H8 N2 O3'    132.118 
ASP 'L-peptide linking' y 'ASPARTIC ACID'                      ? 'C4 H7 N O4'     133.103 
CYS 'L-peptide linking' y CYSTEINE                             ? 'C3 H7 N O2 S'   121.158 
DMS non-polymer         . 'DIMETHYL SULFOXIDE'                 ? 'C2 H6 O S'      78.133  
GLN 'L-peptide linking' y GLUTAMINE                            ? 'C5 H10 N2 O3'   146.144 
GLU 'L-peptide linking' y 'GLUTAMIC ACID'                      ? 'C5 H9 N O4'     147.129 
GLY 'peptide linking'   y GLYCINE                              ? 'C2 H5 N O2'     75.067  
HIS 'L-peptide linking' y HISTIDINE                            ? 'C6 H10 N3 O2 1' 156.162 
HOH non-polymer         . WATER                                ? 'H2 O'           18.015  
ILE 'L-peptide linking' y ISOLEUCINE                           ? 'C6 H13 N O2'    131.173 
LEU 'L-peptide linking' y LEUCINE                              ? 'C6 H13 N O2'    131.173 
LYS 'L-peptide linking' y LYSINE                               ? 'C6 H15 N2 O2 1' 147.195 
MET 'L-peptide linking' y METHIONINE                           ? 'C5 H11 N O2 S'  149.211 
PHE 'L-peptide linking' y PHENYLALANINE                        ? 'C9 H11 N O2'    165.189 
PRO 'L-peptide linking' y PROLINE                              ? 'C5 H9 N O2'     115.130 
SER 'L-peptide linking' y SERINE                               ? 'C3 H7 N O3'     105.093 
SO4 non-polymer         . 'SULFATE ION'                        ? 'O4 S -2'        96.063  
THR 'L-peptide linking' y THREONINE                            ? 'C4 H9 N O3'     119.119 
TRP 'L-peptide linking' y TRYPTOPHAN                           ? 'C11 H12 N2 O2'  204.225 
TYR 'L-peptide linking' y TYROSINE                             ? 'C9 H11 N O3'    181.189 
UVA non-polymer         . 'N-methyl-2-(methylsulfonyl)aniline' ? 'C8 H11 N O2 S'  185.243 
VAL 'L-peptide linking' y VALINE                               ? 'C5 H11 N O2'    117.146 
ZN  non-polymer         . 'ZINC ION'                           ? 'Zn 2'           65.409  
# 
loop_
_pdbx_poly_seq_scheme.asym_id 
_pdbx_poly_seq_scheme.entity_id 
_pdbx_poly_seq_scheme.seq_id 
_pdbx_poly_seq_scheme.mon_id 
_pdbx_poly_seq_scheme.ndb_seq_num 
_pdbx_poly_seq_scheme.pdb_seq_num 
_pdbx_poly_seq_scheme.auth_seq_num 
_pdbx_poly_seq_scheme.pdb_mon_id 
_pdbx_poly_seq_scheme.auth_mon_id 
_pdbx_poly_seq_scheme.pdb_strand_id 
_pdbx_poly_seq_scheme.pdb_ins_code 
_pdbx_poly_seq_scheme.hetero 
A 1 1   GLN 1   1   ?   ?   ?   A . n 
A 1 2   GLU 2   2   ?   ?   ?   A . n 
A 1 3   GLN 3   3   ?   ?   ?   A . n 
A 1 4   THR 4   4   ?   ?   ?   A . n 
A 1 5   GLY 5   5   ?   ?   ?   A . n 
A 1 6   GLY 6   6   ?   ?   ?   A . n 
A 1 7   SER 7   7   7   SER SER A . n 
A 1 8   GLY 8   8   8   GLY GLY A . n 
A 1 9   ALA 9   9   9   ALA ALA A . n 
A 1 10  ILE 10  10  10  ILE ILE A . n 
A 1 11  TYR 11  11  11  TYR TYR A . n 
A 1 12  VAL 12  12  12  VAL VAL A . n 
A 1 13  GLY 13  13  13  GLY GLY A . n 
A 1 14  ASN 14  14  14  ASN ASN A . n 
A 1 15  TYR 15  15  15  TYR TYR A . n 
A 1 16  ARG 16  16  16  ARG ARG A . n 
A 1 17  VAL 17  17  17  VAL VAL A . n 
A 1 18  VAL 18  18  18  VAL VAL A . n 
A 1 19  ASN 19  19  19  ASN ASN A . n 
A 1 20  ARG 20  20  20  ARG ARG A . n 
A 1 21  HIS 21  21  21  HIS HIS A . n 
A 1 22  LEU 22  22  22  LEU LEU A . n 
A 1 23  ALA 23  23  23  ALA ALA A . n 
A 1 24  THR 24  24  24  THR THR A . n 
A 1 25  HIS 25  25  25  HIS HIS A . n 
A 1 26  ASN 26  26  26  ASN ASN A . n 
A 1 27  ASP 27  27  27  ASP ASP A . n 
A 1 28  TRP 28  28  28  TRP TRP A . n 
A 1 29  ALA 29  29  29  ALA ALA A . n 
A 1 30  ASN 30  30  30  ASN ASN A . n 
A 1 31  LEU 31  31  31  LEU LEU A . n 
A 1 32  VAL 32  32  32  VAL VAL A . n 
A 1 33  TRP 33  33  33  TRP TRP A . n 
A 1 34  GLU 34  34  34  GLU GLU A . n 
A 1 35  ASP 35  35  35  ASP ASP A . n 
A 1 36  SER 36  36  36  SER SER A . n 
A 1 37  SER 37  37  37  SER SER A . n 
A 1 38  ARG 38  38  38  ARG ARG A . n 
A 1 39  ASP 39  39  39  ASP ASP A . n 
A 1 40  LEU 40  40  40  LEU LEU A . n 
A 1 41  LEU 41  41  41  LEU LEU A . n 
A 1 42  VAL 42  42  42  VAL VAL A . n 
A 1 43  SER 43  43  43  SER SER A . n 
A 1 44  SER 44  44  44  SER SER A . n 
A 1 45  THR 45  45  45  THR THR A . n 
A 1 46  THR 46  46  46  THR THR A . n 
A 1 47  ALA 47  47  47  ALA ALA A . n 
A 1 48  GLN 48  48  48  GLN GLN A . n 
A 1 49  GLY 49  49  49  GLY GLY A . n 
A 1 50  CYS 50  50  50  CYS CYS A . n 
A 1 51  ASP 51  51  51  ASP ASP A . n 
A 1 52  THR 52  52  52  THR THR A . n 
A 1 53  ILE 53  53  53  ILE ILE A . n 
A 1 54  ALA 54  54  54  ALA ALA A . n 
A 1 55  ARG 55  55  55  ARG ARG A . n 
A 1 56  CYS 56  56  56  CYS CYS A . n 
A 1 57  ASP 57  57  57  ASP ASP A . n 
A 1 58  CYS 58  58  58  CYS CYS A . n 
A 1 59  GLN 59  59  59  GLN GLN A . n 
A 1 60  THR 60  60  60  THR THR A . n 
A 1 61  GLY 61  61  61  GLY GLY A . n 
A 1 62  VAL 62  62  62  VAL VAL A . n 
A 1 63  TYR 63  63  63  TYR TYR A . n 
A 1 64  TYR 64  64  64  TYR TYR A . n 
A 1 65  CYS 65  65  65  CYS CYS A . n 
A 1 66  SER 66  66  66  SER SER A . n 
A 1 67  SER 67  67  67  SER SER A . n 
A 1 68  ARG 68  68  68  ARG ARG A . n 
A 1 69  ARG 69  69  69  ARG ARG A . n 
A 1 70  LYS 70  70  70  LYS LYS A . n 
A 1 71  HIS 71  71  71  HIS HIS A . n 
A 1 72  TYR 72  72  72  TYR TYR A . n 
A 1 73  PRO 73  73  73  PRO PRO A . n 
A 1 74  VAL 74  74  74  VAL VAL A . n 
A 1 75  SER 75  75  75  SER SER A . n 
A 1 76  PHE 76  76  76  PHE PHE A . n 
A 1 77  SER 77  77  77  SER SER A . n 
A 1 78  LYS 78  78  78  LYS LYS A . n 
A 1 79  PRO 79  79  79  PRO PRO A . n 
A 1 80  SER 80  80  80  SER SER A . n 
A 1 81  LEU 81  81  81  LEU LEU A . n 
A 1 82  ILE 82  82  82  ILE ILE A . n 
A 1 83  PHE 83  83  83  PHE PHE A . n 
A 1 84  VAL 84  84  84  VAL VAL A . n 
A 1 85  GLU 85  85  85  GLU GLU A . n 
A 1 86  ALA 86  86  86  ALA ALA A . n 
A 1 87  SER 87  87  87  SER SER A . n 
A 1 88  GLU 88  88  88  GLU GLU A . n 
A 1 89  TYR 89  89  89  TYR TYR A . n 
A 1 90  TYR 90  90  90  TYR TYR A . n 
A 1 91  PRO 91  91  91  PRO PRO A . n 
A 1 92  ALA 92  92  92  ALA ALA A . n 
A 1 93  ARG 93  93  93  ARG ARG A . n 
A 1 94  TYR 94  94  94  TYR TYR A . n 
A 1 95  GLN 95  95  95  GLN GLN A . n 
A 1 96  SER 96  96  96  SER SER A . n 
A 1 97  HIS 97  97  97  HIS HIS A . n 
A 1 98  LEU 98  98  98  LEU LEU A . n 
A 1 99  MET 99  99  99  MET MET A . n 
A 1 100 LEU 100 100 100 LEU LEU A . n 
A 1 101 ALA 101 101 101 ALA ALA A . n 
A 1 102 VAL 102 102 102 VAL VAL A . n 
A 1 103 GLY 103 103 103 GLY GLY A . n 
A 1 104 HIS 104 104 104 HIS HIS A . n 
A 1 105 SER 105 105 105 SER SER A . n 
A 1 106 GLU 106 106 106 GLU GLU A . n 
A 1 107 PRO 107 107 107 PRO PRO A . n 
A 1 108 GLY 108 108 108 GLY GLY A . n 
A 1 109 ASP 109 109 109 ASP ASP A . n 
A 1 110 CYS 110 110 110 CYS CYS A . n 
A 1 111 GLY 111 111 111 GLY GLY A . n 
A 1 112 GLY 112 112 112 GLY GLY A . n 
A 1 113 ILE 113 113 113 ILE ILE A . n 
A 1 114 LEU 114 114 114 LEU LEU A . n 
A 1 115 ARG 115 115 115 ARG ARG A . n 
A 1 116 CYS 116 116 116 CYS CYS A . n 
A 1 117 GLN 117 117 117 GLN GLN A . n 
A 1 118 HIS 118 118 118 HIS HIS A . n 
A 1 119 GLY 119 119 119 GLY GLY A . n 
A 1 120 VAL 120 120 120 VAL VAL A . n 
A 1 121 VAL 121 121 121 VAL VAL A . n 
A 1 122 GLY 122 122 122 GLY GLY A . n 
A 1 123 ILE 123 123 123 ILE ILE A . n 
A 1 124 VAL 124 124 124 VAL VAL A . n 
A 1 125 SER 125 125 125 SER SER A . n 
A 1 126 THR 126 126 126 THR THR A . n 
A 1 127 GLY 127 127 127 GLY GLY A . n 
A 1 128 GLY 128 128 128 GLY GLY A . n 
A 1 129 ASN 129 129 129 ASN ASN A . n 
A 1 130 GLY 130 130 130 GLY GLY A . n 
A 1 131 LEU 131 131 131 LEU LEU A . n 
A 1 132 VAL 132 132 132 VAL VAL A . n 
A 1 133 GLY 133 133 133 GLY GLY A . n 
A 1 134 PHE 134 134 134 PHE PHE A . n 
A 1 135 ALA 135 135 135 ALA ALA A . n 
A 1 136 ASP 136 136 136 ASP ASP A . n 
A 1 137 VAL 137 137 137 VAL VAL A . n 
A 1 138 ARG 138 138 138 ARG ARG A . n 
A 1 139 ASP 139 139 139 ASP ASP A . n 
A 1 140 LEU 140 140 140 LEU LEU A . n 
A 1 141 LEU 141 141 141 LEU LEU A . n 
A 1 142 TRP 142 142 142 TRP TRP A . n 
A 1 143 LEU 143 143 143 LEU LEU A . n 
A 1 144 ASP 144 144 144 ASP ASP A . n 
A 1 145 GLU 145 145 145 GLU GLU A . n 
A 1 146 GLU 146 146 146 GLU GLU A . n 
A 1 147 ALA 147 147 ?   ?   ?   A . n 
A 1 148 MET 148 148 ?   ?   ?   A . n 
A 1 149 GLU 149 149 ?   ?   ?   A . n 
A 1 150 GLN 150 150 ?   ?   ?   A . n 
# 
loop_
_pdbx_nonpoly_scheme.asym_id 
_pdbx_nonpoly_scheme.entity_id 
_pdbx_nonpoly_scheme.mon_id 
_pdbx_nonpoly_scheme.ndb_seq_num 
_pdbx_nonpoly_scheme.pdb_seq_num 
_pdbx_nonpoly_scheme.auth_seq_num 
_pdbx_nonpoly_scheme.pdb_mon_id 
_pdbx_nonpoly_scheme.auth_mon_id 
_pdbx_nonpoly_scheme.pdb_strand_id 
_pdbx_nonpoly_scheme.pdb_ins_code 
B 2 UVA 1   201 201 UVA LIG A . 
C 3 ZN  1   202 1   ZN  ZN  A . 
D 4 DMS 1   203 -1  DMS DMS A . 
E 4 DMS 1   204 0   DMS DMS A . 
F 4 DMS 1   205 1   DMS DMS A . 
G 4 DMS 1   206 3   DMS DMS A . 
H 4 DMS 1   207 6   DMS DMS A . 
I 5 SO4 1   208 1   SO4 SO4 A . 
J 6 HOH 1   301 103 HOH HOH A . 
J 6 HOH 2   302 36  HOH HOH A . 
J 6 HOH 3   303 94  HOH HOH A . 
J 6 HOH 4   304 219 HOH HOH A . 
J 6 HOH 5   305 60  HOH HOH A . 
J 6 HOH 6   306 182 HOH HOH A . 
J 6 HOH 7   307 77  HOH HOH A . 
J 6 HOH 8   308 34  HOH HOH A . 
J 6 HOH 9   309 70  HOH HOH A . 
J 6 HOH 10  310 216 HOH HOH A . 
J 6 HOH 11  311 186 HOH HOH A . 
J 6 HOH 12  312 238 HOH HOH A . 
J 6 HOH 13  313 7   HOH HOH A . 
J 6 HOH 14  314 214 HOH HOH A . 
J 6 HOH 15  315 184 HOH HOH A . 
J 6 HOH 16  316 40  HOH HOH A . 
J 6 HOH 17  317 109 HOH HOH A . 
J 6 HOH 18  318 108 HOH HOH A . 
J 6 HOH 19  319 3   HOH HOH A . 
J 6 HOH 20  320 39  HOH HOH A . 
J 6 HOH 21  321 152 HOH HOH A . 
J 6 HOH 22  322 227 HOH HOH A . 
J 6 HOH 23  323 133 HOH HOH A . 
J 6 HOH 24  324 217 HOH HOH A . 
J 6 HOH 25  325 234 HOH HOH A . 
J 6 HOH 26  326 205 HOH HOH A . 
J 6 HOH 27  327 183 HOH HOH A . 
J 6 HOH 28  328 57  HOH HOH A . 
J 6 HOH 29  329 68  HOH HOH A . 
J 6 HOH 30  330 193 HOH HOH A . 
J 6 HOH 31  331 150 HOH HOH A . 
J 6 HOH 32  332 229 HOH HOH A . 
J 6 HOH 33  333 104 HOH HOH A . 
J 6 HOH 34  334 4   HOH HOH A . 
J 6 HOH 35  335 30  HOH HOH A . 
J 6 HOH 36  336 137 HOH HOH A . 
J 6 HOH 37  337 16  HOH HOH A . 
J 6 HOH 38  338 220 HOH HOH A . 
J 6 HOH 39  339 215 HOH HOH A . 
J 6 HOH 40  340 24  HOH HOH A . 
J 6 HOH 41  341 59  HOH HOH A . 
J 6 HOH 42  342 2   HOH HOH A . 
J 6 HOH 43  343 28  HOH HOH A . 
J 6 HOH 44  344 37  HOH HOH A . 
J 6 HOH 45  345 81  HOH HOH A . 
J 6 HOH 46  346 46  HOH HOH A . 
J 6 HOH 47  347 248 HOH HOH A . 
J 6 HOH 48  348 29  HOH HOH A . 
J 6 HOH 49  349 191 HOH HOH A . 
J 6 HOH 50  350 249 HOH HOH A . 
J 6 HOH 51  351 250 HOH HOH A . 
J 6 HOH 52  352 192 HOH HOH A . 
J 6 HOH 53  353 167 HOH HOH A . 
J 6 HOH 54  354 101 HOH HOH A . 
J 6 HOH 55  355 35  HOH HOH A . 
J 6 HOH 56  356 161 HOH HOH A . 
J 6 HOH 57  357 25  HOH HOH A . 
J 6 HOH 58  358 17  HOH HOH A . 
J 6 HOH 59  359 245 HOH HOH A . 
J 6 HOH 60  360 112 HOH HOH A . 
J 6 HOH 61  361 174 HOH HOH A . 
J 6 HOH 62  362 211 HOH HOH A . 
J 6 HOH 63  363 181 HOH HOH A . 
J 6 HOH 64  364 120 HOH HOH A . 
J 6 HOH 65  365 42  HOH HOH A . 
J 6 HOH 66  366 116 HOH HOH A . 
J 6 HOH 67  367 97  HOH HOH A . 
J 6 HOH 68  368 180 HOH HOH A . 
J 6 HOH 69  369 67  HOH HOH A . 
J 6 HOH 70  370 195 HOH HOH A . 
J 6 HOH 71  371 177 HOH HOH A . 
J 6 HOH 72  372 100 HOH HOH A . 
J 6 HOH 73  373 9   HOH HOH A . 
J 6 HOH 74  374 90  HOH HOH A . 
J 6 HOH 75  375 78  HOH HOH A . 
J 6 HOH 76  376 13  HOH HOH A . 
J 6 HOH 77  377 71  HOH HOH A . 
J 6 HOH 78  378 50  HOH HOH A . 
J 6 HOH 79  379 58  HOH HOH A . 
J 6 HOH 80  380 88  HOH HOH A . 
J 6 HOH 81  381 84  HOH HOH A . 
J 6 HOH 82  382 178 HOH HOH A . 
J 6 HOH 83  383 38  HOH HOH A . 
J 6 HOH 84  384 141 HOH HOH A . 
J 6 HOH 85  385 33  HOH HOH A . 
J 6 HOH 86  386 212 HOH HOH A . 
J 6 HOH 87  387 148 HOH HOH A . 
J 6 HOH 88  388 107 HOH HOH A . 
J 6 HOH 89  389 179 HOH HOH A . 
J 6 HOH 90  390 12  HOH HOH A . 
J 6 HOH 91  391 49  HOH HOH A . 
J 6 HOH 92  392 168 HOH HOH A . 
J 6 HOH 93  393 15  HOH HOH A . 
J 6 HOH 94  394 45  HOH HOH A . 
J 6 HOH 95  395 19  HOH HOH A . 
J 6 HOH 96  396 53  HOH HOH A . 
J 6 HOH 97  397 20  HOH HOH A . 
J 6 HOH 98  398 21  HOH HOH A . 
J 6 HOH 99  399 132 HOH HOH A . 
J 6 HOH 100 400 27  HOH HOH A . 
J 6 HOH 101 401 106 HOH HOH A . 
J 6 HOH 102 402 126 HOH HOH A . 
J 6 HOH 103 403 14  HOH HOH A . 
J 6 HOH 104 404 31  HOH HOH A . 
J 6 HOH 105 405 18  HOH HOH A . 
J 6 HOH 106 406 52  HOH HOH A . 
J 6 HOH 107 407 95  HOH HOH A . 
J 6 HOH 108 408 176 HOH HOH A . 
J 6 HOH 109 409 62  HOH HOH A . 
J 6 HOH 110 410 43  HOH HOH A . 
J 6 HOH 111 411 246 HOH HOH A . 
J 6 HOH 112 412 173 HOH HOH A . 
J 6 HOH 113 413 41  HOH HOH A . 
J 6 HOH 114 414 111 HOH HOH A . 
J 6 HOH 115 415 54  HOH HOH A . 
J 6 HOH 116 416 198 HOH HOH A . 
J 6 HOH 117 417 119 HOH HOH A . 
J 6 HOH 118 418 91  HOH HOH A . 
J 6 HOH 119 419 146 HOH HOH A . 
J 6 HOH 120 420 26  HOH HOH A . 
J 6 HOH 121 421 55  HOH HOH A . 
J 6 HOH 122 422 118 HOH HOH A . 
J 6 HOH 123 423 89  HOH HOH A . 
J 6 HOH 124 424 76  HOH HOH A . 
J 6 HOH 125 425 147 HOH HOH A . 
J 6 HOH 126 426 51  HOH HOH A . 
J 6 HOH 127 427 79  HOH HOH A . 
J 6 HOH 128 428 61  HOH HOH A . 
J 6 HOH 129 429 5   HOH HOH A . 
J 6 HOH 130 430 155 HOH HOH A . 
J 6 HOH 131 431 63  HOH HOH A . 
J 6 HOH 132 432 11  HOH HOH A . 
J 6 HOH 133 433 124 HOH HOH A . 
J 6 HOH 134 434 66  HOH HOH A . 
J 6 HOH 135 435 197 HOH HOH A . 
J 6 HOH 136 436 113 HOH HOH A . 
J 6 HOH 137 437 65  HOH HOH A . 
J 6 HOH 138 438 72  HOH HOH A . 
J 6 HOH 139 439 123 HOH HOH A . 
J 6 HOH 140 440 80  HOH HOH A . 
J 6 HOH 141 441 105 HOH HOH A . 
J 6 HOH 142 442 85  HOH HOH A . 
J 6 HOH 143 443 82  HOH HOH A . 
J 6 HOH 144 444 110 HOH HOH A . 
J 6 HOH 145 445 224 HOH HOH A . 
J 6 HOH 146 446 138 HOH HOH A . 
J 6 HOH 147 447 48  HOH HOH A . 
J 6 HOH 148 448 47  HOH HOH A . 
J 6 HOH 149 449 169 HOH HOH A . 
J 6 HOH 150 450 93  HOH HOH A . 
J 6 HOH 151 451 210 HOH HOH A . 
J 6 HOH 152 452 144 HOH HOH A . 
J 6 HOH 153 453 23  HOH HOH A . 
J 6 HOH 154 454 69  HOH HOH A . 
J 6 HOH 155 455 121 HOH HOH A . 
J 6 HOH 156 456 6   HOH HOH A . 
J 6 HOH 157 457 136 HOH HOH A . 
J 6 HOH 158 458 213 HOH HOH A . 
J 6 HOH 159 459 158 HOH HOH A . 
J 6 HOH 160 460 64  HOH HOH A . 
J 6 HOH 161 461 22  HOH HOH A . 
J 6 HOH 162 462 156 HOH HOH A . 
J 6 HOH 163 463 232 HOH HOH A . 
J 6 HOH 164 464 157 HOH HOH A . 
J 6 HOH 165 465 159 HOH HOH A . 
J 6 HOH 166 466 96  HOH HOH A . 
J 6 HOH 167 467 170 HOH HOH A . 
J 6 HOH 168 468 203 HOH HOH A . 
J 6 HOH 169 469 226 HOH HOH A . 
J 6 HOH 170 470 247 HOH HOH A . 
J 6 HOH 171 471 74  HOH HOH A . 
J 6 HOH 172 472 172 HOH HOH A . 
J 6 HOH 173 473 204 HOH HOH A . 
J 6 HOH 174 474 10  HOH HOH A . 
J 6 HOH 175 475 237 HOH HOH A . 
J 6 HOH 176 476 230 HOH HOH A . 
J 6 HOH 177 477 131 HOH HOH A . 
J 6 HOH 178 478 201 HOH HOH A . 
J 6 HOH 179 479 75  HOH HOH A . 
J 6 HOH 180 480 163 HOH HOH A . 
J 6 HOH 181 481 135 HOH HOH A . 
J 6 HOH 182 482 102 HOH HOH A . 
J 6 HOH 183 483 200 HOH HOH A . 
J 6 HOH 184 484 86  HOH HOH A . 
J 6 HOH 185 485 171 HOH HOH A . 
J 6 HOH 186 486 98  HOH HOH A . 
J 6 HOH 187 487 240 HOH HOH A . 
J 6 HOH 188 488 117 HOH HOH A . 
J 6 HOH 189 489 228 HOH HOH A . 
J 6 HOH 190 490 134 HOH HOH A . 
J 6 HOH 191 491 233 HOH HOH A . 
J 6 HOH 192 492 151 HOH HOH A . 
J 6 HOH 193 493 218 HOH HOH A . 
J 6 HOH 194 494 239 HOH HOH A . 
J 6 HOH 195 495 185 HOH HOH A . 
J 6 HOH 196 496 175 HOH HOH A . 
J 6 HOH 197 497 87  HOH HOH A . 
J 6 HOH 198 498 99  HOH HOH A . 
J 6 HOH 199 499 154 HOH HOH A . 
J 6 HOH 200 500 189 HOH HOH A . 
J 6 HOH 201 501 122 HOH HOH A . 
J 6 HOH 202 502 32  HOH HOH A . 
J 6 HOH 203 503 231 HOH HOH A . 
J 6 HOH 204 504 221 HOH HOH A . 
J 6 HOH 205 505 162 HOH HOH A . 
J 6 HOH 206 506 225 HOH HOH A . 
J 6 HOH 207 507 207 HOH HOH A . 
J 6 HOH 208 508 190 HOH HOH A . 
J 6 HOH 209 509 127 HOH HOH A . 
J 6 HOH 210 510 140 HOH HOH A . 
J 6 HOH 211 511 83  HOH HOH A . 
J 6 HOH 212 512 223 HOH HOH A . 
J 6 HOH 213 513 73  HOH HOH A . 
J 6 HOH 214 514 202 HOH HOH A . 
J 6 HOH 215 515 129 HOH HOH A . 
J 6 HOH 216 516 236 HOH HOH A . 
J 6 HOH 217 517 209 HOH HOH A . 
J 6 HOH 218 518 153 HOH HOH A . 
J 6 HOH 219 519 165 HOH HOH A . 
J 6 HOH 220 520 243 HOH HOH A . 
J 6 HOH 221 521 208 HOH HOH A . 
J 6 HOH 222 522 114 HOH HOH A . 
J 6 HOH 223 523 241 HOH HOH A . 
J 6 HOH 224 524 199 HOH HOH A . 
J 6 HOH 225 525 142 HOH HOH A . 
J 6 HOH 226 526 56  HOH HOH A . 
J 6 HOH 227 527 206 HOH HOH A . 
J 6 HOH 228 528 125 HOH HOH A . 
J 6 HOH 229 529 160 HOH HOH A . 
J 6 HOH 230 530 235 HOH HOH A . 
J 6 HOH 231 531 92  HOH HOH A . 
J 6 HOH 232 532 222 HOH HOH A . 
J 6 HOH 233 533 187 HOH HOH A . 
J 6 HOH 234 534 164 HOH HOH A . 
J 6 HOH 235 535 242 HOH HOH A . 
J 6 HOH 236 536 244 HOH HOH A . 
# 
loop_
_software.classification 
_software.name 
_software.version 
_software.citation_id 
_software.pdbx_ordinal 
refinement       REFMAC  5.8.0267 ? 1 
refinement       REFMAC5 .        ? 2 
'data scaling'   Aimless .        ? 3 
phasing          PHASER  .        ? 4 
'data reduction' XDS     .        ? 5 
# 
_cell.entry_id           7H4A 
_cell.length_a           86.150 
_cell.length_b           56.360 
_cell.length_c           32.290 
_cell.angle_alpha        90.00 
_cell.angle_beta         94.57 
_cell.angle_gamma        90.00 
_cell.Z_PDB              4 
_cell.pdbx_unique_axis   ? 
# 
_symmetry.entry_id                         7H4A 
_symmetry.space_group_name_H-M             'C 1 2 1' 
_symmetry.pdbx_full_space_group_name_H-M   ? 
_symmetry.cell_setting                     ? 
_symmetry.Int_Tables_number                5 
# 
_exptl.entry_id          7H4A 
_exptl.method            'X-RAY DIFFRACTION' 
_exptl.crystals_number   1 
# 
_exptl_crystal.id                    1 
_exptl_crystal.density_meas          ? 
_exptl_crystal.density_Matthews      2.37 
_exptl_crystal.density_percent_sol   48.08 
_exptl_crystal.description           ? 
# 
_exptl_crystal_grow.crystal_id      1 
_exptl_crystal_grow.method          'VAPOR DIFFUSION, SITTING DROP' 
_exptl_crystal_grow.pH              6.05 
_exptl_crystal_grow.temp            293.15 
_exptl_crystal_grow.pdbx_details    '0.1 M MES, pH 6.05, 16 % PEG 20,000' 
_exptl_crystal_grow.temp_details    ? 
_exptl_crystal_grow.pdbx_pH_range   ? 
# 
_diffrn.id                     1 
_diffrn.ambient_temp           100 
_diffrn.crystal_id             1 
_diffrn.ambient_temp_details   ? 
# 
_diffrn_detector.detector               PIXEL 
_diffrn_detector.type                   'DECTRIS EIGER2 XE 16M' 
_diffrn_detector.pdbx_collection_date   2023-10-11 
_diffrn_detector.diffrn_id              1 
_diffrn_detector.details                ? 
# 
_diffrn_radiation.diffrn_id                        1 
_diffrn_radiation.wavelength_id                    1 
_diffrn_radiation.pdbx_diffrn_protocol             'SINGLE WAVELENGTH' 
_diffrn_radiation.pdbx_monochromatic_or_laue_m_l   ? 
_diffrn_radiation.monochromator                    ? 
_diffrn_radiation.pdbx_scattering_type             x-ray 
# 
_diffrn_radiation_wavelength.id           1 
_diffrn_radiation_wavelength.wavelength   0.94055 
_diffrn_radiation_wavelength.wt           1.0 
# 
_diffrn_source.diffrn_id                   1 
_diffrn_source.source                      SYNCHROTRON 
_diffrn_source.type                        'DIAMOND BEAMLINE I03' 
_diffrn_source.pdbx_wavelength_list        0.94055 
_diffrn_source.pdbx_synchrotron_site       Diamond 
_diffrn_source.pdbx_synchrotron_beamline   I03 
_diffrn_source.pdbx_wavelength             ? 
# 
_reflns.entry_id                     7H4A 
_reflns.pdbx_diffrn_id               1 
_reflns.pdbx_ordinal                 1 
_reflns.d_resolution_low             42.94 
_reflns.d_resolution_high            1.43 
_reflns.number_obs                   28121 
_reflns.percent_possible_obs         98.7 
_reflns.pdbx_Rmerge_I_obs            0.109 
_reflns.pdbx_netI_over_sigmaI        8.4 
_reflns.pdbx_redundancy              6.6 
_reflns.pdbx_Rrim_I_all              0.118 
_reflns.pdbx_Rpim_I_all              0.046 
_reflns.pdbx_CC_half                 0.998 
_reflns.pdbx_number_measured_all     186917 
_reflns.pdbx_chi_squared             0.97 
_reflns.observed_criterion_sigma_I   ? 
_reflns.observed_criterion_sigma_F   ? 
_reflns.number_all                   ? 
_reflns.pdbx_Rsym_value              ? 
_reflns.B_iso_Wilson_estimate        ? 
# 
_reflns_shell.pdbx_diffrn_id              1 
_reflns_shell.pdbx_ordinal                1 
_reflns_shell.d_res_high                  1.43 
_reflns_shell.d_res_low                   1.47 
_reflns_shell.number_measured_all         14191 
_reflns_shell.number_unique_obs           2066 
_reflns_shell.Rmerge_I_obs                5.584 
_reflns_shell.pdbx_chi_squared            1.01 
_reflns_shell.pdbx_redundancy             6.9 
_reflns_shell.percent_possible_obs        98.2 
_reflns_shell.pdbx_netI_over_sigmaI_obs   0.4 
_reflns_shell.pdbx_Rrim_I_all             6.058 
_reflns_shell.pdbx_Rpim_I_all             2.315 
_reflns_shell.pdbx_CC_half                0.466 
_reflns_shell.percent_possible_all        ? 
_reflns_shell.pdbx_Rsym_value             ? 
_reflns_shell.meanI_over_sigI_obs         ? 
# 
_refine.pdbx_refine_id                           'X-RAY DIFFRACTION' 
_refine.entry_id                                 7H4A 
_refine.pdbx_diffrn_id                           1 
_refine.pdbx_TLS_residual_ADP_flag               ? 
_refine.ls_number_reflns_obs                     25399 
_refine.ls_number_reflns_all                     ? 
_refine.pdbx_ls_sigma_I                          ? 
_refine.pdbx_ls_sigma_F                          ? 
_refine.pdbx_data_cutoff_high_absF               ? 
_refine.pdbx_data_cutoff_low_absF                ? 
_refine.pdbx_data_cutoff_high_rms_absF           ? 
_refine.ls_d_res_low                             42.97 
_refine.ls_d_res_high                            1.43 
_refine.ls_percent_reflns_obs                    93.87 
_refine.ls_R_factor_obs                          0.26413 
_refine.ls_R_factor_all                          ? 
_refine.ls_R_factor_R_work                       0.26281 
_refine.ls_R_factor_R_free                       0.28846 
_refine.ls_R_factor_R_free_error                 ? 
_refine.ls_R_factor_R_free_error_details         ? 
_refine.ls_percent_reflns_R_free                 5.1 
_refine.ls_number_reflns_R_free                  1371 
_refine.ls_number_parameters                     ? 
_refine.ls_number_restraints                     ? 
_refine.occupancy_min                            ? 
_refine.occupancy_max                            ? 
_refine.correlation_coeff_Fo_to_Fc               0.942 
_refine.correlation_coeff_Fo_to_Fc_free          0.936 
_refine.B_iso_mean                               29.795 
_refine.aniso_B[1][1]                            1.12 
_refine.aniso_B[2][2]                            0.01 
_refine.aniso_B[3][3]                            -1.25 
_refine.aniso_B[1][2]                            -0.00 
_refine.aniso_B[1][3]                            0.85 
_refine.aniso_B[2][3]                            -0.00 
_refine.solvent_model_details                    MASK 
_refine.solvent_model_param_ksol                 ? 
_refine.solvent_model_param_bsol                 ? 
_refine.pdbx_solvent_vdw_probe_radii             1.20 
_refine.pdbx_solvent_ion_probe_radii             0.80 
_refine.pdbx_solvent_shrinkage_radii             0.80 
_refine.pdbx_ls_cross_valid_method               THROUGHOUT 
_refine.details                                  'HYDROGENS HAVE BEEN ADDED IN THE RIDING POSITIONS' 
_refine.pdbx_starting_model                      ? 
_refine.pdbx_method_to_determine_struct          'MOLECULAR REPLACEMENT' 
_refine.pdbx_isotropic_thermal_model             ? 
_refine.pdbx_stereochemistry_target_values       'MAXIMUM LIKELIHOOD' 
_refine.pdbx_stereochem_target_val_spec_case     ? 
_refine.pdbx_R_Free_selection_details            RANDOM 
_refine.pdbx_overall_ESU_R                       0.110 
_refine.pdbx_overall_ESU_R_Free                  0.105 
_refine.overall_SU_ML                            ? 
_refine.pdbx_overall_phase_error                 ? 
_refine.overall_SU_B                             ? 
_refine.overall_SU_R_Cruickshank_DPI             ? 
_refine.pdbx_overall_SU_R_free_Cruickshank_DPI   ? 
_refine.pdbx_overall_SU_R_Blow_DPI               ? 
_refine.pdbx_overall_SU_R_free_Blow_DPI          ? 
# 
_refine_hist.pdbx_refine_id                   'X-RAY DIFFRACTION' 
_refine_hist.cycle_id                         1 
_refine_hist.pdbx_number_atoms_protein        1083 
_refine_hist.pdbx_number_atoms_nucleic_acid   0 
_refine_hist.pdbx_number_atoms_ligand         38 
_refine_hist.number_atoms_solvent             236 
_refine_hist.number_atoms_total               1357 
_refine_hist.d_res_high                       1.43 
_refine_hist.d_res_low                        42.97 
# 
loop_
_refine_ls_restr.type 
_refine_ls_restr.dev_ideal 
_refine_ls_restr.dev_ideal_target 
_refine_ls_restr.weight 
_refine_ls_restr.number 
_refine_ls_restr.pdbx_refine_id 
_refine_ls_restr.pdbx_restraint_function 
r_bond_refined_d             0.015  0.014  ? 1473 'X-RAY DIFFRACTION' ? 
r_bond_other_d               0.036  0.014  ? 1169 'X-RAY DIFFRACTION' ? 
r_angle_refined_deg          1.681  1.611  ? 1812 'X-RAY DIFFRACTION' ? 
r_angle_other_deg            2.435  1.600  ? 2688 'X-RAY DIFFRACTION' ? 
r_dihedral_angle_1_deg       6.899  5.000  ? 172  'X-RAY DIFFRACTION' ? 
r_dihedral_angle_2_deg       33.284 21.324 ? 68   'X-RAY DIFFRACTION' ? 
r_dihedral_angle_3_deg       11.936 15.000 ? 196  'X-RAY DIFFRACTION' ? 
r_dihedral_angle_4_deg       21.098 15.000 ? 9    'X-RAY DIFFRACTION' ? 
r_chiral_restr               0.078  0.200  ? 160  'X-RAY DIFFRACTION' ? 
r_gen_planes_refined         0.012  0.020  ? 1642 'X-RAY DIFFRACTION' ? 
r_gen_planes_other           0.018  0.020  ? 326  'X-RAY DIFFRACTION' ? 
r_nbd_refined                ?      ?      ? ?    'X-RAY DIFFRACTION' ? 
r_nbd_other                  ?      ?      ? ?    'X-RAY DIFFRACTION' ? 
r_nbtor_refined              ?      ?      ? ?    'X-RAY DIFFRACTION' ? 
r_nbtor_other                ?      ?      ? ?    'X-RAY DIFFRACTION' ? 
r_xyhbond_nbd_refined        ?      ?      ? ?    'X-RAY DIFFRACTION' ? 
r_xyhbond_nbd_other          ?      ?      ? ?    'X-RAY DIFFRACTION' ? 
r_metal_ion_refined          ?      ?      ? ?    'X-RAY DIFFRACTION' ? 
r_metal_ion_other            ?      ?      ? ?    'X-RAY DIFFRACTION' ? 
r_symmetry_vdw_refined       ?      ?      ? ?    'X-RAY DIFFRACTION' ? 
r_symmetry_vdw_other         ?      ?      ? ?    'X-RAY DIFFRACTION' ? 
r_symmetry_hbond_refined     ?      ?      ? ?    'X-RAY DIFFRACTION' ? 
r_symmetry_hbond_other       ?      ?      ? ?    'X-RAY DIFFRACTION' ? 
r_symmetry_metal_ion_refined ?      ?      ? ?    'X-RAY DIFFRACTION' ? 
r_symmetry_metal_ion_other   ?      ?      ? ?    'X-RAY DIFFRACTION' ? 
r_mcbond_it                  2.470  2.841  ? 734  'X-RAY DIFFRACTION' ? 
r_mcbond_other               2.471  2.840  ? 733  'X-RAY DIFFRACTION' ? 
r_mcangle_it                 3.789  4.286  ? 838  'X-RAY DIFFRACTION' ? 
r_mcangle_other              3.787  4.285  ? 839  'X-RAY DIFFRACTION' ? 
r_scbond_it                  2.474  3.104  ? 736  'X-RAY DIFFRACTION' ? 
r_scbond_other               2.474  3.107  ? 736  'X-RAY DIFFRACTION' ? 
r_scangle_it                 ?      ?      ? ?    'X-RAY DIFFRACTION' ? 
r_scangle_other              3.723  4.631  ? 969  'X-RAY DIFFRACTION' ? 
r_long_range_B_refined       9.173  38.650 ? 1654 'X-RAY DIFFRACTION' ? 
r_long_range_B_other         9.170  38.694 ? 1655 'X-RAY DIFFRACTION' ? 
r_rigid_bond_restr           ?      ?      ? ?    'X-RAY DIFFRACTION' ? 
r_sphericity_free            ?      ?      ? ?    'X-RAY DIFFRACTION' ? 
r_sphericity_bonded          ?      ?      ? ?    'X-RAY DIFFRACTION' ? 
# 
_refine_ls_shell.pdbx_refine_id                   'X-RAY DIFFRACTION' 
_refine_ls_shell.pdbx_total_number_of_bins_used   20 
_refine_ls_shell.d_res_high                       1.430 
_refine_ls_shell.d_res_low                        1.467 
_refine_ls_shell.number_reflns_R_work             1283 
_refine_ls_shell.R_factor_R_work                  0.746 
_refine_ls_shell.percent_reflns_obs               64.41 
_refine_ls_shell.R_factor_R_free                  0.695 
_refine_ls_shell.R_factor_R_free_error            ? 
_refine_ls_shell.percent_reflns_R_free            ? 
_refine_ls_shell.number_reflns_R_free             71 
_refine_ls_shell.number_reflns_all                ? 
_refine_ls_shell.R_factor_all                     ? 
# 
_struct.entry_id                  7H4A 
_struct.title                     
;Group deposition for crystallographic fragment screening of Coxsackievirus A16 (G-10) 2A protease -- Crystal structure of Coxsackievirus A16 (G-10) 2A protease in complex with Z285782452 (A71EV2A-x0691)
;
_struct.pdbx_model_details        ? 
_struct.pdbx_CASP_flag            ? 
_struct.pdbx_model_type_details   ? 
# 
_struct_keywords.entry_id        7H4A 
_struct_keywords.pdbx_keywords   HYDROLASE 
_struct_keywords.text            
;Diamond Light Source, I03, ASAP, Coxsackievirus A16, crystallographic fragment screening, PanDDA, Pandda2, XChemExplorer, viral protein, HYDROLASE
;
# 
loop_
_struct_asym.id 
_struct_asym.pdbx_blank_PDB_chainid_flag 
_struct_asym.pdbx_modified 
_struct_asym.entity_id 
_struct_asym.details 
A N N 1 ? 
B N N 2 ? 
C N N 3 ? 
D N N 4 ? 
E N N 4 ? 
F N N 4 ? 
G N N 4 ? 
H N N 4 ? 
I N N 5 ? 
J N N 6 ? 
# 
_struct_ref.id                         1 
_struct_ref.db_name                    UNP 
_struct_ref.db_code                    POLG_CX16G 
_struct_ref.pdbx_db_accession          Q65900 
_struct_ref.pdbx_db_isoform            ? 
_struct_ref.entity_id                  1 
_struct_ref.pdbx_seq_one_letter_code   
;SGAIYVGNYRVVNRHLATHNDWANLVWEDSSRDLLVSSTTAQGCDTIARCDCQTGVYYCSSRRKHYPVSFSKPSLIFVEA
SEYYPARYQSHLMLAVGHSEPGDCGGILRCQHGVVGIVSTGGNGLVGFADVRDLLWLDEEAMEQ
;
_struct_ref.pdbx_align_begin           869 
# 
_struct_ref_seq.align_id                      1 
_struct_ref_seq.ref_id                        1 
_struct_ref_seq.pdbx_PDB_id_code              7H4A 
_struct_ref_seq.pdbx_strand_id                A 
_struct_ref_seq.seq_align_beg                 7 
_struct_ref_seq.pdbx_seq_align_beg_ins_code   ? 
_struct_ref_seq.seq_align_end                 150 
_struct_ref_seq.pdbx_seq_align_end_ins_code   ? 
_struct_ref_seq.pdbx_db_accession             Q65900 
_struct_ref_seq.db_align_beg                  869 
_struct_ref_seq.pdbx_db_align_beg_ins_code    ? 
_struct_ref_seq.db_align_end                  1012 
_struct_ref_seq.pdbx_db_align_end_ins_code    ? 
_struct_ref_seq.pdbx_auth_seq_align_beg       7 
_struct_ref_seq.pdbx_auth_seq_align_end       150 
# 
loop_
_struct_ref_seq_dif.align_id 
_struct_ref_seq_dif.pdbx_pdb_id_code 
_struct_ref_seq_dif.mon_id 
_struct_ref_seq_dif.pdbx_pdb_strand_id 
_struct_ref_seq_dif.seq_num 
_struct_ref_seq_dif.pdbx_pdb_ins_code 
_struct_ref_seq_dif.pdbx_seq_db_name 
_struct_ref_seq_dif.pdbx_seq_db_accession_code 
_struct_ref_seq_dif.db_mon_id 
_struct_ref_seq_dif.pdbx_seq_db_seq_num 
_struct_ref_seq_dif.details 
_struct_ref_seq_dif.pdbx_auth_seq_num 
_struct_ref_seq_dif.pdbx_ordinal 
1 7H4A GLN A 1 ? UNP Q65900 ? ? 'expression tag' 1 1 
1 7H4A GLU A 2 ? UNP Q65900 ? ? 'expression tag' 2 2 
1 7H4A GLN A 3 ? UNP Q65900 ? ? 'expression tag' 3 3 
1 7H4A THR A 4 ? UNP Q65900 ? ? 'expression tag' 4 4 
1 7H4A GLY A 5 ? UNP Q65900 ? ? 'expression tag' 5 5 
1 7H4A GLY A 6 ? UNP Q65900 ? ? 'expression tag' 6 6 
# 
_pdbx_struct_assembly.id                   1 
_pdbx_struct_assembly.details              author_and_software_defined_assembly 
_pdbx_struct_assembly.method_details       PISA 
_pdbx_struct_assembly.oligomeric_details   monomeric 
_pdbx_struct_assembly.oligomeric_count     1 
# 
loop_
_pdbx_struct_assembly_prop.biol_id 
_pdbx_struct_assembly_prop.type 
_pdbx_struct_assembly_prop.value 
_pdbx_struct_assembly_prop.details 
1 'ABSA (A^2)' 820  ? 
1 MORE         -4   ? 
1 'SSA (A^2)'  7490 ? 
# 
_pdbx_struct_assembly_gen.assembly_id       1 
_pdbx_struct_assembly_gen.oper_expression   1 
_pdbx_struct_assembly_gen.asym_id_list      A,B,C,D,E,F,G,H,I,J 
# 
_pdbx_struct_oper_list.id                   1 
_pdbx_struct_oper_list.type                 'identity operation' 
_pdbx_struct_oper_list.name                 1_555 
_pdbx_struct_oper_list.symmetry_operation   x,y,z 
_pdbx_struct_oper_list.matrix[1][1]         1.0000000000 
_pdbx_struct_oper_list.matrix[1][2]         0.0000000000 
_pdbx_struct_oper_list.matrix[1][3]         0.0000000000 
_pdbx_struct_oper_list.vector[1]            0.0000000000 
_pdbx_struct_oper_list.matrix[2][1]         0.0000000000 
_pdbx_struct_oper_list.matrix[2][2]         1.0000000000 
_pdbx_struct_oper_list.matrix[2][3]         0.0000000000 
_pdbx_struct_oper_list.vector[2]            0.0000000000 
_pdbx_struct_oper_list.matrix[3][1]         0.0000000000 
_pdbx_struct_oper_list.matrix[3][2]         0.0000000000 
_pdbx_struct_oper_list.matrix[3][3]         1.0000000000 
_pdbx_struct_oper_list.vector[3]            0.0000000000 
# 
loop_
_struct_conf.conf_type_id 
_struct_conf.id 
_struct_conf.pdbx_PDB_helix_id 
_struct_conf.beg_label_comp_id 
_struct_conf.beg_label_asym_id 
_struct_conf.beg_label_seq_id 
_struct_conf.pdbx_beg_PDB_ins_code 
_struct_conf.end_label_comp_id 
_struct_conf.end_label_asym_id 
_struct_conf.end_label_seq_id 
_struct_conf.pdbx_end_PDB_ins_code 
_struct_conf.beg_auth_comp_id 
_struct_conf.beg_auth_asym_id 
_struct_conf.beg_auth_seq_id 
_struct_conf.end_auth_comp_id 
_struct_conf.end_auth_asym_id 
_struct_conf.end_auth_seq_id 
_struct_conf.pdbx_PDB_helix_class 
_struct_conf.details 
_struct_conf.pdbx_PDB_helix_length 
HELX_P HELX_P1 AA1 HIS A 21  ? ALA A 23  ? HIS A 21  ALA A 23  5 ? 3 
HELX_P HELX_P2 AA2 THR A 24  ? ASN A 30  ? THR A 24  ASN A 30  1 ? 7 
HELX_P HELX_P3 AA3 GLU A 106 ? CYS A 110 ? GLU A 106 CYS A 110 5 ? 5 
HELX_P HELX_P4 AA4 LEU A 140 ? GLU A 145 ? LEU A 140 GLU A 145 5 ? 6 
# 
_struct_conf_type.id          HELX_P 
_struct_conf_type.criteria    ? 
_struct_conf_type.reference   ? 
# 
loop_
_struct_conn.id 
_struct_conn.conn_type_id 
_struct_conn.pdbx_leaving_atom_flag 
_struct_conn.pdbx_PDB_id 
_struct_conn.ptnr1_label_asym_id 
_struct_conn.ptnr1_label_comp_id 
_struct_conn.ptnr1_label_seq_id 
_struct_conn.ptnr1_label_atom_id 
_struct_conn.pdbx_ptnr1_label_alt_id 
_struct_conn.pdbx_ptnr1_PDB_ins_code 
_struct_conn.pdbx_ptnr1_standard_comp_id 
_struct_conn.ptnr1_symmetry 
_struct_conn.ptnr2_label_asym_id 
_struct_conn.ptnr2_label_comp_id 
_struct_conn.ptnr2_label_seq_id 
_struct_conn.ptnr2_label_atom_id 
_struct_conn.pdbx_ptnr2_label_alt_id 
_struct_conn.pdbx_ptnr2_PDB_ins_code 
_struct_conn.ptnr1_auth_asym_id 
_struct_conn.ptnr1_auth_comp_id 
_struct_conn.ptnr1_auth_seq_id 
_struct_conn.ptnr2_auth_asym_id 
_struct_conn.ptnr2_auth_comp_id 
_struct_conn.ptnr2_auth_seq_id 
_struct_conn.ptnr2_symmetry 
_struct_conn.pdbx_ptnr3_label_atom_id 
_struct_conn.pdbx_ptnr3_label_seq_id 
_struct_conn.pdbx_ptnr3_label_comp_id 
_struct_conn.pdbx_ptnr3_label_asym_id 
_struct_conn.pdbx_ptnr3_label_alt_id 
_struct_conn.pdbx_ptnr3_PDB_ins_code 
_struct_conn.details 
_struct_conn.pdbx_dist_value 
_struct_conn.pdbx_value_order 
_struct_conn.pdbx_role 
metalc1 metalc ? ? A CYS 56  SG  ? ? ? 1_555 C ZN . ZN ? ? A CYS 56  A ZN 202 1_555 ? ? ? ? ? ? ? 2.373 ? ? 
metalc2 metalc ? ? A CYS 58  SG  ? ? ? 1_555 C ZN . ZN ? ? A CYS 58  A ZN 202 1_555 ? ? ? ? ? ? ? 2.237 ? ? 
metalc3 metalc ? ? A CYS 116 SG  ? ? ? 1_555 C ZN . ZN ? ? A CYS 116 A ZN 202 1_555 ? ? ? ? ? ? ? 2.270 ? ? 
metalc4 metalc ? ? A HIS 118 ND1 ? ? ? 1_555 C ZN . ZN ? ? A HIS 118 A ZN 202 1_555 ? ? ? ? ? ? ? 2.096 ? ? 
# 
_struct_conn_type.id          metalc 
_struct_conn_type.criteria    ? 
_struct_conn_type.reference   ? 
# 
loop_
_pdbx_struct_conn_angle.id 
_pdbx_struct_conn_angle.ptnr1_label_atom_id 
_pdbx_struct_conn_angle.ptnr1_label_alt_id 
_pdbx_struct_conn_angle.ptnr1_label_asym_id 
_pdbx_struct_conn_angle.ptnr1_label_comp_id 
_pdbx_struct_conn_angle.ptnr1_label_seq_id 
_pdbx_struct_conn_angle.ptnr1_auth_atom_id 
_pdbx_struct_conn_angle.ptnr1_auth_asym_id 
_pdbx_struct_conn_angle.ptnr1_auth_comp_id 
_pdbx_struct_conn_angle.ptnr1_auth_seq_id 
_pdbx_struct_conn_angle.ptnr1_PDB_ins_code 
_pdbx_struct_conn_angle.ptnr1_symmetry 
_pdbx_struct_conn_angle.ptnr2_label_atom_id 
_pdbx_struct_conn_angle.ptnr2_label_alt_id 
_pdbx_struct_conn_angle.ptnr2_label_asym_id 
_pdbx_struct_conn_angle.ptnr2_label_comp_id 
_pdbx_struct_conn_angle.ptnr2_label_seq_id 
_pdbx_struct_conn_angle.ptnr2_auth_atom_id 
_pdbx_struct_conn_angle.ptnr2_auth_asym_id 
_pdbx_struct_conn_angle.ptnr2_auth_comp_id 
_pdbx_struct_conn_angle.ptnr2_auth_seq_id 
_pdbx_struct_conn_angle.ptnr2_PDB_ins_code 
_pdbx_struct_conn_angle.ptnr2_symmetry 
_pdbx_struct_conn_angle.ptnr3_label_atom_id 
_pdbx_struct_conn_angle.ptnr3_label_alt_id 
_pdbx_struct_conn_angle.ptnr3_label_asym_id 
_pdbx_struct_conn_angle.ptnr3_label_comp_id 
_pdbx_struct_conn_angle.ptnr3_label_seq_id 
_pdbx_struct_conn_angle.ptnr3_auth_atom_id 
_pdbx_struct_conn_angle.ptnr3_auth_asym_id 
_pdbx_struct_conn_angle.ptnr3_auth_comp_id 
_pdbx_struct_conn_angle.ptnr3_auth_seq_id 
_pdbx_struct_conn_angle.ptnr3_PDB_ins_code 
_pdbx_struct_conn_angle.ptnr3_symmetry 
_pdbx_struct_conn_angle.value 
_pdbx_struct_conn_angle.value_esd 
1 SG ? A CYS 56  ? A CYS 56  ? 1_555 ZN ? C ZN . ? A ZN 202 ? 1_555 SG  ? A CYS 58  ? A CYS 58  ? 1_555 108.2 ? 
2 SG ? A CYS 56  ? A CYS 56  ? 1_555 ZN ? C ZN . ? A ZN 202 ? 1_555 SG  ? A CYS 116 ? A CYS 116 ? 1_555 106.9 ? 
3 SG ? A CYS 58  ? A CYS 58  ? 1_555 ZN ? C ZN . ? A ZN 202 ? 1_555 SG  ? A CYS 116 ? A CYS 116 ? 1_555 120.0 ? 
4 SG ? A CYS 56  ? A CYS 56  ? 1_555 ZN ? C ZN . ? A ZN 202 ? 1_555 ND1 ? A HIS 118 ? A HIS 118 ? 1_555 105.7 ? 
5 SG ? A CYS 58  ? A CYS 58  ? 1_555 ZN ? C ZN . ? A ZN 202 ? 1_555 ND1 ? A HIS 118 ? A HIS 118 ? 1_555 97.6  ? 
6 SG ? A CYS 116 ? A CYS 116 ? 1_555 ZN ? C ZN . ? A ZN 202 ? 1_555 ND1 ? A HIS 118 ? A HIS 118 ? 1_555 117.5 ? 
# 
loop_
_struct_sheet.id 
_struct_sheet.type 
_struct_sheet.number_strands 
_struct_sheet.details 
AA1 ? 3 ? 
AA2 ? 7 ? 
# 
loop_
_struct_sheet_order.sheet_id 
_struct_sheet_order.range_id_1 
_struct_sheet_order.range_id_2 
_struct_sheet_order.offset 
_struct_sheet_order.sense 
AA1 1 2 ? anti-parallel 
AA1 2 3 ? anti-parallel 
AA2 1 2 ? anti-parallel 
AA2 2 3 ? anti-parallel 
AA2 3 4 ? anti-parallel 
AA2 4 5 ? anti-parallel 
AA2 5 6 ? anti-parallel 
AA2 6 7 ? anti-parallel 
# 
loop_
_struct_sheet_range.sheet_id 
_struct_sheet_range.id 
_struct_sheet_range.beg_label_comp_id 
_struct_sheet_range.beg_label_asym_id 
_struct_sheet_range.beg_label_seq_id 
_struct_sheet_range.pdbx_beg_PDB_ins_code 
_struct_sheet_range.end_label_comp_id 
_struct_sheet_range.end_label_asym_id 
_struct_sheet_range.end_label_seq_id 
_struct_sheet_range.pdbx_end_PDB_ins_code 
_struct_sheet_range.beg_auth_comp_id 
_struct_sheet_range.beg_auth_asym_id 
_struct_sheet_range.beg_auth_seq_id 
_struct_sheet_range.end_auth_comp_id 
_struct_sheet_range.end_auth_asym_id 
_struct_sheet_range.end_auth_seq_id 
AA1 1 LEU A 31  ? ASP A 35  ? LEU A 31  ASP A 35  
AA1 2 LEU A 40  ? CYS A 50  ? LEU A 40  CYS A 50  
AA1 3 ILE A 10  ? ASN A 19  ? ILE A 10  ASN A 19  
AA2 1 LYS A 70  ? SER A 75  ? LYS A 70  SER A 75  
AA2 2 THR A 60  ? CYS A 65  ? THR A 60  CYS A 65  
AA2 3 ILE A 113 ? CYS A 116 ? ILE A 113 CYS A 116 
AA2 4 GLY A 119 ? THR A 126 ? GLY A 119 THR A 126 
AA2 5 LEU A 131 ? ASP A 136 ? LEU A 131 ASP A 136 
AA2 6 ARG A 93  ? VAL A 102 ? ARG A 93  VAL A 102 
AA2 7 SER A 80  ? VAL A 84  ? SER A 80  VAL A 84  
# 
loop_
_pdbx_struct_sheet_hbond.sheet_id 
_pdbx_struct_sheet_hbond.range_id_1 
_pdbx_struct_sheet_hbond.range_id_2 
_pdbx_struct_sheet_hbond.range_1_label_atom_id 
_pdbx_struct_sheet_hbond.range_1_label_comp_id 
_pdbx_struct_sheet_hbond.range_1_label_asym_id 
_pdbx_struct_sheet_hbond.range_1_label_seq_id 
_pdbx_struct_sheet_hbond.range_1_PDB_ins_code 
_pdbx_struct_sheet_hbond.range_1_auth_atom_id 
_pdbx_struct_sheet_hbond.range_1_auth_comp_id 
_pdbx_struct_sheet_hbond.range_1_auth_asym_id 
_pdbx_struct_sheet_hbond.range_1_auth_seq_id 
_pdbx_struct_sheet_hbond.range_2_label_atom_id 
_pdbx_struct_sheet_hbond.range_2_label_comp_id 
_pdbx_struct_sheet_hbond.range_2_label_asym_id 
_pdbx_struct_sheet_hbond.range_2_label_seq_id 
_pdbx_struct_sheet_hbond.range_2_PDB_ins_code 
_pdbx_struct_sheet_hbond.range_2_auth_atom_id 
_pdbx_struct_sheet_hbond.range_2_auth_comp_id 
_pdbx_struct_sheet_hbond.range_2_auth_asym_id 
_pdbx_struct_sheet_hbond.range_2_auth_seq_id 
AA1 1 2 N TRP A 33  ? N TRP A 33  O VAL A 42  ? O VAL A 42  
AA1 2 3 N LEU A 41  ? N LEU A 41  O VAL A 18  ? O VAL A 18  
AA2 1 2 O LYS A 70  ? O LYS A 70  N CYS A 65  ? N CYS A 65  
AA2 2 3 N VAL A 62  ? N VAL A 62  O ARG A 115 ? O ARG A 115 
AA2 3 4 N LEU A 114 ? N LEU A 114 O VAL A 121 ? O VAL A 121 
AA2 4 5 N SER A 125 ? N SER A 125 O GLY A 133 ? O GLY A 133 
AA2 5 6 O VAL A 132 ? O VAL A 132 N ALA A 101 ? N ALA A 101 
AA2 6 7 O ARG A 93  ? O ARG A 93  N VAL A 84  ? N VAL A 84  
# 
_pdbx_entry_details.entry_id                   7H4A 
_pdbx_entry_details.compound_details           ? 
_pdbx_entry_details.source_details             ? 
_pdbx_entry_details.nonpolymer_details         ? 
_pdbx_entry_details.sequence_details           ? 
_pdbx_entry_details.has_ligand_of_interest     ? 
_pdbx_entry_details.has_protein_modification   N 
# 
loop_
_pdbx_validate_close_contact.id 
_pdbx_validate_close_contact.PDB_model_num 
_pdbx_validate_close_contact.auth_atom_id_1 
_pdbx_validate_close_contact.auth_asym_id_1 
_pdbx_validate_close_contact.auth_comp_id_1 
_pdbx_validate_close_contact.auth_seq_id_1 
_pdbx_validate_close_contact.PDB_ins_code_1 
_pdbx_validate_close_contact.label_alt_id_1 
_pdbx_validate_close_contact.auth_atom_id_2 
_pdbx_validate_close_contact.auth_asym_id_2 
_pdbx_validate_close_contact.auth_comp_id_2 
_pdbx_validate_close_contact.auth_seq_id_2 
_pdbx_validate_close_contact.PDB_ins_code_2 
_pdbx_validate_close_contact.label_alt_id_2 
_pdbx_validate_close_contact.dist 
1 1 O   A HOH 461 ? ? O A HOH 472 ? ? 2.00 
2 1 O   A GLY 49  ? ? O A HOH 301 ? ? 2.08 
3 1 OD1 A ASP 144 ? ? O A HOH 302 ? ? 2.11 
4 1 OH  A TYR 15  ? ? O A HOH 303 ? ? 2.12 
5 1 O   A PRO 79  ? ? O A HOH 304 ? ? 2.12 
6 1 OG1 A THR 52  ? ? O A HOH 305 ? ? 2.16 
# 
loop_
_pdbx_validate_symm_contact.id 
_pdbx_validate_symm_contact.PDB_model_num 
_pdbx_validate_symm_contact.auth_atom_id_1 
_pdbx_validate_symm_contact.auth_asym_id_1 
_pdbx_validate_symm_contact.auth_comp_id_1 
_pdbx_validate_symm_contact.auth_seq_id_1 
_pdbx_validate_symm_contact.PDB_ins_code_1 
_pdbx_validate_symm_contact.label_alt_id_1 
_pdbx_validate_symm_contact.site_symmetry_1 
_pdbx_validate_symm_contact.auth_atom_id_2 
_pdbx_validate_symm_contact.auth_asym_id_2 
_pdbx_validate_symm_contact.auth_comp_id_2 
_pdbx_validate_symm_contact.auth_seq_id_2 
_pdbx_validate_symm_contact.PDB_ins_code_2 
_pdbx_validate_symm_contact.label_alt_id_2 
_pdbx_validate_symm_contact.site_symmetry_2 
_pdbx_validate_symm_contact.dist 
1 1 O3 A SO4 208 ? ? 1_555 O3 A SO4 208 ? ? 2_556 1.41 
2 1 O  A HOH 427 ? ? 1_555 O  A HOH 444 ? ? 1_554 2.09 
# 
loop_
_pdbx_validate_torsion.id 
_pdbx_validate_torsion.PDB_model_num 
_pdbx_validate_torsion.auth_comp_id 
_pdbx_validate_torsion.auth_asym_id 
_pdbx_validate_torsion.auth_seq_id 
_pdbx_validate_torsion.PDB_ins_code 
_pdbx_validate_torsion.label_alt_id 
_pdbx_validate_torsion.phi 
_pdbx_validate_torsion.psi 
1 1 CYS A 56  ? ? 178.78  169.76 
2 1 CYS A 56  ? ? 178.78  175.73 
3 1 SER A 125 ? ? -130.51 -33.84 
# 
loop_
_pdbx_distant_solvent_atoms.id 
_pdbx_distant_solvent_atoms.PDB_model_num 
_pdbx_distant_solvent_atoms.auth_atom_id 
_pdbx_distant_solvent_atoms.label_alt_id 
_pdbx_distant_solvent_atoms.auth_asym_id 
_pdbx_distant_solvent_atoms.auth_comp_id 
_pdbx_distant_solvent_atoms.auth_seq_id 
_pdbx_distant_solvent_atoms.PDB_ins_code 
_pdbx_distant_solvent_atoms.neighbor_macromolecule_distance 
_pdbx_distant_solvent_atoms.neighbor_ligand_distance 
1 1 O ? A HOH 535 ? 5.95 . 
2 1 O ? A HOH 536 ? 8.35 . 
# 
loop_
_pdbx_unobs_or_zero_occ_residues.id 
_pdbx_unobs_or_zero_occ_residues.PDB_model_num 
_pdbx_unobs_or_zero_occ_residues.polymer_flag 
_pdbx_unobs_or_zero_occ_residues.occupancy_flag 
_pdbx_unobs_or_zero_occ_residues.auth_asym_id 
_pdbx_unobs_or_zero_occ_residues.auth_comp_id 
_pdbx_unobs_or_zero_occ_residues.auth_seq_id 
_pdbx_unobs_or_zero_occ_residues.PDB_ins_code 
_pdbx_unobs_or_zero_occ_residues.label_asym_id 
_pdbx_unobs_or_zero_occ_residues.label_comp_id 
_pdbx_unobs_or_zero_occ_residues.label_seq_id 
1  1 Y 1 A GLN 1   ? A GLN 1   
2  1 Y 1 A GLU 2   ? A GLU 2   
3  1 Y 1 A GLN 3   ? A GLN 3   
4  1 Y 1 A THR 4   ? A THR 4   
5  1 Y 1 A GLY 5   ? A GLY 5   
6  1 Y 1 A GLY 6   ? A GLY 6   
7  1 Y 1 A ALA 147 ? A ALA 147 
8  1 Y 1 A MET 148 ? A MET 148 
9  1 Y 1 A GLU 149 ? A GLU 149 
10 1 Y 1 A GLN 150 ? A GLN 150 
# 
loop_
_chem_comp_atom.comp_id 
_chem_comp_atom.atom_id 
_chem_comp_atom.type_symbol 
_chem_comp_atom.pdbx_aromatic_flag 
_chem_comp_atom.pdbx_stereo_config 
_chem_comp_atom.pdbx_ordinal 
ALA N    N  N N 1   
ALA CA   C  N S 2   
ALA C    C  N N 3   
ALA O    O  N N 4   
ALA CB   C  N N 5   
ALA OXT  O  N N 6   
ALA H    H  N N 7   
ALA H2   H  N N 8   
ALA HA   H  N N 9   
ALA HB1  H  N N 10  
ALA HB2  H  N N 11  
ALA HB3  H  N N 12  
ALA HXT  H  N N 13  
ARG N    N  N N 14  
ARG CA   C  N S 15  
ARG C    C  N N 16  
ARG O    O  N N 17  
ARG CB   C  N N 18  
ARG CG   C  N N 19  
ARG CD   C  N N 20  
ARG NE   N  N N 21  
ARG CZ   C  N N 22  
ARG NH1  N  N N 23  
ARG NH2  N  N N 24  
ARG OXT  O  N N 25  
ARG H    H  N N 26  
ARG H2   H  N N 27  
ARG HA   H  N N 28  
ARG HB2  H  N N 29  
ARG HB3  H  N N 30  
ARG HG2  H  N N 31  
ARG HG3  H  N N 32  
ARG HD2  H  N N 33  
ARG HD3  H  N N 34  
ARG HE   H  N N 35  
ARG HH11 H  N N 36  
ARG HH12 H  N N 37  
ARG HH21 H  N N 38  
ARG HH22 H  N N 39  
ARG HXT  H  N N 40  
ASN N    N  N N 41  
ASN CA   C  N S 42  
ASN C    C  N N 43  
ASN O    O  N N 44  
ASN CB   C  N N 45  
ASN CG   C  N N 46  
ASN OD1  O  N N 47  
ASN ND2  N  N N 48  
ASN OXT  O  N N 49  
ASN H    H  N N 50  
ASN H2   H  N N 51  
ASN HA   H  N N 52  
ASN HB2  H  N N 53  
ASN HB3  H  N N 54  
ASN HD21 H  N N 55  
ASN HD22 H  N N 56  
ASN HXT  H  N N 57  
ASP N    N  N N 58  
ASP CA   C  N S 59  
ASP C    C  N N 60  
ASP O    O  N N 61  
ASP CB   C  N N 62  
ASP CG   C  N N 63  
ASP OD1  O  N N 64  
ASP OD2  O  N N 65  
ASP OXT  O  N N 66  
ASP H    H  N N 67  
ASP H2   H  N N 68  
ASP HA   H  N N 69  
ASP HB2  H  N N 70  
ASP HB3  H  N N 71  
ASP HD2  H  N N 72  
ASP HXT  H  N N 73  
CYS N    N  N N 74  
CYS CA   C  N R 75  
CYS C    C  N N 76  
CYS O    O  N N 77  
CYS CB   C  N N 78  
CYS SG   S  N N 79  
CYS OXT  O  N N 80  
CYS H    H  N N 81  
CYS H2   H  N N 82  
CYS HA   H  N N 83  
CYS HB2  H  N N 84  
CYS HB3  H  N N 85  
CYS HG   H  N N 86  
CYS HXT  H  N N 87  
DMS S    S  N N 88  
DMS O    O  N N 89  
DMS C1   C  N N 90  
DMS C2   C  N N 91  
DMS H11  H  N N 92  
DMS H12  H  N N 93  
DMS H13  H  N N 94  
DMS H21  H  N N 95  
DMS H22  H  N N 96  
DMS H23  H  N N 97  
GLN N    N  N N 98  
GLN CA   C  N S 99  
GLN C    C  N N 100 
GLN O    O  N N 101 
GLN CB   C  N N 102 
GLN CG   C  N N 103 
GLN CD   C  N N 104 
GLN OE1  O  N N 105 
GLN NE2  N  N N 106 
GLN OXT  O  N N 107 
GLN H    H  N N 108 
GLN H2   H  N N 109 
GLN HA   H  N N 110 
GLN HB2  H  N N 111 
GLN HB3  H  N N 112 
GLN HG2  H  N N 113 
GLN HG3  H  N N 114 
GLN HE21 H  N N 115 
GLN HE22 H  N N 116 
GLN HXT  H  N N 117 
GLU N    N  N N 118 
GLU CA   C  N S 119 
GLU C    C  N N 120 
GLU O    O  N N 121 
GLU CB   C  N N 122 
GLU CG   C  N N 123 
GLU CD   C  N N 124 
GLU OE1  O  N N 125 
GLU OE2  O  N N 126 
GLU OXT  O  N N 127 
GLU H    H  N N 128 
GLU H2   H  N N 129 
GLU HA   H  N N 130 
GLU HB2  H  N N 131 
GLU HB3  H  N N 132 
GLU HG2  H  N N 133 
GLU HG3  H  N N 134 
GLU HE2  H  N N 135 
GLU HXT  H  N N 136 
GLY N    N  N N 137 
GLY CA   C  N N 138 
GLY C    C  N N 139 
GLY O    O  N N 140 
GLY OXT  O  N N 141 
GLY H    H  N N 142 
GLY H2   H  N N 143 
GLY HA2  H  N N 144 
GLY HA3  H  N N 145 
GLY HXT  H  N N 146 
HIS N    N  N N 147 
HIS CA   C  N S 148 
HIS C    C  N N 149 
HIS O    O  N N 150 
HIS CB   C  N N 151 
HIS CG   C  Y N 152 
HIS ND1  N  Y N 153 
HIS CD2  C  Y N 154 
HIS CE1  C  Y N 155 
HIS NE2  N  Y N 156 
HIS OXT  O  N N 157 
HIS H    H  N N 158 
HIS H2   H  N N 159 
HIS HA   H  N N 160 
HIS HB2  H  N N 161 
HIS HB3  H  N N 162 
HIS HD1  H  N N 163 
HIS HD2  H  N N 164 
HIS HE1  H  N N 165 
HIS HE2  H  N N 166 
HIS HXT  H  N N 167 
HOH O    O  N N 168 
HOH H1   H  N N 169 
HOH H2   H  N N 170 
ILE N    N  N N 171 
ILE CA   C  N S 172 
ILE C    C  N N 173 
ILE O    O  N N 174 
ILE CB   C  N S 175 
ILE CG1  C  N N 176 
ILE CG2  C  N N 177 
ILE CD1  C  N N 178 
ILE OXT  O  N N 179 
ILE H    H  N N 180 
ILE H2   H  N N 181 
ILE HA   H  N N 182 
ILE HB   H  N N 183 
ILE HG12 H  N N 184 
ILE HG13 H  N N 185 
ILE HG21 H  N N 186 
ILE HG22 H  N N 187 
ILE HG23 H  N N 188 
ILE HD11 H  N N 189 
ILE HD12 H  N N 190 
ILE HD13 H  N N 191 
ILE HXT  H  N N 192 
LEU N    N  N N 193 
LEU CA   C  N S 194 
LEU C    C  N N 195 
LEU O    O  N N 196 
LEU CB   C  N N 197 
LEU CG   C  N N 198 
LEU CD1  C  N N 199 
LEU CD2  C  N N 200 
LEU OXT  O  N N 201 
LEU H    H  N N 202 
LEU H2   H  N N 203 
LEU HA   H  N N 204 
LEU HB2  H  N N 205 
LEU HB3  H  N N 206 
LEU HG   H  N N 207 
LEU HD11 H  N N 208 
LEU HD12 H  N N 209 
LEU HD13 H  N N 210 
LEU HD21 H  N N 211 
LEU HD22 H  N N 212 
LEU HD23 H  N N 213 
LEU HXT  H  N N 214 
LYS N    N  N N 215 
LYS CA   C  N S 216 
LYS C    C  N N 217 
LYS O    O  N N 218 
LYS CB   C  N N 219 
LYS CG   C  N N 220 
LYS CD   C  N N 221 
LYS CE   C  N N 222 
LYS NZ   N  N N 223 
LYS OXT  O  N N 224 
LYS H    H  N N 225 
LYS H2   H  N N 226 
LYS HA   H  N N 227 
LYS HB2  H  N N 228 
LYS HB3  H  N N 229 
LYS HG2  H  N N 230 
LYS HG3  H  N N 231 
LYS HD2  H  N N 232 
LYS HD3  H  N N 233 
LYS HE2  H  N N 234 
LYS HE3  H  N N 235 
LYS HZ1  H  N N 236 
LYS HZ2  H  N N 237 
LYS HZ3  H  N N 238 
LYS HXT  H  N N 239 
MET N    N  N N 240 
MET CA   C  N S 241 
MET C    C  N N 242 
MET O    O  N N 243 
MET CB   C  N N 244 
MET CG   C  N N 245 
MET SD   S  N N 246 
MET CE   C  N N 247 
MET OXT  O  N N 248 
MET H    H  N N 249 
MET H2   H  N N 250 
MET HA   H  N N 251 
MET HB2  H  N N 252 
MET HB3  H  N N 253 
MET HG2  H  N N 254 
MET HG3  H  N N 255 
MET HE1  H  N N 256 
MET HE2  H  N N 257 
MET HE3  H  N N 258 
MET HXT  H  N N 259 
PHE N    N  N N 260 
PHE CA   C  N S 261 
PHE C    C  N N 262 
PHE O    O  N N 263 
PHE CB   C  N N 264 
PHE CG   C  Y N 265 
PHE CD1  C  Y N 266 
PHE CD2  C  Y N 267 
PHE CE1  C  Y N 268 
PHE CE2  C  Y N 269 
PHE CZ   C  Y N 270 
PHE OXT  O  N N 271 
PHE H    H  N N 272 
PHE H2   H  N N 273 
PHE HA   H  N N 274 
PHE HB2  H  N N 275 
PHE HB3  H  N N 276 
PHE HD1  H  N N 277 
PHE HD2  H  N N 278 
PHE HE1  H  N N 279 
PHE HE2  H  N N 280 
PHE HZ   H  N N 281 
PHE HXT  H  N N 282 
PRO N    N  N N 283 
PRO CA   C  N S 284 
PRO C    C  N N 285 
PRO O    O  N N 286 
PRO CB   C  N N 287 
PRO CG   C  N N 288 
PRO CD   C  N N 289 
PRO OXT  O  N N 290 
PRO H    H  N N 291 
PRO HA   H  N N 292 
PRO HB2  H  N N 293 
PRO HB3  H  N N 294 
PRO HG2  H  N N 295 
PRO HG3  H  N N 296 
PRO HD2  H  N N 297 
PRO HD3  H  N N 298 
PRO HXT  H  N N 299 
SER N    N  N N 300 
SER CA   C  N S 301 
SER C    C  N N 302 
SER O    O  N N 303 
SER CB   C  N N 304 
SER OG   O  N N 305 
SER OXT  O  N N 306 
SER H    H  N N 307 
SER H2   H  N N 308 
SER HA   H  N N 309 
SER HB2  H  N N 310 
SER HB3  H  N N 311 
SER HG   H  N N 312 
SER HXT  H  N N 313 
SO4 S    S  N N 314 
SO4 O1   O  N N 315 
SO4 O2   O  N N 316 
SO4 O3   O  N N 317 
SO4 O4   O  N N 318 
THR N    N  N N 319 
THR CA   C  N S 320 
THR C    C  N N 321 
THR O    O  N N 322 
THR CB   C  N R 323 
THR OG1  O  N N 324 
THR CG2  C  N N 325 
THR OXT  O  N N 326 
THR H    H  N N 327 
THR H2   H  N N 328 
THR HA   H  N N 329 
THR HB   H  N N 330 
THR HG1  H  N N 331 
THR HG21 H  N N 332 
THR HG22 H  N N 333 
THR HG23 H  N N 334 
THR HXT  H  N N 335 
TRP N    N  N N 336 
TRP CA   C  N S 337 
TRP C    C  N N 338 
TRP O    O  N N 339 
TRP CB   C  N N 340 
TRP CG   C  Y N 341 
TRP CD1  C  Y N 342 
TRP CD2  C  Y N 343 
TRP NE1  N  Y N 344 
TRP CE2  C  Y N 345 
TRP CE3  C  Y N 346 
TRP CZ2  C  Y N 347 
TRP CZ3  C  Y N 348 
TRP CH2  C  Y N 349 
TRP OXT  O  N N 350 
TRP H    H  N N 351 
TRP H2   H  N N 352 
TRP HA   H  N N 353 
TRP HB2  H  N N 354 
TRP HB3  H  N N 355 
TRP HD1  H  N N 356 
TRP HE1  H  N N 357 
TRP HE3  H  N N 358 
TRP HZ2  H  N N 359 
TRP HZ3  H  N N 360 
TRP HH2  H  N N 361 
TRP HXT  H  N N 362 
TYR N    N  N N 363 
TYR CA   C  N S 364 
TYR C    C  N N 365 
TYR O    O  N N 366 
TYR CB   C  N N 367 
TYR CG   C  Y N 368 
TYR CD1  C  Y N 369 
TYR CD2  C  Y N 370 
TYR CE1  C  Y N 371 
TYR CE2  C  Y N 372 
TYR CZ   C  Y N 373 
TYR OH   O  N N 374 
TYR OXT  O  N N 375 
TYR H    H  N N 376 
TYR H2   H  N N 377 
TYR HA   H  N N 378 
TYR HB2  H  N N 379 
TYR HB3  H  N N 380 
TYR HD1  H  N N 381 
TYR HD2  H  N N 382 
TYR HE1  H  N N 383 
TYR HE2  H  N N 384 
TYR HH   H  N N 385 
TYR HXT  H  N N 386 
UVA C4   C  Y N 387 
UVA C5   C  Y N 388 
UVA C6   C  Y N 389 
UVA C7   C  N N 390 
UVA N    N  N N 391 
UVA C    C  N N 392 
UVA O    O  N N 393 
UVA C1   C  Y N 394 
UVA C2   C  Y N 395 
UVA C3   C  Y N 396 
UVA O1   O  N N 397 
UVA S    S  N N 398 
UVA H1   H  N N 399 
UVA H2   H  N N 400 
UVA H3   H  N N 401 
UVA H4   H  N N 402 
UVA H5   H  N N 403 
UVA H6   H  N N 404 
UVA H7   H  N N 405 
UVA H8   H  N N 406 
UVA H9   H  N N 407 
UVA H10  H  N N 408 
UVA H11  H  N N 409 
VAL N    N  N N 410 
VAL CA   C  N S 411 
VAL C    C  N N 412 
VAL O    O  N N 413 
VAL CB   C  N N 414 
VAL CG1  C  N N 415 
VAL CG2  C  N N 416 
VAL OXT  O  N N 417 
VAL H    H  N N 418 
VAL H2   H  N N 419 
VAL HA   H  N N 420 
VAL HB   H  N N 421 
VAL HG11 H  N N 422 
VAL HG12 H  N N 423 
VAL HG13 H  N N 424 
VAL HG21 H  N N 425 
VAL HG22 H  N N 426 
VAL HG23 H  N N 427 
VAL HXT  H  N N 428 
ZN  ZN   ZN N N 429 
# 
loop_
_chem_comp_bond.comp_id 
_chem_comp_bond.atom_id_1 
_chem_comp_bond.atom_id_2 
_chem_comp_bond.value_order 
_chem_comp_bond.pdbx_aromatic_flag 
_chem_comp_bond.pdbx_stereo_config 
_chem_comp_bond.pdbx_ordinal 
ALA N   CA   sing N N 1   
ALA N   H    sing N N 2   
ALA N   H2   sing N N 3   
ALA CA  C    sing N N 4   
ALA CA  CB   sing N N 5   
ALA CA  HA   sing N N 6   
ALA C   O    doub N N 7   
ALA C   OXT  sing N N 8   
ALA CB  HB1  sing N N 9   
ALA CB  HB2  sing N N 10  
ALA CB  HB3  sing N N 11  
ALA OXT HXT  sing N N 12  
ARG N   CA   sing N N 13  
ARG N   H    sing N N 14  
ARG N   H2   sing N N 15  
ARG CA  C    sing N N 16  
ARG CA  CB   sing N N 17  
ARG CA  HA   sing N N 18  
ARG C   O    doub N N 19  
ARG C   OXT  sing N N 20  
ARG CB  CG   sing N N 21  
ARG CB  HB2  sing N N 22  
ARG CB  HB3  sing N N 23  
ARG CG  CD   sing N N 24  
ARG CG  HG2  sing N N 25  
ARG CG  HG3  sing N N 26  
ARG CD  NE   sing N N 27  
ARG CD  HD2  sing N N 28  
ARG CD  HD3  sing N N 29  
ARG NE  CZ   sing N N 30  
ARG NE  HE   sing N N 31  
ARG CZ  NH1  sing N N 32  
ARG CZ  NH2  doub N N 33  
ARG NH1 HH11 sing N N 34  
ARG NH1 HH12 sing N N 35  
ARG NH2 HH21 sing N N 36  
ARG NH2 HH22 sing N N 37  
ARG OXT HXT  sing N N 38  
ASN N   CA   sing N N 39  
ASN N   H    sing N N 40  
ASN N   H2   sing N N 41  
ASN CA  C    sing N N 42  
ASN CA  CB   sing N N 43  
ASN CA  HA   sing N N 44  
ASN C   O    doub N N 45  
ASN C   OXT  sing N N 46  
ASN CB  CG   sing N N 47  
ASN CB  HB2  sing N N 48  
ASN CB  HB3  sing N N 49  
ASN CG  OD1  doub N N 50  
ASN CG  ND2  sing N N 51  
ASN ND2 HD21 sing N N 52  
ASN ND2 HD22 sing N N 53  
ASN OXT HXT  sing N N 54  
ASP N   CA   sing N N 55  
ASP N   H    sing N N 56  
ASP N   H2   sing N N 57  
ASP CA  C    sing N N 58  
ASP CA  CB   sing N N 59  
ASP CA  HA   sing N N 60  
ASP C   O    doub N N 61  
ASP C   OXT  sing N N 62  
ASP CB  CG   sing N N 63  
ASP CB  HB2  sing N N 64  
ASP CB  HB3  sing N N 65  
ASP CG  OD1  doub N N 66  
ASP CG  OD2  sing N N 67  
ASP OD2 HD2  sing N N 68  
ASP OXT HXT  sing N N 69  
CYS N   CA   sing N N 70  
CYS N   H    sing N N 71  
CYS N   H2   sing N N 72  
CYS CA  C    sing N N 73  
CYS CA  CB   sing N N 74  
CYS CA  HA   sing N N 75  
CYS C   O    doub N N 76  
CYS C   OXT  sing N N 77  
CYS CB  SG   sing N N 78  
CYS CB  HB2  sing N N 79  
CYS CB  HB3  sing N N 80  
CYS SG  HG   sing N N 81  
CYS OXT HXT  sing N N 82  
DMS S   O    doub N N 83  
DMS S   C1   sing N N 84  
DMS S   C2   sing N N 85  
DMS C1  H11  sing N N 86  
DMS C1  H12  sing N N 87  
DMS C1  H13  sing N N 88  
DMS C2  H21  sing N N 89  
DMS C2  H22  sing N N 90  
DMS C2  H23  sing N N 91  
GLN N   CA   sing N N 92  
GLN N   H    sing N N 93  
GLN N   H2   sing N N 94  
GLN CA  C    sing N N 95  
GLN CA  CB   sing N N 96  
GLN CA  HA   sing N N 97  
GLN C   O    doub N N 98  
GLN C   OXT  sing N N 99  
GLN CB  CG   sing N N 100 
GLN CB  HB2  sing N N 101 
GLN CB  HB3  sing N N 102 
GLN CG  CD   sing N N 103 
GLN CG  HG2  sing N N 104 
GLN CG  HG3  sing N N 105 
GLN CD  OE1  doub N N 106 
GLN CD  NE2  sing N N 107 
GLN NE2 HE21 sing N N 108 
GLN NE2 HE22 sing N N 109 
GLN OXT HXT  sing N N 110 
GLU N   CA   sing N N 111 
GLU N   H    sing N N 112 
GLU N   H2   sing N N 113 
GLU CA  C    sing N N 114 
GLU CA  CB   sing N N 115 
GLU CA  HA   sing N N 116 
GLU C   O    doub N N 117 
GLU C   OXT  sing N N 118 
GLU CB  CG   sing N N 119 
GLU CB  HB2  sing N N 120 
GLU CB  HB3  sing N N 121 
GLU CG  CD   sing N N 122 
GLU CG  HG2  sing N N 123 
GLU CG  HG3  sing N N 124 
GLU CD  OE1  doub N N 125 
GLU CD  OE2  sing N N 126 
GLU OE2 HE2  sing N N 127 
GLU OXT HXT  sing N N 128 
GLY N   CA   sing N N 129 
GLY N   H    sing N N 130 
GLY N   H2   sing N N 131 
GLY CA  C    sing N N 132 
GLY CA  HA2  sing N N 133 
GLY CA  HA3  sing N N 134 
GLY C   O    doub N N 135 
GLY C   OXT  sing N N 136 
GLY OXT HXT  sing N N 137 
HIS N   CA   sing N N 138 
HIS N   H    sing N N 139 
HIS N   H2   sing N N 140 
HIS CA  C    sing N N 141 
HIS CA  CB   sing N N 142 
HIS CA  HA   sing N N 143 
HIS C   O    doub N N 144 
HIS C   OXT  sing N N 145 
HIS CB  CG   sing N N 146 
HIS CB  HB2  sing N N 147 
HIS CB  HB3  sing N N 148 
HIS CG  ND1  sing Y N 149 
HIS CG  CD2  doub Y N 150 
HIS ND1 CE1  doub Y N 151 
HIS ND1 HD1  sing N N 152 
HIS CD2 NE2  sing Y N 153 
HIS CD2 HD2  sing N N 154 
HIS CE1 NE2  sing Y N 155 
HIS CE1 HE1  sing N N 156 
HIS NE2 HE2  sing N N 157 
HIS OXT HXT  sing N N 158 
HOH O   H1   sing N N 159 
HOH O   H2   sing N N 160 
ILE N   CA   sing N N 161 
ILE N   H    sing N N 162 
ILE N   H2   sing N N 163 
ILE CA  C    sing N N 164 
ILE CA  CB   sing N N 165 
ILE CA  HA   sing N N 166 
ILE C   O    doub N N 167 
ILE C   OXT  sing N N 168 
ILE CB  CG1  sing N N 169 
ILE CB  CG2  sing N N 170 
ILE CB  HB   sing N N 171 
ILE CG1 CD1  sing N N 172 
ILE CG1 HG12 sing N N 173 
ILE CG1 HG13 sing N N 174 
ILE CG2 HG21 sing N N 175 
ILE CG2 HG22 sing N N 176 
ILE CG2 HG23 sing N N 177 
ILE CD1 HD11 sing N N 178 
ILE CD1 HD12 sing N N 179 
ILE CD1 HD13 sing N N 180 
ILE OXT HXT  sing N N 181 
LEU N   CA   sing N N 182 
LEU N   H    sing N N 183 
LEU N   H2   sing N N 184 
LEU CA  C    sing N N 185 
LEU CA  CB   sing N N 186 
LEU CA  HA   sing N N 187 
LEU C   O    doub N N 188 
LEU C   OXT  sing N N 189 
LEU CB  CG   sing N N 190 
LEU CB  HB2  sing N N 191 
LEU CB  HB3  sing N N 192 
LEU CG  CD1  sing N N 193 
LEU CG  CD2  sing N N 194 
LEU CG  HG   sing N N 195 
LEU CD1 HD11 sing N N 196 
LEU CD1 HD12 sing N N 197 
LEU CD1 HD13 sing N N 198 
LEU CD2 HD21 sing N N 199 
LEU CD2 HD22 sing N N 200 
LEU CD2 HD23 sing N N 201 
LEU OXT HXT  sing N N 202 
LYS N   CA   sing N N 203 
LYS N   H    sing N N 204 
LYS N   H2   sing N N 205 
LYS CA  C    sing N N 206 
LYS CA  CB   sing N N 207 
LYS CA  HA   sing N N 208 
LYS C   O    doub N N 209 
LYS C   OXT  sing N N 210 
LYS CB  CG   sing N N 211 
LYS CB  HB2  sing N N 212 
LYS CB  HB3  sing N N 213 
LYS CG  CD   sing N N 214 
LYS CG  HG2  sing N N 215 
LYS CG  HG3  sing N N 216 
LYS CD  CE   sing N N 217 
LYS CD  HD2  sing N N 218 
LYS CD  HD3  sing N N 219 
LYS CE  NZ   sing N N 220 
LYS CE  HE2  sing N N 221 
LYS CE  HE3  sing N N 222 
LYS NZ  HZ1  sing N N 223 
LYS NZ  HZ2  sing N N 224 
LYS NZ  HZ3  sing N N 225 
LYS OXT HXT  sing N N 226 
MET N   CA   sing N N 227 
MET N   H    sing N N 228 
MET N   H2   sing N N 229 
MET CA  C    sing N N 230 
MET CA  CB   sing N N 231 
MET CA  HA   sing N N 232 
MET C   O    doub N N 233 
MET C   OXT  sing N N 234 
MET CB  CG   sing N N 235 
MET CB  HB2  sing N N 236 
MET CB  HB3  sing N N 237 
MET CG  SD   sing N N 238 
MET CG  HG2  sing N N 239 
MET CG  HG3  sing N N 240 
MET SD  CE   sing N N 241 
MET CE  HE1  sing N N 242 
MET CE  HE2  sing N N 243 
MET CE  HE3  sing N N 244 
MET OXT HXT  sing N N 245 
PHE N   CA   sing N N 246 
PHE N   H    sing N N 247 
PHE N   H2   sing N N 248 
PHE CA  C    sing N N 249 
PHE CA  CB   sing N N 250 
PHE CA  HA   sing N N 251 
PHE C   O    doub N N 252 
PHE C   OXT  sing N N 253 
PHE CB  CG   sing N N 254 
PHE CB  HB2  sing N N 255 
PHE CB  HB3  sing N N 256 
PHE CG  CD1  doub Y N 257 
PHE CG  CD2  sing Y N 258 
PHE CD1 CE1  sing Y N 259 
PHE CD1 HD1  sing N N 260 
PHE CD2 CE2  doub Y N 261 
PHE CD2 HD2  sing N N 262 
PHE CE1 CZ   doub Y N 263 
PHE CE1 HE1  sing N N 264 
PHE CE2 CZ   sing Y N 265 
PHE CE2 HE2  sing N N 266 
PHE CZ  HZ   sing N N 267 
PHE OXT HXT  sing N N 268 
PRO N   CA   sing N N 269 
PRO N   CD   sing N N 270 
PRO N   H    sing N N 271 
PRO CA  C    sing N N 272 
PRO CA  CB   sing N N 273 
PRO CA  HA   sing N N 274 
PRO C   O    doub N N 275 
PRO C   OXT  sing N N 276 
PRO CB  CG   sing N N 277 
PRO CB  HB2  sing N N 278 
PRO CB  HB3  sing N N 279 
PRO CG  CD   sing N N 280 
PRO CG  HG2  sing N N 281 
PRO CG  HG3  sing N N 282 
PRO CD  HD2  sing N N 283 
PRO CD  HD3  sing N N 284 
PRO OXT HXT  sing N N 285 
SER N   CA   sing N N 286 
SER N   H    sing N N 287 
SER N   H2   sing N N 288 
SER CA  C    sing N N 289 
SER CA  CB   sing N N 290 
SER CA  HA   sing N N 291 
SER C   O    doub N N 292 
SER C   OXT  sing N N 293 
SER CB  OG   sing N N 294 
SER CB  HB2  sing N N 295 
SER CB  HB3  sing N N 296 
SER OG  HG   sing N N 297 
SER OXT HXT  sing N N 298 
SO4 S   O1   doub N N 299 
SO4 S   O2   doub N N 300 
SO4 S   O3   sing N N 301 
SO4 S   O4   sing N N 302 
THR N   CA   sing N N 303 
THR N   H    sing N N 304 
THR N   H2   sing N N 305 
THR CA  C    sing N N 306 
THR CA  CB   sing N N 307 
THR CA  HA   sing N N 308 
THR C   O    doub N N 309 
THR C   OXT  sing N N 310 
THR CB  OG1  sing N N 311 
THR CB  CG2  sing N N 312 
THR CB  HB   sing N N 313 
THR OG1 HG1  sing N N 314 
THR CG2 HG21 sing N N 315 
THR CG2 HG22 sing N N 316 
THR CG2 HG23 sing N N 317 
THR OXT HXT  sing N N 318 
TRP N   CA   sing N N 319 
TRP N   H    sing N N 320 
TRP N   H2   sing N N 321 
TRP CA  C    sing N N 322 
TRP CA  CB   sing N N 323 
TRP CA  HA   sing N N 324 
TRP C   O    doub N N 325 
TRP C   OXT  sing N N 326 
TRP CB  CG   sing N N 327 
TRP CB  HB2  sing N N 328 
TRP CB  HB3  sing N N 329 
TRP CG  CD1  doub Y N 330 
TRP CG  CD2  sing Y N 331 
TRP CD1 NE1  sing Y N 332 
TRP CD1 HD1  sing N N 333 
TRP CD2 CE2  doub Y N 334 
TRP CD2 CE3  sing Y N 335 
TRP NE1 CE2  sing Y N 336 
TRP NE1 HE1  sing N N 337 
TRP CE2 CZ2  sing Y N 338 
TRP CE3 CZ3  doub Y N 339 
TRP CE3 HE3  sing N N 340 
TRP CZ2 CH2  doub Y N 341 
TRP CZ2 HZ2  sing N N 342 
TRP CZ3 CH2  sing Y N 343 
TRP CZ3 HZ3  sing N N 344 
TRP CH2 HH2  sing N N 345 
TRP OXT HXT  sing N N 346 
TYR N   CA   sing N N 347 
TYR N   H    sing N N 348 
TYR N   H2   sing N N 349 
TYR CA  C    sing N N 350 
TYR CA  CB   sing N N 351 
TYR CA  HA   sing N N 352 
TYR C   O    doub N N 353 
TYR C   OXT  sing N N 354 
TYR CB  CG   sing N N 355 
TYR CB  HB2  sing N N 356 
TYR CB  HB3  sing N N 357 
TYR CG  CD1  doub Y N 358 
TYR CG  CD2  sing Y N 359 
TYR CD1 CE1  sing Y N 360 
TYR CD1 HD1  sing N N 361 
TYR CD2 CE2  doub Y N 362 
TYR CD2 HD2  sing N N 363 
TYR CE1 CZ   doub Y N 364 
TYR CE1 HE1  sing N N 365 
TYR CE2 CZ   sing Y N 366 
TYR CE2 HE2  sing N N 367 
TYR CZ  OH   sing N N 368 
TYR OH  HH   sing N N 369 
TYR OXT HXT  sing N N 370 
UVA C4  C5   doub Y N 371 
UVA C4  C3   sing Y N 372 
UVA C5  C6   sing Y N 373 
UVA O   S    doub N N 374 
UVA C3  C2   doub Y N 375 
UVA C6  S    sing N N 376 
UVA C6  C1   doub Y N 377 
UVA S   O1   doub N N 378 
UVA S   C7   sing N N 379 
UVA C2  C1   sing Y N 380 
UVA C1  N    sing N N 381 
UVA N   C    sing N N 382 
UVA C4  H1   sing N N 383 
UVA C5  H2   sing N N 384 
UVA C7  H3   sing N N 385 
UVA C7  H4   sing N N 386 
UVA C7  H5   sing N N 387 
UVA N   H6   sing N N 388 
UVA C   H7   sing N N 389 
UVA C   H8   sing N N 390 
UVA C   H9   sing N N 391 
UVA C2  H10  sing N N 392 
UVA C3  H11  sing N N 393 
VAL N   CA   sing N N 394 
VAL N   H    sing N N 395 
VAL N   H2   sing N N 396 
VAL CA  C    sing N N 397 
VAL CA  CB   sing N N 398 
VAL CA  HA   sing N N 399 
VAL C   O    doub N N 400 
VAL C   OXT  sing N N 401 
VAL CB  CG1  sing N N 402 
VAL CB  CG2  sing N N 403 
VAL CB  HB   sing N N 404 
VAL CG1 HG11 sing N N 405 
VAL CG1 HG12 sing N N 406 
VAL CG1 HG13 sing N N 407 
VAL CG2 HG21 sing N N 408 
VAL CG2 HG22 sing N N 409 
VAL CG2 HG23 sing N N 410 
VAL OXT HXT  sing N N 411 
# 
_pdbx_audit_support.funding_organization   
'National Institutes of Health/National Institute Of Allergy and Infectious Diseases (NIH/NIAID)' 
_pdbx_audit_support.country                'United States' 
_pdbx_audit_support.grant_number           U19AI171399 
_pdbx_audit_support.ordinal                1 
# 
_pdbx_deposit_group.group_id            G_1002288 
_pdbx_deposit_group.group_description   'Crystallographic fragment screening of Coxsackievirus A16 (G-10) 2A protease' 
_pdbx_deposit_group.group_title         
'Group deposition for crystallographic fragment screening of Coxsackievirus A16 (G-10) 2A protease' 
_pdbx_deposit_group.group_type          'changed state' 
# 
_atom_sites.entry_id                    7H4A 
_atom_sites.fract_transf_matrix[1][1]   0.00626461 
_atom_sites.fract_transf_matrix[1][2]   0.00064006 
_atom_sites.fract_transf_matrix[1][3]   -0.00979550 
_atom_sites.fract_transf_matrix[2][1]   -0.00807330 
_atom_sites.fract_transf_matrix[2][2]   0.01524037 
_atom_sites.fract_transf_matrix[2][3]   -0.00416737 
_atom_sites.fract_transf_matrix[3][1]   0.02330820 
_atom_sites.fract_transf_matrix[3][2]   0.01590246 
_atom_sites.fract_transf_matrix[3][3]   0.01300232 
_atom_sites.fract_transf_vector[1]      0.184097 
_atom_sites.fract_transf_vector[2]      0.124487 
_atom_sites.fract_transf_vector[3]      0.449294 
# 
loop_
_atom_type.symbol 
C  
N  
O  
S  
ZN 
# 
loop_
_atom_site.group_PDB 
_atom_site.id 
_atom_site.type_symbol 
_atom_site.label_atom_id 
_atom_site.label_alt_id 
_atom_site.label_comp_id 
_atom_site.label_asym_id 
_atom_site.label_entity_id 
_atom_site.label_seq_id 
_atom_site.pdbx_PDB_ins_code 
_atom_site.Cartn_x 
_atom_site.Cartn_y 
_atom_site.Cartn_z 
_atom_site.occupancy 
_atom_site.B_iso_or_equiv 
_atom_site.pdbx_formal_charge 
_atom_site.auth_seq_id 
_atom_site.auth_comp_id 
_atom_site.auth_asym_id 
_atom_site.auth_atom_id 
_atom_site.pdbx_PDB_model_num 
ATOM   1    N  N   . SER A 1 7   ? 9.437   5.006   1.319   1.00 35.74  ? 7   SER A N   1 
ATOM   2    C  CA  . SER A 1 7   ? 9.394   4.650   -0.119  1.00 33.59  ? 7   SER A CA  1 
ATOM   3    C  C   . SER A 1 7   ? 9.094   3.160   -0.258  1.00 28.55  ? 7   SER A C   1 
ATOM   4    O  O   . SER A 1 7   ? 9.229   2.417   0.760   1.00 29.98  ? 7   SER A O   1 
ATOM   5    C  CB  . SER A 1 7   ? 10.688  4.985   -0.818  1.00 37.41  ? 7   SER A CB  1 
ATOM   6    O  OG  . SER A 1 7   ? 11.762  4.269   -0.228  1.00 36.88  ? 7   SER A OG  1 
ATOM   7    N  N   . GLY A 1 8   ? 8.690   2.763   -1.466  1.00 24.27  ? 8   GLY A N   1 
ATOM   8    C  CA  . GLY A 1 8   ? 8.522   1.363   -1.872  1.00 26.34  ? 8   GLY A CA  1 
ATOM   9    C  C   . GLY A 1 8   ? 7.445   1.210   -2.918  1.00 24.57  ? 8   GLY A C   1 
ATOM   10   O  O   . GLY A 1 8   ? 6.531   2.037   -2.976  1.00 24.84  ? 8   GLY A O   1 
ATOM   11   N  N   . ALA A 1 9   ? 7.525   0.122   -3.662  1.00 25.07  ? 9   ALA A N   1 
ATOM   12   C  CA  . ALA A 1 9   ? 6.568   -0.262  -4.710  1.00 24.47  ? 9   ALA A CA  1 
ATOM   13   C  C   . ALA A 1 9   ? 6.302   -1.770  -4.692  1.00 22.77  ? 9   ALA A C   1 
ATOM   14   O  O   . ALA A 1 9   ? 7.136   -2.521  -4.166  1.00 25.97  ? 9   ALA A O   1 
ATOM   15   C  CB  . ALA A 1 9   ? 7.091   0.204   -6.047  1.00 24.91  ? 9   ALA A CB  1 
ATOM   16   N  N   . ILE A 1 10  ? 5.167   -2.159  -5.267  1.00 23.45  ? 10  ILE A N   1 
ATOM   17   C  CA  . ILE A 1 10  ? 4.847   -3.549  -5.686  1.00 26.08  ? 10  ILE A CA  1 
ATOM   18   C  C   . ILE A 1 10  ? 5.152   -3.601  -7.176  1.00 28.66  ? 10  ILE A C   1 
ATOM   19   O  O   . ILE A 1 10  ? 4.605   -2.768  -7.924  1.00 28.66  ? 10  ILE A O   1 
ATOM   20   C  CB  . ILE A 1 10  ? 3.388   -3.943  -5.412  1.00 27.79  ? 10  ILE A CB  1 
ATOM   21   C  CG1 . ILE A 1 10  ? 2.961   -3.559  -3.995  1.00 26.24  ? 10  ILE A CG1 1 
ATOM   22   C  CG2 . ILE A 1 10  ? 3.167   -5.427  -5.681  1.00 28.59  ? 10  ILE A CG2 1 
ATOM   23   C  CD1 . ILE A 1 10  ? 1.473   -3.576  -3.821  1.00 25.19  ? 10  ILE A CD1 1 
ATOM   24   N  N   . TYR A 1 11  ? 5.969   -4.575  -7.575  1.00 31.98  ? 11  TYR A N   1 
ATOM   25   C  CA  . TYR A 1 11  ? 6.326   -4.873  -8.979  1.00 34.67  ? 11  TYR A CA  1 
ATOM   26   C  C   . TYR A 1 11  ? 5.678   -6.206  -9.335  1.00 35.70  ? 11  TYR A C   1 
ATOM   27   O  O   . TYR A 1 11  ? 6.253   -7.246  -8.946  1.00 36.65  ? 11  TYR A O   1 
ATOM   28   C  CB  . TYR A 1 11  ? 7.843   -4.886  -9.101  1.00 34.24  ? 11  TYR A CB  1 
ATOM   29   C  CG  . TYR A 1 11  ? 8.458   -3.532  -8.900  1.00 35.46  ? 11  TYR A CG  1 
ATOM   30   C  CD1 . TYR A 1 11  ? 8.384   -2.578  -9.899  1.00 35.73  ? 11  TYR A CD1 1 
ATOM   31   C  CD2 . TYR A 1 11  ? 9.109   -3.205  -7.728  1.00 36.35  ? 11  TYR A CD2 1 
ATOM   32   C  CE1 . TYR A 1 11  ? 8.941   -1.326  -9.736  1.00 32.38  ? 11  TYR A CE1 1 
ATOM   33   C  CE2 . TYR A 1 11  ? 9.671   -1.952  -7.545  1.00 38.63  ? 11  TYR A CE2 1 
ATOM   34   C  CZ  . TYR A 1 11  ? 9.579   -1.008  -8.556  1.00 36.75  ? 11  TYR A CZ  1 
ATOM   35   O  OH  . TYR A 1 11  ? 10.150  0.209   -8.391  1.00 36.55  ? 11  TYR A OH  1 
ATOM   36   N  N   . VAL A 1 12  ? 4.478   -6.147  -9.910  1.00 34.95  ? 12  VAL A N   1 
ATOM   37   C  CA  . VAL A 1 12  ? 3.638   -7.326  -10.267 1.00 38.48  ? 12  VAL A CA  1 
ATOM   38   C  C   . VAL A 1 12  ? 3.416   -7.297  -11.779 1.00 43.40  ? 12  VAL A C   1 
ATOM   39   O  O   . VAL A 1 12  ? 2.731   -6.383  -12.263 1.00 46.09  ? 12  VAL A O   1 
ATOM   40   C  CB  . VAL A 1 12  ? 2.297   -7.390  -9.499  1.00 35.26  ? 12  VAL A CB  1 
ATOM   41   C  CG1 . VAL A 1 12  ? 1.423   -6.158  -9.639  1.00 32.75  ? 12  VAL A CG1 1 
ATOM   42   C  CG2 . VAL A 1 12  ? 1.510   -8.619  -9.908  1.00 33.88  ? 12  VAL A CG2 1 
ATOM   43   N  N   . GLY A 1 13  ? 3.937   -8.315  -12.475 1.00 48.27  ? 13  GLY A N   1 
ATOM   44   C  CA  . GLY A 1 13  ? 4.033   -8.335  -13.946 1.00 47.81  ? 13  GLY A CA  1 
ATOM   45   C  C   . GLY A 1 13  ? 4.785   -7.120  -14.444 1.00 42.39  ? 13  GLY A C   1 
ATOM   46   O  O   . GLY A 1 13  ? 5.965   -6.966  -14.044 1.00 43.54  ? 13  GLY A O   1 
ATOM   47   N  N   . ASN A 1 14  ? 4.118   -6.292  -15.256 1.00 40.25  ? 14  ASN A N   1 
ATOM   48   C  CA  . ASN A 1 14  ? 4.678   -5.059  -15.877 1.00 47.53  ? 14  ASN A CA  1 
ATOM   49   C  C   . ASN A 1 14  ? 3.967   -3.849  -15.267 1.00 49.54  ? 14  ASN A C   1 
ATOM   50   O  O   . ASN A 1 14  ? 3.728   -2.854  -15.996 1.00 49.79  ? 14  ASN A O   1 
ATOM   51   C  CB  . ASN A 1 14  ? 4.569   -5.083  -17.406 1.00 50.72  ? 14  ASN A CB  1 
ATOM   52   C  CG  . ASN A 1 14  ? 5.552   -6.048  -18.035 1.00 50.74  ? 14  ASN A CG  1 
ATOM   53   O  OD1 . ASN A 1 14  ? 6.719   -5.711  -18.238 1.00 49.85  ? 14  ASN A OD1 1 
ATOM   54   N  ND2 . ASN A 1 14  ? 5.092   -7.256  -18.314 1.00 47.23  ? 14  ASN A ND2 1 
ATOM   55   N  N   . TYR A 1 15  ? 3.623   -3.953  -13.979 1.00 44.97  ? 15  TYR A N   1 
ATOM   56   C  CA  . TYR A 1 15  ? 2.978   -2.869  -13.198 1.00 42.19  ? 15  TYR A CA  1 
ATOM   57   C  C   . TYR A 1 15  ? 3.871   -2.514  -12.019 1.00 38.94  ? 15  TYR A C   1 
ATOM   58   O  O   . TYR A 1 15  ? 4.539   -3.369  -11.415 1.00 39.95  ? 15  TYR A O   1 
ATOM   59   C  CB  . TYR A 1 15  ? 1.580   -3.223  -12.694 1.00 41.97  ? 15  TYR A CB  1 
ATOM   60   C  CG  . TYR A 1 15  ? 0.559   -3.531  -13.752 1.00 43.66  ? 15  TYR A CG  1 
ATOM   61   C  CD1 . TYR A 1 15  ? 0.131   -2.561  -14.644 1.00 46.03  ? 15  TYR A CD1 1 
ATOM   62   C  CD2 . TYR A 1 15  ? -0.018  -4.790  -13.836 1.00 45.42  ? 15  TYR A CD2 1 
ATOM   63   C  CE1 . TYR A 1 15  ? -0.831  -2.836  -15.603 1.00 47.58  ? 15  TYR A CE1 1 
ATOM   64   C  CE2 . TYR A 1 15  ? -0.982  -5.081  -14.787 1.00 47.27  ? 15  TYR A CE2 1 
ATOM   65   C  CZ  . TYR A 1 15  ? -1.383  -4.102  -15.680 1.00 49.43  ? 15  TYR A CZ  1 
ATOM   66   O  OH  . TYR A 1 15  ? -2.329  -4.374  -16.622 1.00 55.49  ? 15  TYR A OH  1 
ATOM   67   N  N   . ARG A 1 16  ? 3.887   -1.221  -11.732 1.00 35.20  ? 16  ARG A N   1 
ATOM   68   C  CA  . ARG A 1 16  ? 4.495   -0.634  -10.531 1.00 30.79  ? 16  ARG A CA  1 
ATOM   69   C  C   . ARG A 1 16  ? 3.354   -0.007  -9.725  1.00 27.97  ? 16  ARG A C   1 
ATOM   70   O  O   . ARG A 1 16  ? 2.655   0.846   -10.280 1.00 23.51  ? 16  ARG A O   1 
ATOM   71   C  CB  . ARG A 1 16  ? 5.547   0.371   -10.977 1.00 29.75  ? 16  ARG A CB  1 
ATOM   72   C  CG  . ARG A 1 16  ? 6.081   1.231   -9.857  1.00 29.85  ? 16  ARG A CG  1 
ATOM   73   C  CD  . ARG A 1 16  ? 7.236   2.002   -10.440 1.00 31.21  ? 16  ARG A CD  1 
ATOM   74   N  NE  . ARG A 1 16  ? 7.266   3.322   -9.873  1.00 30.88  ? 16  ARG A NE  1 
ATOM   75   C  CZ  . ARG A 1 16  ? 7.864   3.656   -8.740  1.00 30.65  ? 16  ARG A CZ  1 
ATOM   76   N  NH1 . ARG A 1 16  ? 8.491   2.752   -7.992  1.00 30.61  ? 16  ARG A NH1 1 
ATOM   77   N  NH2 . ARG A 1 16  ? 7.813   4.913   -8.349  1.00 30.60  ? 16  ARG A NH2 1 
ATOM   78   N  N   . VAL A 1 17  ? 3.117   -0.501  -8.507  1.00 24.57  ? 17  VAL A N   1 
ATOM   79   C  CA  . VAL A 1 17  ? 2.083   0.053   -7.588  1.00 21.06  ? 17  VAL A CA  1 
ATOM   80   C  C   . VAL A 1 17  ? 2.806   0.874   -6.521  1.00 18.63  ? 17  VAL A C   1 
ATOM   81   O  O   . VAL A 1 17  ? 3.623   0.347   -5.749  1.00 19.03  ? 17  VAL A O   1 
ATOM   82   C  CB  . VAL A 1 17  ? 1.230   -1.042  -6.932  1.00 21.92  ? 17  VAL A CB  1 
ATOM   83   C  CG1 . VAL A 1 17  ? 0.069   -0.425  -6.155  1.00 22.04  ? 17  VAL A CG1 1 
ATOM   84   C  CG2 . VAL A 1 17  ? 0.744   -2.032  -7.970  1.00 24.84  ? 17  VAL A CG2 1 
ATOM   85   N  N   . VAL A 1 18  ? 2.433   2.140   -6.421  1.00 20.71  ? 18  VAL A N   1 
ATOM   86   C  CA  . VAL A 1 18  ? 3.085   3.066   -5.477  1.00 18.81  ? 18  VAL A CA  1 
ATOM   87   C  C   . VAL A 1 18  ? 2.015   3.865   -4.788  1.00 17.98  ? 18  VAL A C   1 
ATOM   88   O  O   . VAL A 1 18  ? 0.902   3.950   -5.320  1.00 20.37  ? 18  VAL A O   1 
ATOM   89   C  CB  . VAL A 1 18  ? 4.109   3.986   -6.146  1.00 19.03  ? 18  VAL A CB  1 
ATOM   90   C  CG1 . VAL A 1 18  ? 5.307   3.178   -6.608  1.00 22.12  ? 18  VAL A CG1 1 
ATOM   91   C  CG2 . VAL A 1 18  ? 3.488   4.752   -7.315  1.00 21.60  ? 18  VAL A CG2 1 
ATOM   92   N  N   . ASN A 1 19  ? 2.422   4.429   -3.677  1.00 18.39  ? 19  ASN A N   1 
ATOM   93   C  CA  . ASN A 1 19  ? 1.612   5.495   -3.055  1.00 17.27  ? 19  ASN A CA  1 
ATOM   94   C  C   . ASN A 1 19  ? 1.432   6.624   -4.069  1.00 18.86  ? 19  ASN A C   1 
ATOM   95   O  O   . ASN A 1 19  ? 2.411   7.100   -4.633  1.00 19.24  ? 19  ASN A O   1 
ATOM   96   C  CB  . ASN A 1 19  ? 2.243   6.051   -1.794  1.00 19.16  ? 19  ASN A CB  1 
ATOM   97   C  CG  . ASN A 1 19  ? 2.509   4.977   -0.771  1.00 17.18  ? 19  ASN A CG  1 
ATOM   98   O  OD1 . ASN A 1 19  ? 3.561   4.346   -0.719  1.00 19.36  ? 19  ASN A OD1 1 
ATOM   99   N  ND2 . ASN A 1 19  ? 1.512   4.752   0.055   1.00 17.72  ? 19  ASN A ND2 1 
ATOM   100  N  N   . ARG A 1 20  ? 0.213   7.083   -4.223  1.00 18.30  ? 20  ARG A N   1 
ATOM   101  C  CA  . ARG A 1 20  ? -0.065  8.146   -5.203  1.00 17.86  ? 20  ARG A CA  1 
ATOM   102  C  C   . ARG A 1 20  ? 0.799   9.350   -4.858  1.00 18.85  ? 20  ARG A C   1 
ATOM   103  O  O   . ARG A 1 20  ? 1.384   9.995   -5.782  1.00 18.01  ? 20  ARG A O   1 
ATOM   104  C  CB  . ARG A 1 20  ? -1.526  8.548   -5.160  1.00 18.71  ? 20  ARG A CB  1 
ATOM   105  C  CG  . ARG A 1 20  ? -1.956  9.367   -6.361  1.00 18.06  ? 20  ARG A CG  1 
ATOM   106  C  CD  . ARG A 1 20  ? -3.439  9.743   -6.272  1.00 20.75  ? 20  ARG A CD  1 
ATOM   107  N  NE  . ARG A 1 20  ? -3.883  10.682  -7.301  1.00 22.19  ? 20  ARG A NE  1 
ATOM   108  C  CZ  . ARG A 1 20  ? -3.756  12.017  -7.262  1.00 22.65  ? 20  ARG A CZ  1 
ATOM   109  N  NH1 . ARG A 1 20  ? -3.107  12.636  -6.293  1.00 26.20  ? 20  ARG A NH1 1 
ATOM   110  N  NH2 . ARG A 1 20  ? -4.243  12.757  -8.250  1.00 25.91  ? 20  ARG A NH2 1 
ATOM   111  N  N   . HIS A 1 21  ? 0.906   9.701   -3.578  1.00 21.20  ? 21  HIS A N   1 
ATOM   112  C  CA  . HIS A 1 21  ? 1.675   10.892  -3.140  1.00 20.59  ? 21  HIS A CA  1 
ATOM   113  C  C   . HIS A 1 21  ? 3.174   10.779  -3.441  1.00 20.35  ? 21  HIS A C   1 
ATOM   114  O  O   . HIS A 1 21  ? 3.815   11.847  -3.342  1.00 24.32  ? 21  HIS A O   1 
ATOM   115  C  CB  . HIS A 1 21  ? 1.350   11.295  -1.701  1.00 19.26  ? 21  HIS A CB  1 
ATOM   116  C  CG  . HIS A 1 21  ? 1.946   10.428  -0.663  1.00 22.88  ? 21  HIS A CG  1 
ATOM   117  N  ND1 . HIS A 1 21  ? 1.294   9.321   -0.159  1.00 21.06  ? 21  HIS A ND1 1 
ATOM   118  C  CD2 . HIS A 1 21  ? 3.146   10.513  -0.038  1.00 21.94  ? 21  HIS A CD2 1 
ATOM   119  C  CE1 . HIS A 1 21  ? 2.071   8.790   0.763   1.00 24.07  ? 21  HIS A CE1 1 
ATOM   120  N  NE2 . HIS A 1 21  ? 3.211   9.481   0.846   1.00 25.43  ? 21  HIS A NE2 1 
ATOM   121  N  N   . LEU A 1 22  ? 3.730   9.583   -3.701  1.00 19.61  ? 22  LEU A N   1 
ATOM   122  C  CA  . LEU A 1 22  ? 5.162   9.330   -4.022  1.00 22.34  ? 22  LEU A CA  1 
ATOM   123  C  C   . LEU A 1 22  ? 5.352   9.050   -5.517  1.00 23.65  ? 22  LEU A C   1 
ATOM   124  O  O   . LEU A 1 22  ? 6.530   8.771   -5.940  1.00 25.89  ? 22  LEU A O   1 
ATOM   125  C  CB  . LEU A 1 22  ? 5.667   8.178   -3.152  1.00 23.72  ? 22  LEU A CB  1 
ATOM   126  C  CG  . LEU A 1 22  ? 5.640   8.471   -1.659  1.00 22.10  ? 22  LEU A CG  1 
ATOM   127  C  CD1 . LEU A 1 22  ? 6.256   7.315   -0.873  1.00 23.18  ? 22  LEU A CD1 1 
ATOM   128  C  CD2 . LEU A 1 22  ? 6.400   9.771   -1.337  1.00 24.89  ? 22  LEU A CD2 1 
ATOM   129  N  N   . ALA A 1 23  ? 4.284   9.076   -6.325  1.00 23.80  ? 23  ALA A N   1 
ATOM   130  C  CA  . ALA A 1 23  ? 4.393   8.807   -7.777  1.00 22.79  ? 23  ALA A CA  1 
ATOM   131  C  C   . ALA A 1 23  ? 5.330   9.858   -8.388  1.00 24.04  ? 23  ALA A C   1 
ATOM   132  O  O   . ALA A 1 23  ? 5.266   11.049  -7.995  1.00 19.91  ? 23  ALA A O   1 
ATOM   133  C  CB  . ALA A 1 23  ? 3.049   8.843   -8.450  1.00 19.89  ? 23  ALA A CB  1 
ATOM   134  N  N   . THR A 1 24  ? 6.151   9.394   -9.314  1.00 25.94  ? 24  THR A N   1 
ATOM   135  C  CA  . THR A 1 24  ? 7.147   10.218  -10.036 1.00 27.01  ? 24  THR A CA  1 
ATOM   136  C  C   . THR A 1 24  ? 6.515   10.765  -11.306 1.00 26.97  ? 24  THR A C   1 
ATOM   137  O  O   . THR A 1 24  ? 5.402   10.345  -11.674 1.00 25.99  ? 24  THR A O   1 
ATOM   138  C  CB  . THR A 1 24  ? 8.381   9.383   -10.395 1.00 25.90  ? 24  THR A CB  1 
ATOM   139  O  OG1 . THR A 1 24  ? 7.938   8.351   -11.264 1.00 24.85  ? 24  THR A OG1 1 
ATOM   140  C  CG2 . THR A 1 24  ? 9.032   8.778   -9.169  1.00 24.51  ? 24  THR A CG2 1 
ATOM   141  N  N   . HIS A 1 25  ? 7.211   11.691  -11.968 1.00 25.53  ? 25  HIS A N   1 
ATOM   142  C  CA  . HIS A 1 25  ? 6.832   12.159  -13.321 1.00 27.31  ? 25  HIS A CA  1 
ATOM   143  C  C   . HIS A 1 25  ? 6.702   10.945  -14.238 1.00 25.08  ? 25  HIS A C   1 
ATOM   144  O  O   . HIS A 1 25  ? 5.715   10.863  -15.007 1.00 22.32  ? 25  HIS A O   1 
ATOM   145  C  CB  . HIS A 1 25  ? 7.848   13.147  -13.902 1.00 28.59  ? 25  HIS A CB  1 
ATOM   146  C  CG  . HIS A 1 25  ? 7.637   13.328  -15.372 1.00 32.21  ? 25  HIS A CG  1 
ATOM   147  N  ND1 . HIS A 1 25  ? 6.578   14.050  -15.869 1.00 30.31  ? 25  HIS A ND1 1 
ATOM   148  C  CD2 . HIS A 1 25  ? 8.286   12.813  -16.448 1.00 33.41  ? 25  HIS A CD2 1 
ATOM   149  C  CE1 . HIS A 1 25  ? 6.630   14.047  -17.186 1.00 29.98  ? 25  HIS A CE1 1 
ATOM   150  N  NE2 . HIS A 1 25  ? 7.665   13.284  -17.575 1.00 34.21  ? 25  HIS A NE2 1 
ATOM   151  N  N   . ASN A 1 26  ? 7.664   10.020  -14.149 1.00 26.58  ? 26  ASN A N   1 
ATOM   152  C  CA  . ASN A 1 26  ? 7.683   8.817   -15.012 1.00 28.87  ? 26  ASN A CA  1 
ATOM   153  C  C   . ASN A 1 26  ? 6.396   8.007   -14.781 1.00 24.40  ? 26  ASN A C   1 
ATOM   154  O  O   . ASN A 1 26  ? 5.826   7.525   -15.730 1.00 21.94  ? 26  ASN A O   1 
ATOM   155  C  CB  . ASN A 1 26  ? 8.932   7.971   -14.782 1.00 32.92  ? 26  ASN A CB  1 
ATOM   156  C  CG  . ASN A 1 26  ? 9.026   6.849   -15.795 1.00 37.94  ? 26  ASN A CG  1 
ATOM   157  O  OD1 . ASN A 1 26  ? 9.414   7.078   -16.941 1.00 42.08  ? 26  ASN A OD1 1 
ATOM   158  N  ND2 . ASN A 1 26  ? 8.628   5.647   -15.403 1.00 34.03  ? 26  ASN A ND2 1 
ATOM   159  N  N   . ASP A 1 27  ? 5.951   7.865   -13.525 1.00 27.13  ? 27  ASP A N   1 
ATOM   160  C  CA  . ASP A 1 27  ? 4.731   7.090   -13.195 1.00 25.13  ? 27  ASP A CA  1 
ATOM   161  C  C   . ASP A 1 27  ? 3.500   7.725   -13.855 1.00 23.81  ? 27  ASP A C   1 
ATOM   162  O  O   . ASP A 1 27  ? 2.666   6.991   -14.455 1.00 22.97  ? 27  ASP A O   1 
ATOM   163  C  CB  . ASP A 1 27  ? 4.487   6.975   -11.688 1.00 25.97  ? 27  ASP A CB  1 
ATOM   164  C  CG  . ASP A 1 27  ? 5.450   6.103   -10.906 1.00 26.37  ? 27  ASP A CG  1 
ATOM   165  O  OD1 . ASP A 1 27  ? 5.808   5.012   -11.404 1.00 28.14  ? 27  ASP A OD1 1 
ATOM   166  O  OD2 . ASP A 1 27  ? 5.869   6.536   -9.800  1.00 25.07  ? 27  ASP A OD2 1 
ATOM   167  N  N   . TRP A 1 28  ? 3.356   9.054   -13.729 1.00 25.68  ? 28  TRP A N   1 
ATOM   168  C  CA  . TRP A 1 28  ? 2.243   9.837   -14.323 1.00 23.18  ? 28  TRP A CA  1 
ATOM   169  C  C   . TRP A 1 28  ? 2.289   9.780   -15.858 1.00 24.17  ? 28  TRP A C   1 
ATOM   170  O  O   . TRP A 1 28  ? 1.215   9.754   -16.470 1.00 24.26  ? 28  TRP A O   1 
ATOM   171  C  CB  . TRP A 1 28  ? 2.284   11.287  -13.824 1.00 22.25  ? 28  TRP A CB  1 
ATOM   172  C  CG  . TRP A 1 28  ? 1.736   11.444  -12.444 1.00 23.30  ? 28  TRP A CG  1 
ATOM   173  C  CD1 . TRP A 1 28  ? 2.436   11.649  -11.293 1.00 21.64  ? 28  TRP A CD1 1 
ATOM   174  C  CD2 . TRP A 1 28  ? 0.348   11.414  -12.084 1.00 19.56  ? 28  TRP A CD2 1 
ATOM   175  N  NE1 . TRP A 1 28  ? 1.577   11.795  -10.235 1.00 22.88  ? 28  TRP A NE1 1 
ATOM   176  C  CE2 . TRP A 1 28  ? 0.284   11.648  -10.688 1.00 19.27  ? 28  TRP A CE2 1 
ATOM   177  C  CE3 . TRP A 1 28  ? -0.834  11.227  -12.794 1.00 18.11  ? 28  TRP A CE3 1 
ATOM   178  C  CZ2 . TRP A 1 28  ? -0.933  11.689  -10.001 1.00 20.89  ? 28  TRP A CZ2 1 
ATOM   179  C  CZ3 . TRP A 1 28  ? -2.030  11.306  -12.114 1.00 21.02  ? 28  TRP A CZ3 1 
ATOM   180  C  CH2 . TRP A 1 28  ? -2.071  11.465  -10.734 1.00 20.08  ? 28  TRP A CH2 1 
ATOM   181  N  N   . ALA A 1 29  ? 3.508   9.731   -16.420 1.00 23.87  ? 29  ALA A N   1 
ATOM   182  C  CA  . ALA A 1 29  ? 3.778   9.692   -17.871 1.00 25.63  ? 29  ALA A CA  1 
ATOM   183  C  C   . ALA A 1 29  ? 3.537   8.271   -18.419 1.00 30.38  ? 29  ALA A C   1 
ATOM   184  O  O   . ALA A 1 29  ? 3.509   8.098   -19.656 1.00 31.86  ? 29  ALA A O   1 
ATOM   185  C  CB  . ALA A 1 29  ? 5.187   10.189  -18.101 1.00 22.30  ? 29  ALA A CB  1 
ATOM   186  N  N   . ASN A 1 30  ? 3.389   7.272   -17.531 1.00 29.63  ? 30  ASN A N   1 
ATOM   187  C  CA  . ASN A 1 30  ? 3.174   5.845   -17.898 1.00 30.66  ? 30  ASN A CA  1 
ATOM   188  C  C   . ASN A 1 30  ? 2.033   5.307   -17.040 1.00 30.46  ? 30  ASN A C   1 
ATOM   189  O  O   . ASN A 1 30  ? 2.140   4.174   -16.508 1.00 33.43  ? 30  ASN A O   1 
ATOM   190  C  CB  . ASN A 1 30  ? 4.447   5.022   -17.727 1.00 35.70  ? 30  ASN A CB  1 
ATOM   191  C  CG  . ASN A 1 30  ? 5.531   5.409   -18.706 1.00 36.27  ? 30  ASN A CG  1 
ATOM   192  O  OD1 . ASN A 1 30  ? 5.475   5.022   -19.869 1.00 42.50  ? 30  ASN A OD1 1 
ATOM   193  N  ND2 . ASN A 1 30  ? 6.509   6.166   -18.238 1.00 38.52  ? 30  ASN A ND2 1 
ATOM   194  N  N   . LEU A 1 31  ? 1.002   6.131   -16.859 1.00 29.86  ? 31  LEU A N   1 
ATOM   195  C  CA  . LEU A 1 31  ? -0.086  5.894   -15.892 1.00 28.81  ? 31  LEU A CA  1 
ATOM   196  C  C   . LEU A 1 31  ? -0.974  4.761   -16.406 1.00 33.98  ? 31  LEU A C   1 
ATOM   197  O  O   . LEU A 1 31  ? -1.268  4.745   -17.615 1.00 35.89  ? 31  LEU A O   1 
ATOM   198  C  CB  . LEU A 1 31  ? -0.897  7.177   -15.732 1.00 24.80  ? 31  LEU A CB  1 
ATOM   199  C  CG  . LEU A 1 31  ? -2.013  7.048   -14.704 1.00 27.44  ? 31  LEU A CG  1 
ATOM   200  C  CD1 . LEU A 1 31  ? -1.414  6.684   -13.360 1.00 27.40  ? 31  LEU A CD1 1 
ATOM   201  C  CD2 . LEU A 1 31  ? -2.850  8.295   -14.616 1.00 27.74  ? 31  LEU A CD2 1 
ATOM   202  N  N   . VAL A 1 32  ? -1.394  3.870   -15.504 1.00 34.53  ? 32  VAL A N   1 
ATOM   203  C  CA  . VAL A 1 32  ? -2.436  2.835   -15.750 1.00 30.36  ? 32  VAL A CA  1 
ATOM   204  C  C   . VAL A 1 32  ? -3.697  3.221   -14.971 1.00 31.44  ? 32  VAL A C   1 
ATOM   205  O  O   . VAL A 1 32  ? -4.789  3.196   -15.544 1.00 30.69  ? 32  VAL A O   1 
ATOM   206  C  CB  . VAL A 1 32  ? -1.881  1.455   -15.363 1.00 33.62  ? 32  VAL A CB  1 
ATOM   207  C  CG1 . VAL A 1 32  ? -2.943  0.367   -15.408 1.00 33.02  ? 32  VAL A CG1 1 
ATOM   208  C  CG2 . VAL A 1 32  ? -0.667  1.103   -16.208 1.00 34.76  ? 32  VAL A CG2 1 
ATOM   209  N  N   . TRP A 1 33  ? -3.570  3.608   -13.699 1.00 27.78  ? 33  TRP A N   1 
ATOM   210  C  CA  . TRP A 1 33  ? -4.751  3.864   -12.843 1.00 28.65  ? 33  TRP A CA  1 
ATOM   211  C  C   . TRP A 1 33  ? -4.302  4.586   -11.568 1.00 24.63  ? 33  TRP A C   1 
ATOM   212  O  O   . TRP A 1 33  ? -3.142  4.308   -11.104 1.00 24.85  ? 33  TRP A O   1 
ATOM   213  C  CB  . TRP A 1 33  ? -5.462  2.534   -12.552 1.00 29.61  ? 33  TRP A CB  1 
ATOM   214  C  CG  . TRP A 1 33  ? -6.488  2.601   -11.475 1.00 30.67  ? 33  TRP A CG  1 
ATOM   215  C  CD1 . TRP A 1 33  ? -7.800  2.950   -11.596 1.00 33.50  ? 33  TRP A CD1 1 
ATOM   216  C  CD2 . TRP A 1 33  ? -6.276  2.294   -10.085 1.00 28.78  ? 33  TRP A CD2 1 
ATOM   217  N  NE1 . TRP A 1 33  ? -8.414  2.901   -10.372 1.00 34.15  ? 33  TRP A NE1 1 
ATOM   218  C  CE2 . TRP A 1 33  ? -7.508  2.476   -9.430  1.00 30.44  ? 33  TRP A CE2 1 
ATOM   219  C  CE3 . TRP A 1 33  ? -5.178  1.853   -9.348  1.00 29.72  ? 33  TRP A CE3 1 
ATOM   220  C  CZ2 . TRP A 1 33  ? -7.657  2.254   -8.063  1.00 29.89  ? 33  TRP A CZ2 1 
ATOM   221  C  CZ3 . TRP A 1 33  ? -5.329  1.607   -8.002  1.00 28.42  ? 33  TRP A CZ3 1 
ATOM   222  C  CH2 . TRP A 1 33  ? -6.544  1.845   -7.368  1.00 26.58  ? 33  TRP A CH2 1 
ATOM   223  N  N   . GLU A 1 34  ? -5.130  5.504   -11.076 1.00 25.77  ? 34  GLU A N   1 
ATOM   224  C  CA  . GLU A 1 34  ? -4.849  6.216   -9.807  1.00 25.90  ? 34  GLU A CA  1 
ATOM   225  C  C   . GLU A 1 34  ? -6.144  6.568   -9.085  1.00 29.78  ? 34  GLU A C   1 
ATOM   226  O  O   . GLU A 1 34  ? -7.170  6.820   -9.746  1.00 33.98  ? 34  GLU A O   1 
ATOM   227  C  CB  . GLU A 1 34  ? -3.932  7.419   -10.022 1.00 26.74  ? 34  GLU A CB  1 
ATOM   228  C  CG  . GLU A 1 34  ? -4.458  8.490   -10.968 1.00 25.97  ? 34  GLU A CG  1 
ATOM   229  C  CD  . GLU A 1 34  ? -5.537  9.399   -10.414 1.00 26.45  ? 34  GLU A CD  1 
ATOM   230  O  OE1 . GLU A 1 34  ? -6.309  9.918   -11.243 1.00 29.43  ? 34  GLU A OE1 1 
ATOM   231  O  OE2 . GLU A 1 34  ? -5.572  9.630   -9.167  1.00 26.23  ? 34  GLU A OE2 1 
ATOM   232  N  N   . ASP A 1 35  ? -6.088  6.479   -7.755  1.00 24.73  ? 35  ASP A N   1 
ATOM   233  C  CA  . ASP A 1 35  ? -7.203  6.805   -6.830  1.00 25.49  ? 35  ASP A CA  1 
ATOM   234  C  C   . ASP A 1 35  ? -6.628  7.565   -5.634  1.00 27.41  ? 35  ASP A C   1 
ATOM   235  O  O   . ASP A 1 35  ? -5.870  6.940   -4.839  1.00 26.18  ? 35  ASP A O   1 
ATOM   236  C  CB  . ASP A 1 35  ? -7.902  5.497   -6.475  1.00 26.60  ? 35  ASP A CB  1 
ATOM   237  C  CG  . ASP A 1 35  ? -9.193  5.704   -5.738  1.00 26.71  ? 35  ASP A CG  1 
ATOM   238  O  OD1 . ASP A 1 35  ? -9.225  6.570   -4.855  1.00 30.12  ? 35  ASP A OD1 1 
ATOM   239  O  OD2 . ASP A 1 35  ? -10.145 4.946   -6.040  1.00 37.59  ? 35  ASP A OD2 1 
ATOM   240  N  N   A SER A 1 36  ? -6.909  8.869   -5.546  0.25 27.10  ? 36  SER A N   1 
ATOM   241  N  N   B SER A 1 36  ? -6.909  8.869   -5.546  0.25 27.10  ? 36  SER A N   1 
ATOM   242  C  CA  A SER A 1 36  ? -6.489  9.740   -4.420  0.25 27.14  ? 36  SER A CA  1 
ATOM   243  C  CA  B SER A 1 36  ? -6.484  9.737   -4.418  0.25 29.06  ? 36  SER A CA  1 
ATOM   244  C  C   A SER A 1 36  ? -7.117  9.228   -3.116  0.25 27.19  ? 36  SER A C   1 
ATOM   245  C  C   B SER A 1 36  ? -7.117  9.228   -3.116  0.25 27.19  ? 36  SER A C   1 
ATOM   246  O  O   A SER A 1 36  ? -6.427  9.203   -2.114  0.25 27.20  ? 36  SER A O   1 
ATOM   247  O  O   B SER A 1 36  ? -6.427  9.203   -2.114  0.25 27.20  ? 36  SER A O   1 
ATOM   248  C  CB  A SER A 1 36  ? -6.844  11.177  -4.690  0.25 26.62  ? 36  SER A CB  1 
ATOM   249  C  CB  B SER A 1 36  ? -6.812  11.190  -4.668  0.25 30.54  ? 36  SER A CB  1 
ATOM   250  O  OG  A SER A 1 36  ? -6.375  12.016  -3.654  0.25 24.68  ? 36  SER A OG  1 
ATOM   251  O  OG  B SER A 1 36  ? -8.085  11.325  -5.285  0.25 34.92  ? 36  SER A OG  1 
ATOM   252  N  N   . SER A 1 37  ? -8.384  8.804   -3.152  1.00 29.69  ? 37  SER A N   1 
ATOM   253  C  CA  . SER A 1 37  ? -9.080  8.320   -1.933  1.00 30.95  ? 37  SER A CA  1 
ATOM   254  C  C   . SER A 1 37  ? -8.344  7.099   -1.372  1.00 30.10  ? 37  SER A C   1 
ATOM   255  O  O   . SER A 1 37  ? -8.456  6.874   -0.178  1.00 30.08  ? 37  SER A O   1 
ATOM   256  C  CB  . SER A 1 37  ? -10.542 8.003   -2.166  1.00 29.15  ? 37  SER A CB  1 
ATOM   257  O  OG  . SER A 1 37  ? -10.722 6.881   -3.015  1.00 36.27  ? 37  SER A OG  1 
ATOM   258  N  N   . ARG A 1 38  ? -7.600  6.363   -2.194  1.00 26.71  ? 38  ARG A N   1 
ATOM   259  C  CA  . ARG A 1 38  ? -6.890  5.112   -1.783  1.00 28.81  ? 38  ARG A CA  1 
ATOM   260  C  C   . ARG A 1 38  ? -5.384  5.351   -1.611  1.00 27.54  ? 38  ARG A C   1 
ATOM   261  O  O   . ARG A 1 38  ? -4.679  4.426   -1.129  1.00 28.38  ? 38  ARG A O   1 
ATOM   262  C  CB  . ARG A 1 38  ? -7.111  4.023   -2.825  1.00 28.26  ? 38  ARG A CB  1 
ATOM   263  C  CG  . ARG A 1 38  ? -8.551  3.547   -2.913  1.00 30.18  ? 38  ARG A CG  1 
ATOM   264  C  CD  . ARG A 1 38  ? -8.679  2.406   -3.895  1.00 29.93  ? 38  ARG A CD  1 
ATOM   265  N  NE  . ARG A 1 38  ? -8.128  1.140   -3.410  1.00 30.56  ? 38  ARG A NE  1 
ATOM   266  C  CZ  . ARG A 1 38  ? -8.470  -0.070  -3.876  1.00 31.55  ? 38  ARG A CZ  1 
ATOM   267  N  NH1 . ARG A 1 38  ? -9.375  -0.195  -4.840  1.00 29.78  ? 38  ARG A NH1 1 
ATOM   268  N  NH2 . ARG A 1 38  ? -7.921  -1.166  -3.380  1.00 28.18  ? 38  ARG A NH2 1 
ATOM   269  N  N   . ASP A 1 39  ? -4.921  6.538   -1.999  1.00 26.40  ? 39  ASP A N   1 
ATOM   270  C  CA  . ASP A 1 39  ? -3.487  6.871   -2.028  1.00 22.02  ? 39  ASP A CA  1 
ATOM   271  C  C   . ASP A 1 39  ? -2.767  5.855   -2.906  1.00 18.67  ? 39  ASP A C   1 
ATOM   272  O  O   . ASP A 1 39  ? -1.663  5.577   -2.539  1.00 17.36  ? 39  ASP A O   1 
ATOM   273  C  CB  . ASP A 1 39  ? -2.882  6.894   -0.622  1.00 21.46  ? 39  ASP A CB  1 
ATOM   274  C  CG  . ASP A 1 39  ? -1.431  7.285   -0.569  1.00 21.44  ? 39  ASP A CG  1 
ATOM   275  O  OD1 . ASP A 1 39  ? -1.037  8.152   -1.358  1.00 21.15  ? 39  ASP A OD1 1 
ATOM   276  O  OD2 . ASP A 1 39  ? -0.741  6.722   0.269   1.00 21.81  ? 39  ASP A OD2 1 
ATOM   277  N  N   . LEU A 1 40  ? -3.330  5.417   -4.045  1.00 18.64  ? 40  LEU A N   1 
ATOM   278  C  CA  . LEU A 1 40  ? -2.694  4.415   -4.938  1.00 16.02  ? 40  LEU A CA  1 
ATOM   279  C  C   . LEU A 1 40  ? -2.576  4.990   -6.340  1.00 18.54  ? 40  LEU A C   1 
ATOM   280  O  O   . LEU A 1 40  ? -3.492  5.694   -6.800  1.00 19.50  ? 40  LEU A O   1 
ATOM   281  C  CB  . LEU A 1 40  ? -3.485  3.099   -4.953  1.00 16.68  ? 40  LEU A CB  1 
ATOM   282  C  CG  . LEU A 1 40  ? -3.401  2.152   -3.753  1.00 17.65  ? 40  LEU A CG  1 
ATOM   283  C  CD1 . LEU A 1 40  ? -4.301  0.972   -4.084  1.00 18.58  ? 40  LEU A CD1 1 
ATOM   284  C  CD2 . LEU A 1 40  ? -1.978  1.687   -3.437  1.00 18.63  ? 40  LEU A CD2 1 
ATOM   285  N  N   . LEU A 1 41  ? -1.463  4.619   -6.928  1.00 18.32  ? 41  LEU A N   1 
ATOM   286  C  CA  . LEU A 1 41  ? -1.153  4.931   -8.335  1.00 19.03  ? 41  LEU A CA  1 
ATOM   287  C  C   . LEU A 1 41  ? -0.457  3.719   -8.923  1.00 21.55  ? 41  LEU A C   1 
ATOM   288  O  O   . LEU A 1 41  ? 0.428   3.119   -8.251  1.00 20.86  ? 41  LEU A O   1 
ATOM   289  C  CB  . LEU A 1 41  ? -0.289  6.189   -8.501  1.00 18.29  ? 41  LEU A CB  1 
ATOM   290  C  CG  . LEU A 1 41  ? -0.123  6.651   -9.954  1.00 19.24  ? 41  LEU A CG  1 
ATOM   291  C  CD1 . LEU A 1 41  ? -0.081  8.161   -10.095 1.00 23.03  ? 41  LEU A CD1 1 
ATOM   292  C  CD2 . LEU A 1 41  ? 1.138   6.031   -10.519 1.00 17.21  ? 41  LEU A CD2 1 
ATOM   293  N  N   . VAL A 1 42  ? -0.880  3.341   -10.122 1.00 22.85  ? 42  VAL A N   1 
ATOM   294  C  CA  . VAL A 1 42  ? -0.243  2.207   -10.827 1.00 21.69  ? 42  VAL A CA  1 
ATOM   295  C  C   . VAL A 1 42  ? 0.255   2.715   -12.171 1.00 22.40  ? 42  VAL A C   1 
ATOM   296  O  O   . VAL A 1 42  ? -0.543  3.347   -12.851 1.00 26.82  ? 42  VAL A O   1 
ATOM   297  C  CB  . VAL A 1 42  ? -1.162  0.987   -10.963 1.00 21.50  ? 42  VAL A CB  1 
ATOM   298  C  CG1 . VAL A 1 42  ? -0.413  -0.120  -11.693 1.00 24.17  ? 42  VAL A CG1 1 
ATOM   299  C  CG2 . VAL A 1 42  ? -1.679  0.514   -9.623  1.00 22.71  ? 42  VAL A CG2 1 
ATOM   300  N  N   . SER A 1 43  ? 1.518   2.426   -12.470 1.00 24.43  ? 43  SER A N   1 
ATOM   301  C  CA  . SER A 1 43  ? 2.216   2.789   -13.736 1.00 28.00  ? 43  SER A CA  1 
ATOM   302  C  C   . SER A 1 43  ? 2.729   1.512   -14.418 1.00 33.14  ? 43  SER A C   1 
ATOM   303  O  O   . SER A 1 43  ? 2.716   0.445   -13.777 1.00 34.37  ? 43  SER A O   1 
ATOM   304  C  CB  . SER A 1 43  ? 3.342   3.772   -13.492 1.00 24.22  ? 43  SER A CB  1 
ATOM   305  O  OG  . SER A 1 43  ? 4.334   3.236   -12.625 1.00 25.87  ? 43  SER A OG  1 
ATOM   306  N  N   . SER A 1 44  ? 3.162   1.623   -15.674 1.00 37.05  ? 44  SER A N   1 
ATOM   307  C  CA  . SER A 1 44  ? 3.662   0.501   -16.515 1.00 38.17  ? 44  SER A CA  1 
ATOM   308  C  C   . SER A 1 44  ? 5.184   0.386   -16.395 1.00 42.68  ? 44  SER A C   1 
ATOM   309  O  O   . SER A 1 44  ? 5.849   1.425   -16.184 1.00 40.03  ? 44  SER A O   1 
ATOM   310  C  CB  . SER A 1 44  ? 3.252   0.695   -17.932 1.00 40.25  ? 44  SER A CB  1 
ATOM   311  O  OG  . SER A 1 44  ? 3.860   1.866   -18.446 1.00 42.01  ? 44  SER A OG  1 
ATOM   312  N  N   . THR A 1 45  ? 5.710   -0.837  -16.520 1.00 43.82  ? 45  THR A N   1 
ATOM   313  C  CA  . THR A 1 45  ? 7.161   -1.142  -16.438 1.00 48.61  ? 45  THR A CA  1 
ATOM   314  C  C   . THR A 1 45  ? 7.601   -1.818  -17.744 1.00 48.62  ? 45  THR A C   1 
ATOM   315  O  O   . THR A 1 45  ? 6.730   -2.294  -18.495 1.00 42.99  ? 45  THR A O   1 
ATOM   316  C  CB  . THR A 1 45  ? 7.476   -1.982  -15.188 1.00 50.67  ? 45  THR A CB  1 
ATOM   317  O  OG1 . THR A 1 45  ? 6.886   -3.271  -15.340 1.00 53.39  ? 45  THR A OG1 1 
ATOM   318  C  CG2 . THR A 1 45  ? 6.966   -1.356  -13.906 1.00 50.99  ? 45  THR A CG2 1 
ATOM   319  N  N   . THR A 1 46  ? 8.905   -1.848  -18.014 1.00 54.62  ? 46  THR A N   1 
ATOM   320  C  CA  . THR A 1 46  ? 9.476   -2.572  -19.183 1.00 56.58  ? 46  THR A CA  1 
ATOM   321  C  C   . THR A 1 46  ? 9.819   -3.994  -18.709 1.00 59.50  ? 46  THR A C   1 
ATOM   322  O  O   . THR A 1 46  ? 9.255   -4.952  -19.275 1.00 59.09  ? 46  THR A O   1 
ATOM   323  C  CB  . THR A 1 46  ? 10.590  -1.747  -19.843 1.00 56.45  ? 46  THR A CB  1 
ATOM   324  O  OG1 . THR A 1 46  ? 11.624  -1.479  -18.897 1.00 58.75  ? 46  THR A OG1 1 
ATOM   325  C  CG2 . THR A 1 46  ? 10.082  -0.428  -20.388 1.00 57.36  ? 46  THR A CG2 1 
ATOM   326  N  N   . ALA A 1 47  ? 10.638  -4.125  -17.659 1.00 58.79  ? 47  ALA A N   1 
ATOM   327  C  CA  . ALA A 1 47  ? 10.992  -5.422  -17.030 1.00 62.50  ? 47  ALA A CA  1 
ATOM   328  C  C   . ALA A 1 47  ? 9.816   -5.930  -16.181 1.00 62.43  ? 47  ALA A C   1 
ATOM   329  O  O   . ALA A 1 47  ? 9.097   -5.088  -15.589 1.00 60.72  ? 47  ALA A O   1 
ATOM   330  C  CB  . ALA A 1 47  ? 12.247  -5.277  -16.202 1.00 63.31  ? 47  ALA A CB  1 
ATOM   331  N  N   . GLN A 1 48  ? 9.631   -7.256  -16.126 1.00 58.76  ? 48  GLN A N   1 
ATOM   332  C  CA  . GLN A 1 48  ? 8.604   -7.921  -15.278 1.00 57.05  ? 48  GLN A CA  1 
ATOM   333  C  C   . GLN A 1 48  ? 9.105   -7.967  -13.832 1.00 54.66  ? 48  GLN A C   1 
ATOM   334  O  O   . GLN A 1 48  ? 10.344  -7.931  -13.625 1.00 51.91  ? 48  GLN A O   1 
ATOM   335  C  CB  . GLN A 1 48  ? 8.264   -9.319  -15.796 1.00 61.58  ? 48  GLN A CB  1 
ATOM   336  C  CG  . GLN A 1 48  ? 7.220   -9.309  -16.903 1.00 63.94  ? 48  GLN A CG  1 
ATOM   337  C  CD  . GLN A 1 48  ? 6.542   -10.648 -17.069 1.00 68.17  ? 48  GLN A CD  1 
ATOM   338  O  OE1 . GLN A 1 48  ? 7.187   -11.648 -17.384 1.00 74.34  ? 48  GLN A OE1 1 
ATOM   339  N  NE2 . GLN A 1 48  ? 5.231   -10.681 -16.859 1.00 69.81  ? 48  GLN A NE2 1 
ATOM   340  N  N   . GLY A 1 49  ? 8.177   -8.022  -12.870 1.00 52.04  ? 49  GLY A N   1 
ATOM   341  C  CA  . GLY A 1 49  ? 8.474   -7.870  -11.427 1.00 50.25  ? 49  GLY A CA  1 
ATOM   342  C  C   . GLY A 1 49  ? 8.341   -9.182  -10.674 1.00 46.32  ? 49  GLY A C   1 
ATOM   343  O  O   . GLY A 1 49  ? 7.605   -10.063 -11.181 1.00 46.46  ? 49  GLY A O   1 
ATOM   344  N  N   . CYS A 1 50  ? 8.969   -9.275  -9.490  1.00 38.64  ? 50  CYS A N   1 
ATOM   345  C  CA  . CYS A 1 50  ? 9.136   -10.524 -8.684  1.00 39.92  ? 50  CYS A CA  1 
ATOM   346  C  C   . CYS A 1 50  ? 8.023   -10.743 -7.642  1.00 40.62  ? 50  CYS A C   1 
ATOM   347  O  O   . CYS A 1 50  ? 8.100   -11.799 -6.941  1.00 38.30  ? 50  CYS A O   1 
ATOM   348  C  CB  . CYS A 1 50  ? 10.462  -10.514 -7.926  1.00 38.06  ? 50  CYS A CB  1 
ATOM   349  S  SG  . CYS A 1 50  ? 11.919  -10.658 -8.996  1.00 42.52  ? 50  CYS A SG  1 
ATOM   350  N  N   . ASP A 1 51  ? 7.067   -9.810  -7.487  1.00 39.76  ? 51  ASP A N   1 
ATOM   351  C  CA  . ASP A 1 51  ? 5.984   -9.895  -6.455  1.00 40.12  ? 51  ASP A CA  1 
ATOM   352  C  C   . ASP A 1 51  ? 4.700   -10.495 -7.037  1.00 34.93  ? 51  ASP A C   1 
ATOM   353  O  O   . ASP A 1 51  ? 4.439   -10.264 -8.218  1.00 38.47  ? 51  ASP A O   1 
ATOM   354  C  CB  . ASP A 1 51  ? 5.623   -8.533  -5.864  1.00 35.65  ? 51  ASP A CB  1 
ATOM   355  C  CG  . ASP A 1 51  ? 6.802   -7.769  -5.307  1.00 41.06  ? 51  ASP A CG  1 
ATOM   356  O  OD1 . ASP A 1 51  ? 7.574   -8.352  -4.494  1.00 43.05  ? 51  ASP A OD1 1 
ATOM   357  O  OD2 . ASP A 1 51  ? 6.933   -6.587  -5.678  1.00 37.82  ? 51  ASP A OD2 1 
ATOM   358  N  N   . THR A 1 52  ? 3.951   -11.200 -6.178  1.00 32.92  ? 52  THR A N   1 
ATOM   359  C  CA  . THR A 1 52  ? 2.626   -11.841 -6.367  1.00 31.21  ? 52  THR A CA  1 
ATOM   360  C  C   . THR A 1 52  ? 1.600   -11.207 -5.409  1.00 28.19  ? 52  THR A C   1 
ATOM   361  O  O   . THR A 1 52  ? 1.937   -11.038 -4.204  1.00 28.44  ? 52  THR A O   1 
ATOM   362  C  CB  . THR A 1 52  ? 2.719   -13.346 -6.055  1.00 36.39  ? 52  THR A CB  1 
ATOM   363  O  OG1 . THR A 1 52  ? 3.651   -13.922 -6.978  1.00 37.87  ? 52  THR A OG1 1 
ATOM   364  C  CG2 . THR A 1 52  ? 1.380   -14.054 -6.113  1.00 37.96  ? 52  THR A CG2 1 
ATOM   365  N  N   . ILE A 1 53  ? 0.381   -10.957 -5.880  1.00 25.14  ? 53  ILE A N   1 
ATOM   366  C  CA  . ILE A 1 53  ? -0.676  -10.280 -5.085  1.00 24.22  ? 53  ILE A CA  1 
ATOM   367  C  C   . ILE A 1 53  ? -1.484  -11.354 -4.361  1.00 29.42  ? 53  ILE A C   1 
ATOM   368  O  O   . ILE A 1 53  ? -1.926  -12.330 -5.013  1.00 30.80  ? 53  ILE A O   1 
ATOM   369  C  CB  . ILE A 1 53  ? -1.594  -9.397  -5.950  1.00 25.33  ? 53  ILE A CB  1 
ATOM   370  C  CG1 . ILE A 1 53  ? -0.812  -8.410  -6.829  1.00 23.70  ? 53  ILE A CG1 1 
ATOM   371  C  CG2 . ILE A 1 53  ? -2.636  -8.690  -5.112  1.00 24.43  ? 53  ILE A CG2 1 
ATOM   372  C  CD1 . ILE A 1 53  ? 0.159   -7.503  -6.080  1.00 21.30  ? 53  ILE A CD1 1 
ATOM   373  N  N   . ALA A 1 54  ? -1.702  -11.161 -3.066  1.00 23.22  ? 54  ALA A N   1 
ATOM   374  C  CA  . ALA A 1 54  ? -2.635  -11.976 -2.258  1.00 27.06  ? 54  ALA A CA  1 
ATOM   375  C  C   . ALA A 1 54  ? -4.071  -11.800 -2.773  1.00 24.24  ? 54  ALA A C   1 
ATOM   376  O  O   . ALA A 1 54  ? -4.530  -10.620 -3.065  1.00 26.33  ? 54  ALA A O   1 
ATOM   377  C  CB  . ALA A 1 54  ? -2.510  -11.589 -0.801  1.00 24.45  ? 54  ALA A CB  1 
ATOM   378  N  N   . ARG A 1 55  ? -4.796  -12.923 -2.883  1.00 24.37  ? 55  ARG A N   1 
ATOM   379  C  CA  . ARG A 1 55  ? -6.251  -12.914 -3.155  1.00 25.06  ? 55  ARG A CA  1 
ATOM   380  C  C   . ARG A 1 55  ? -6.910  -13.684 -2.016  1.00 22.55  ? 55  ARG A C   1 
ATOM   381  O  O   . ARG A 1 55  ? -6.897  -14.917 -2.058  1.00 28.09  ? 55  ARG A O   1 
ATOM   382  C  CB  . ARG A 1 55  ? -6.559  -13.475 -4.548  1.00 28.49  ? 55  ARG A CB  1 
ATOM   383  C  CG  . ARG A 1 55  ? -5.759  -12.823 -5.674  1.00 29.53  ? 55  ARG A CG  1 
ATOM   384  C  CD  . ARG A 1 55  ? -6.201  -11.391 -5.932  1.00 28.15  ? 55  ARG A CD  1 
ATOM   385  N  NE  . ARG A 1 55  ? -5.357  -10.758 -6.947  1.00 34.56  ? 55  ARG A NE  1 
ATOM   386  C  CZ  . ARG A 1 55  ? -5.286  -9.445  -7.147  1.00 30.19  ? 55  ARG A CZ  1 
ATOM   387  N  NH1 . ARG A 1 55  ? -6.011  -8.609  -6.427  1.00 29.57  ? 55  ARG A NH1 1 
ATOM   388  N  NH2 . ARG A 1 55  ? -4.492  -8.965  -8.086  1.00 35.94  ? 55  ARG A NH2 1 
ATOM   389  N  N   . CYS A 1 56  ? -7.486  -12.957 -1.056  1.00 23.48  ? 56  CYS A N   1 
ATOM   390  C  CA  . CYS A 1 56  ? -7.776  -13.504 0.284   1.00 22.60  ? 56  CYS A CA  1 
ATOM   391  C  C   . CYS A 1 56  ? -8.403  -12.441 1.173   1.00 24.45  ? 56  CYS A C   1 
ATOM   392  O  O   . CYS A 1 56  ? -8.429  -11.243 0.810   1.00 26.97  ? 56  CYS A O   1 
ATOM   393  C  CB  . CYS A 1 56  ? -6.504  -14.027 0.941   1.00 22.94  ? 56  CYS A CB  1 
ATOM   394  S  SG  . CYS A 1 56  ? -5.429  -12.683 1.525   1.00 22.92  ? 56  CYS A SG  1 
ATOM   395  N  N   A ASP A 1 57  ? -8.910  -12.845 2.342   0.25 25.50  ? 57  ASP A N   1 
ATOM   396  N  N   B ASP A 1 57  ? -8.756  -12.941 2.358   0.25 26.30  ? 57  ASP A N   1 
ATOM   397  C  CA  A ASP A 1 57  ? -9.361  -11.901 3.394   0.25 24.72  ? 57  ASP A CA  1 
ATOM   398  C  CA  B ASP A 1 57  ? -9.477  -12.268 3.455   0.25 25.70  ? 57  ASP A CA  1 
ATOM   399  C  C   A ASP A 1 57  ? -8.571  -12.158 4.690   0.25 26.09  ? 57  ASP A C   1 
ATOM   400  C  C   B ASP A 1 57  ? -8.583  -12.212 4.710   0.25 26.30  ? 57  ASP A C   1 
ATOM   401  O  O   A ASP A 1 57  ? -9.132  -12.015 5.773   0.25 25.42  ? 57  ASP A O   1 
ATOM   402  O  O   B ASP A 1 57  ? -9.104  -11.913 5.793   0.25 26.16  ? 57  ASP A O   1 
ATOM   403  C  CB  A ASP A 1 57  ? -10.869 -11.975 3.604   0.25 24.83  ? 57  ASP A CB  1 
ATOM   404  C  CB  B ASP A 1 57  ? -10.748 -13.059 3.736   0.25 26.32  ? 57  ASP A CB  1 
ATOM   405  C  CG  A ASP A 1 57  ? -11.314 -13.261 4.264   0.25 24.71  ? 57  ASP A CG  1 
ATOM   406  C  CG  B ASP A 1 57  ? -11.784 -12.208 4.420   0.25 27.10  ? 57  ASP A CG  1 
ATOM   407  O  OD1 A ASP A 1 57  ? -10.463 -14.129 4.483   0.25 22.65  ? 57  ASP A OD1 1 
ATOM   408  O  OD1 B ASP A 1 57  ? -11.703 -10.989 4.246   0.25 30.08  ? 57  ASP A OD1 1 
ATOM   409  O  OD2 A ASP A 1 57  ? -12.500 -13.352 4.572   0.25 24.79  ? 57  ASP A OD2 1 
ATOM   410  O  OD2 B ASP A 1 57  ? -12.610 -12.766 5.149   0.25 27.46  ? 57  ASP A OD2 1 
ATOM   411  N  N   . CYS A 1 58  ? -7.270  -12.424 4.562   1.00 24.99  ? 58  CYS A N   1 
ATOM   412  C  CA  . CYS A 1 58  ? -6.327  -12.527 5.706   1.00 24.33  ? 58  CYS A CA  1 
ATOM   413  C  C   . CYS A 1 58  ? -6.337  -11.229 6.492   1.00 24.27  ? 58  CYS A C   1 
ATOM   414  O  O   . CYS A 1 58  ? -6.455  -10.125 5.858   1.00 23.62  ? 58  CYS A O   1 
ATOM   415  C  CB  . CYS A 1 58  ? -4.882  -12.761 5.285   1.00 25.61  ? 58  CYS A CB  1 
ATOM   416  S  SG  . CYS A 1 58  ? -4.544  -14.436 4.702   1.00 23.59  ? 58  CYS A SG  1 
ATOM   417  N  N   . GLN A 1 59  ? -6.235  -11.369 7.812   1.00 25.22  ? 59  GLN A N   1 
ATOM   418  C  CA  . GLN A 1 59  ? -6.083  -10.235 8.748   1.00 26.79  ? 59  GLN A CA  1 
ATOM   419  C  C   . GLN A 1 59  ? -4.815  -10.428 9.557   1.00 22.02  ? 59  GLN A C   1 
ATOM   420  O  O   . GLN A 1 59  ? -4.676  -9.778  10.596  1.00 23.44  ? 59  GLN A O   1 
ATOM   421  C  CB  . GLN A 1 59  ? -7.290  -10.083 9.662   1.00 26.65  ? 59  GLN A CB  1 
ATOM   422  C  CG  . GLN A 1 59  ? -8.461  -9.472  8.945   1.00 26.81  ? 59  GLN A CG  1 
ATOM   423  C  CD  . GLN A 1 59  ? -9.633  -9.254  9.857   1.00 27.73  ? 59  GLN A CD  1 
ATOM   424  O  OE1 . GLN A 1 59  ? -10.581 -10.018 9.811   1.00 29.84  ? 59  GLN A OE1 1 
ATOM   425  N  NE2 . GLN A 1 59  ? -9.579  -8.224  10.691  1.00 33.05  ? 59  GLN A NE2 1 
ATOM   426  N  N   . THR A 1 60  ? -3.896  -11.253 9.069   1.00 21.94  ? 60  THR A N   1 
ATOM   427  C  CA  . THR A 1 60  ? -2.584  -11.341 9.719   1.00 20.97  ? 60  THR A CA  1 
ATOM   428  C  C   . THR A 1 60  ? -1.516  -11.472 8.654   1.00 20.91  ? 60  THR A C   1 
ATOM   429  O  O   . THR A 1 60  ? -1.716  -12.148 7.619   1.00 21.78  ? 60  THR A O   1 
ATOM   430  C  CB  . THR A 1 60  ? -2.425  -12.530 10.667  1.00 21.08  ? 60  THR A CB  1 
ATOM   431  O  OG1 . THR A 1 60  ? -2.512  -13.706 9.876   1.00 27.43  ? 60  THR A OG1 1 
ATOM   432  C  CG2 . THR A 1 60  ? -3.418  -12.566 11.805  1.00 21.49  ? 60  THR A CG2 1 
ATOM   433  N  N   . GLY A 1 61  ? -0.467  -10.732 8.899   1.00 18.19  ? 61  GLY A N   1 
ATOM   434  C  CA  . GLY A 1 61  ? 0.640   -10.760 7.952   1.00 19.12  ? 61  GLY A CA  1 
ATOM   435  C  C   . GLY A 1 61  ? 1.826   -10.077 8.550   1.00 19.98  ? 61  GLY A C   1 
ATOM   436  O  O   . GLY A 1 61  ? 1.899   -9.984  9.731   1.00 18.11  ? 61  GLY A O   1 
ATOM   437  N  N   . VAL A 1 62  ? 2.741   -9.658  7.700   1.00 15.30  ? 62  VAL A N   1 
ATOM   438  C  CA  . VAL A 1 62  ? 4.022   -9.080  8.136   1.00 14.79  ? 62  VAL A CA  1 
ATOM   439  C  C   . VAL A 1 62  ? 4.273   -7.863  7.250   1.00 13.90  ? 62  VAL A C   1 
ATOM   440  O  O   . VAL A 1 62  ? 4.045   -8.015  6.032   1.00 17.25  ? 62  VAL A O   1 
ATOM   441  C  CB  . VAL A 1 62  ? 5.160   -10.110 7.995   1.00 14.70  ? 62  VAL A CB  1 
ATOM   442  C  CG1 . VAL A 1 62  ? 6.526   -9.495  8.232   1.00 15.89  ? 62  VAL A CG1 1 
ATOM   443  C  CG2 . VAL A 1 62  ? 4.923   -11.278 8.959   1.00 14.39  ? 62  VAL A CG2 1 
ATOM   444  N  N   . TYR A 1 63  ? 4.742   -6.746  7.804   1.00 14.45  ? 63  TYR A N   1 
ATOM   445  C  CA  . TYR A 1 63  ? 4.970   -5.500  6.997   1.00 12.73  ? 63  TYR A CA  1 
ATOM   446  C  C   . TYR A 1 63  ? 6.395   -5.063  7.247   1.00 15.84  ? 63  TYR A C   1 
ATOM   447  O  O   . TYR A 1 63  ? 6.927   -5.267  8.319   1.00 18.62  ? 63  TYR A O   1 
ATOM   448  C  CB  . TYR A 1 63  ? 3.933   -4.409  7.337   1.00 14.90  ? 63  TYR A CB  1 
ATOM   449  C  CG  . TYR A 1 63  ? 4.255   -3.517  8.517   1.00 16.01  ? 63  TYR A CG  1 
ATOM   450  C  CD1 . TYR A 1 63  ? 3.994   -3.954  9.802   1.00 16.94  ? 63  TYR A CD1 1 
ATOM   451  C  CD2 . TYR A 1 63  ? 4.810   -2.248  8.376   1.00 16.63  ? 63  TYR A CD2 1 
ATOM   452  C  CE1 . TYR A 1 63  ? 4.158   -3.126  10.892  1.00 20.03  ? 63  TYR A CE1 1 
ATOM   453  C  CE2 . TYR A 1 63  ? 5.052   -1.433  9.464   1.00 18.87  ? 63  TYR A CE2 1 
ATOM   454  C  CZ  . TYR A 1 63  ? 4.781   -1.897  10.738  1.00 21.42  ? 63  TYR A CZ  1 
ATOM   455  O  OH  . TYR A 1 63  ? 5.019   -1.090  11.822  1.00 22.29  ? 63  TYR A OH  1 
ATOM   456  N  N   . TYR A 1 64  ? 6.929   -4.388  6.248   1.00 17.68  ? 64  TYR A N   1 
ATOM   457  C  CA  . TYR A 1 64  ? 8.270   -3.827  6.374   1.00 19.51  ? 64  TYR A CA  1 
ATOM   458  C  C   . TYR A 1 64  ? 8.165   -2.378  6.819   1.00 19.86  ? 64  TYR A C   1 
ATOM   459  O  O   . TYR A 1 64  ? 7.468   -1.545  6.212   1.00 20.12  ? 64  TYR A O   1 
ATOM   460  C  CB  . TYR A 1 64  ? 9.040   -3.941  5.081   1.00 20.80  ? 64  TYR A CB  1 
ATOM   461  C  CG  . TYR A 1 64  ? 10.408  -3.341  5.201   1.00 24.05  ? 64  TYR A CG  1 
ATOM   462  C  CD1 . TYR A 1 64  ? 11.345  -3.879  6.077   1.00 26.26  ? 64  TYR A CD1 1 
ATOM   463  C  CD2 . TYR A 1 64  ? 10.761  -2.236  4.451   1.00 23.69  ? 64  TYR A CD2 1 
ATOM   464  C  CE1 . TYR A 1 64  ? 12.617  -3.338  6.190   1.00 28.87  ? 64  TYR A CE1 1 
ATOM   465  C  CE2 . TYR A 1 64  ? 12.011  -1.657  4.594   1.00 27.25  ? 64  TYR A CE2 1 
ATOM   466  C  CZ  . TYR A 1 64  ? 12.954  -2.236  5.427   1.00 30.34  ? 64  TYR A CZ  1 
ATOM   467  O  OH  . TYR A 1 64  ? 14.182  -1.641  5.521   1.00 29.71  ? 64  TYR A OH  1 
ATOM   468  N  N   . CYS A 1 65  ? 8.985   -2.041  7.804   1.00 20.58  ? 65  CYS A N   1 
ATOM   469  C  CA  . CYS A 1 65  ? 9.000   -0.732  8.477   1.00 21.08  ? 65  CYS A CA  1 
ATOM   470  C  C   . CYS A 1 65  ? 10.410  -0.167  8.277   1.00 21.63  ? 65  CYS A C   1 
ATOM   471  O  O   . CYS A 1 65  ? 11.338  -0.569  9.040   1.00 25.89  ? 65  CYS A O   1 
ATOM   472  C  CB  . CYS A 1 65  ? 8.685   -0.819  9.962   1.00 24.49  ? 65  CYS A CB  1 
ATOM   473  S  SG  . CYS A 1 65  ? 8.833   0.786   10.785  1.00 24.21  ? 65  CYS A SG  1 
ATOM   474  N  N   . SER A 1 66  ? 10.580  0.646   7.235   1.00 23.33  ? 66  SER A N   1 
ATOM   475  C  CA  . SER A 1 66  ? 11.910  1.208   6.858   1.00 25.83  ? 66  SER A CA  1 
ATOM   476  C  C   . SER A 1 66  ? 12.514  2.004   8.019   1.00 25.89  ? 66  SER A C   1 
ATOM   477  O  O   . SER A 1 66  ? 13.759  2.013   8.115   1.00 29.88  ? 66  SER A O   1 
ATOM   478  C  CB  . SER A 1 66  ? 11.848  2.042   5.612   1.00 29.06  ? 66  SER A CB  1 
ATOM   479  O  OG  . SER A 1 66  ? 11.088  3.217   5.833   1.00 31.17  ? 66  SER A OG  1 
ATOM   480  N  N   . SER A 1 67  ? 11.691  2.663   8.831   1.00 23.54  ? 67  SER A N   1 
ATOM   481  C  CA  . SER A 1 67  ? 12.153  3.564   9.919   1.00 26.17  ? 67  SER A CA  1 
ATOM   482  C  C   . SER A 1 67  ? 12.563  2.752   11.153  1.00 27.57  ? 67  SER A C   1 
ATOM   483  O  O   . SER A 1 67  ? 12.960  3.397   12.173  1.00 29.41  ? 67  SER A O   1 
ATOM   484  C  CB  . SER A 1 67  ? 11.129  4.597   10.255  1.00 26.86  ? 67  SER A CB  1 
ATOM   485  O  OG  . SER A 1 67  ? 10.022  4.062   10.952  1.00 27.12  ? 67  SER A OG  1 
ATOM   486  N  N   . ARG A 1 68  ? 12.496  1.411   11.064  1.00 27.79  ? 68  ARG A N   1 
ATOM   487  C  CA  . ARG A 1 68  ? 13.060  0.460   12.065  1.00 23.05  ? 68  ARG A CA  1 
ATOM   488  C  C   . ARG A 1 68  ? 13.990  -0.567  11.424  1.00 21.62  ? 68  ARG A C   1 
ATOM   489  O  O   . ARG A 1 68  ? 14.569  -1.358  12.156  1.00 28.02  ? 68  ARG A O   1 
ATOM   490  C  CB  . ARG A 1 68  ? 11.943  -0.249  12.825  1.00 23.72  ? 68  ARG A CB  1 
ATOM   491  C  CG  . ARG A 1 68  ? 11.088  0.709   13.633  1.00 23.58  ? 68  ARG A CG  1 
ATOM   492  C  CD  . ARG A 1 68  ? 11.840  1.095   14.913  1.00 22.62  ? 68  ARG A CD  1 
ATOM   493  N  NE  . ARG A 1 68  ? 11.086  1.988   15.756  1.00 22.94  ? 68  ARG A NE  1 
ATOM   494  C  CZ  . ARG A 1 68  ? 11.053  3.316   15.603  1.00 23.59  ? 68  ARG A CZ  1 
ATOM   495  N  NH1 . ARG A 1 68  ? 11.800  3.895   14.683  1.00 26.50  ? 68  ARG A NH1 1 
ATOM   496  N  NH2 . ARG A 1 68  ? 10.301  4.049   16.398  1.00 26.54  ? 68  ARG A NH2 1 
ATOM   497  N  N   . ARG A 1 69  ? 14.145  -0.521  10.104  1.00 23.03  ? 69  ARG A N   1 
ATOM   498  C  CA  . ARG A 1 69  ? 14.771  -1.591  9.300   1.00 24.57  ? 69  ARG A CA  1 
ATOM   499  C  C   . ARG A 1 69  ? 14.281  -2.958  9.780   1.00 27.53  ? 69  ARG A C   1 
ATOM   500  O  O   . ARG A 1 69  ? 15.117  -3.855  9.925   1.00 29.39  ? 69  ARG A O   1 
ATOM   501  C  CB  . ARG A 1 69  ? 16.295  -1.486  9.412   1.00 26.90  ? 69  ARG A CB  1 
ATOM   502  C  CG  . ARG A 1 69  ? 16.899  -0.340  8.617   1.00 30.08  ? 69  ARG A CG  1 
ATOM   503  C  CD  . ARG A 1 69  ? 18.396  -0.296  8.828   1.00 31.96  ? 69  ARG A CD  1 
ATOM   504  N  NE  . ARG A 1 69  ? 18.988  0.907   8.237   1.00 37.76  ? 69  ARG A NE  1 
ATOM   505  C  CZ  . ARG A 1 69  ? 19.657  1.858   8.906   1.00 43.31  ? 69  ARG A CZ  1 
ATOM   506  N  NH1 . ARG A 1 69  ? 19.821  1.769   10.223  1.00 40.04  ? 69  ARG A NH1 1 
ATOM   507  N  NH2 . ARG A 1 69  ? 20.150  2.903   8.242   1.00 41.76  ? 69  ARG A NH2 1 
ATOM   508  N  N   . LYS A 1 70  ? 12.987  -3.107  10.068  1.00 28.77  ? 70  LYS A N   1 
ATOM   509  C  CA  . LYS A 1 70  ? 12.457  -4.387  10.629  1.00 27.49  ? 70  LYS A CA  1 
ATOM   510  C  C   . LYS A 1 70  ? 11.150  -4.740  9.927   1.00 25.30  ? 70  LYS A C   1 
ATOM   511  O  O   . LYS A 1 70  ? 10.460  -3.802  9.474   1.00 24.98  ? 70  LYS A O   1 
ATOM   512  C  CB  . LYS A 1 70  ? 12.198  -4.317  12.135  1.00 32.53  ? 70  LYS A CB  1 
ATOM   513  C  CG  . LYS A 1 70  ? 13.433  -4.503  13.006  1.00 38.17  ? 70  LYS A CG  1 
ATOM   514  C  CD  . LYS A 1 70  ? 13.122  -4.699  14.474  1.00 45.05  ? 70  LYS A CD  1 
ATOM   515  C  CE  . LYS A 1 70  ? 14.352  -4.905  15.337  1.00 51.12  ? 70  LYS A CE  1 
ATOM   516  N  NZ  . LYS A 1 70  ? 15.432  -3.935  15.027  1.00 57.10  ? 70  LYS A NZ  1 
ATOM   517  N  N   . HIS A 1 71  ? 10.911  -6.036  9.797   1.00 24.87  ? 71  HIS A N   1 
ATOM   518  C  CA  . HIS A 1 71  ? 9.623   -6.626  9.381   1.00 23.93  ? 71  HIS A CA  1 
ATOM   519  C  C   . HIS A 1 71  ? 8.919   -7.031  10.662  1.00 23.67  ? 71  HIS A C   1 
ATOM   520  O  O   . HIS A 1 71  ? 9.572   -7.636  11.512  1.00 28.86  ? 71  HIS A O   1 
ATOM   521  C  CB  . HIS A 1 71  ? 9.849   -7.815  8.460   1.00 22.95  ? 71  HIS A CB  1 
ATOM   522  C  CG  . HIS A 1 71  ? 10.482  -7.463  7.157   1.00 22.85  ? 71  HIS A CG  1 
ATOM   523  N  ND1 . HIS A 1 71  ? 9.753   -7.372  6.000   1.00 24.54  ? 71  HIS A ND1 1 
ATOM   524  C  CD2 . HIS A 1 71  ? 11.766  -7.204  6.829   1.00 25.46  ? 71  HIS A CD2 1 
ATOM   525  C  CE1 . HIS A 1 71  ? 10.556  -7.038  5.003   1.00 21.00  ? 71  HIS A CE1 1 
ATOM   526  N  NE2 . HIS A 1 71  ? 11.794  -6.982  5.470   1.00 25.60  ? 71  HIS A NE2 1 
ATOM   527  N  N   . TYR A 1 72  ? 7.665   -6.615  10.817  1.00 19.11  ? 72  TYR A N   1 
ATOM   528  C  CA  . TYR A 1 72  ? 6.839   -6.914  11.999  1.00 19.17  ? 72  TYR A CA  1 
ATOM   529  C  C   . TYR A 1 72  ? 5.606   -7.677  11.578  1.00 16.91  ? 72  TYR A C   1 
ATOM   530  O  O   . TYR A 1 72  ? 4.860   -7.278  10.715  1.00 18.82  ? 72  TYR A O   1 
ATOM   531  C  CB  . TYR A 1 72  ? 6.348   -5.643  12.682  1.00 19.88  ? 72  TYR A CB  1 
ATOM   532  C  CG  . TYR A 1 72  ? 7.426   -4.762  13.272  1.00 19.56  ? 72  TYR A CG  1 
ATOM   533  C  CD1 . TYR A 1 72  ? 7.987   -5.069  14.509  1.00 21.09  ? 72  TYR A CD1 1 
ATOM   534  C  CD2 . TYR A 1 72  ? 7.850   -3.615  12.626  1.00 22.02  ? 72  TYR A CD2 1 
ATOM   535  C  CE1 . TYR A 1 72  ? 8.938   -4.246  15.091  1.00 21.90  ? 72  TYR A CE1 1 
ATOM   536  C  CE2 . TYR A 1 72  ? 8.810   -2.792  13.189  1.00 22.90  ? 72  TYR A CE2 1 
ATOM   537  C  CZ  . TYR A 1 72  ? 9.347   -3.102  14.422  1.00 24.61  ? 72  TYR A CZ  1 
ATOM   538  O  OH  . TYR A 1 72  ? 10.282  -2.259  14.948  1.00 24.88  ? 72  TYR A OH  1 
ATOM   539  N  N   . PRO A 1 73  ? 5.285   -8.714  12.376  1.00 18.55  ? 73  PRO A N   1 
ATOM   540  C  CA  . PRO A 1 73  ? 4.035   -9.438  12.220  1.00 17.93  ? 73  PRO A CA  1 
ATOM   541  C  C   . PRO A 1 73  ? 2.956   -8.546  12.817  1.00 21.27  ? 73  PRO A C   1 
ATOM   542  O  O   . PRO A 1 73  ? 3.140   -7.993  13.884  1.00 23.21  ? 73  PRO A O   1 
ATOM   543  C  CB  . PRO A 1 73  ? 4.222   -10.739 13.056  1.00 19.55  ? 73  PRO A CB  1 
ATOM   544  C  CG  . PRO A 1 73  ? 5.222   -10.306 14.100  1.00 22.15  ? 73  PRO A CG  1 
ATOM   545  C  CD  . PRO A 1 73  ? 6.125   -9.271  13.442  1.00 22.10  ? 73  PRO A CD  1 
ATOM   546  N  N   . VAL A 1 74  ? 1.827   -8.474  12.129  1.00 20.06  ? 74  VAL A N   1 
ATOM   547  C  CA  . VAL A 1 74  ? 0.674   -7.656  12.571  1.00 19.69  ? 74  VAL A CA  1 
ATOM   548  C  C   . VAL A 1 74  ? -0.620  -8.396  12.294  1.00 21.10  ? 74  VAL A C   1 
ATOM   549  O  O   . VAL A 1 74  ? -0.726  -9.197  11.356  1.00 20.31  ? 74  VAL A O   1 
ATOM   550  C  CB  . VAL A 1 74  ? 0.694   -6.292  11.855  1.00 20.85  ? 74  VAL A CB  1 
ATOM   551  C  CG1 . VAL A 1 74  ? 1.808   -5.426  12.397  1.00 20.53  ? 74  VAL A CG1 1 
ATOM   552  C  CG2 . VAL A 1 74  ? 0.803   -6.406  10.344  1.00 24.59  ? 74  VAL A CG2 1 
ATOM   553  N  N   . SER A 1 75  ? -1.583  -8.109  13.148  1.00 20.22  ? 75  SER A N   1 
ATOM   554  C  CA  . SER A 1 75  ? -3.013  -8.242  12.848  1.00 21.37  ? 75  SER A CA  1 
ATOM   555  C  C   . SER A 1 75  ? -3.497  -6.934  12.225  1.00 20.59  ? 75  SER A C   1 
ATOM   556  O  O   . SER A 1 75  ? -3.038  -5.883  12.676  1.00 20.65  ? 75  SER A O   1 
ATOM   557  C  CB  . SER A 1 75  ? -3.737  -8.490  14.114  1.00 23.38  ? 75  SER A CB  1 
ATOM   558  O  OG  . SER A 1 75  ? -3.233  -9.664  14.694  1.00 28.51  ? 75  SER A OG  1 
ATOM   559  N  N   . PHE A 1 76  ? -4.437  -6.975  11.267  1.00 20.93  ? 76  PHE A N   1 
ATOM   560  C  CA  . PHE A 1 76  ? -4.899  -5.738  10.596  1.00 19.51  ? 76  PHE A CA  1 
ATOM   561  C  C   . PHE A 1 76  ? -6.383  -5.867  10.290  1.00 21.61  ? 76  PHE A C   1 
ATOM   562  O  O   . PHE A 1 76  ? -6.927  -7.011  10.140  1.00 20.11  ? 76  PHE A O   1 
ATOM   563  C  CB  . PHE A 1 76  ? -3.999  -5.356  9.413   1.00 20.22  ? 76  PHE A CB  1 
ATOM   564  C  CG  . PHE A 1 76  ? -3.898  -6.432  8.356   1.00 18.21  ? 76  PHE A CG  1 
ATOM   565  C  CD1 . PHE A 1 76  ? -2.932  -7.406  8.401   1.00 16.87  ? 76  PHE A CD1 1 
ATOM   566  C  CD2 . PHE A 1 76  ? -4.833  -6.501  7.335   1.00 18.66  ? 76  PHE A CD2 1 
ATOM   567  C  CE1 . PHE A 1 76  ? -2.857  -8.376  7.415   1.00 18.43  ? 76  PHE A CE1 1 
ATOM   568  C  CE2 . PHE A 1 76  ? -4.785  -7.480  6.366   1.00 17.77  ? 76  PHE A CE2 1 
ATOM   569  C  CZ  . PHE A 1 76  ? -3.756  -8.384  6.369   1.00 17.11  ? 76  PHE A CZ  1 
ATOM   570  N  N   . SER A 1 77  ? -7.049  -4.708  10.297  1.00 23.60  ? 77  SER A N   1 
ATOM   571  C  CA  . SER A 1 77  ? -8.505  -4.606  9.996   1.00 25.48  ? 77  SER A CA  1 
ATOM   572  C  C   . SER A 1 77  ? -8.764  -4.910  8.512   1.00 25.42  ? 77  SER A C   1 
ATOM   573  O  O   . SER A 1 77  ? -7.843  -4.872  7.749   1.00 24.21  ? 77  SER A O   1 
ATOM   574  C  CB  . SER A 1 77  ? -9.053  -3.263  10.429  1.00 27.71  ? 77  SER A CB  1 
ATOM   575  O  OG  . SER A 1 77  ? -8.350  -2.174  9.839   1.00 30.71  ? 77  SER A OG  1 
ATOM   576  N  N   . LYS A 1 78  ? -9.998  -5.235  8.104   1.00 26.16  ? 78  LYS A N   1 
ATOM   577  C  CA  . LYS A 1 78  ? -10.359 -5.393  6.664   1.00 26.06  ? 78  LYS A CA  1 
ATOM   578  C  C   . LYS A 1 78  ? -10.422 -4.001  6.032   1.00 24.65  ? 78  LYS A C   1 
ATOM   579  O  O   . LYS A 1 78  ? -10.615 -2.990  6.709   1.00 27.10  ? 78  LYS A O   1 
ATOM   580  C  CB  . LYS A 1 78  ? -11.660 -6.192  6.508   1.00 30.46  ? 78  LYS A CB  1 
ATOM   581  C  CG  . LYS A 1 78  ? -11.586 -7.635  7.010   1.00 33.78  ? 78  LYS A CG  1 
ATOM   582  C  CD  . LYS A 1 78  ? -12.834 -8.461  6.749   1.00 39.89  ? 78  LYS A CD  1 
ATOM   583  C  CE  . LYS A 1 78  ? -12.652 -9.928  7.093   1.00 43.67  ? 78  LYS A CE  1 
ATOM   584  N  NZ  . LYS A 1 78  ? -13.877 -10.715 6.795   1.00 48.44  ? 78  LYS A NZ  1 
ATOM   585  N  N   . PRO A 1 79  ? -10.203 -3.925  4.703   1.00 24.95  ? 79  PRO A N   1 
ATOM   586  C  CA  . PRO A 1 79  ? -10.154 -2.636  4.018   1.00 26.23  ? 79  PRO A CA  1 
ATOM   587  C  C   . PRO A 1 79  ? -11.440 -1.860  4.296   1.00 25.91  ? 79  PRO A C   1 
ATOM   588  O  O   . PRO A 1 79  ? -12.486 -2.444  4.110   1.00 28.47  ? 79  PRO A O   1 
ATOM   589  C  CB  . PRO A 1 79  ? -10.068 -2.978  2.539   1.00 24.61  ? 79  PRO A CB  1 
ATOM   590  C  CG  . PRO A 1 79  ? -9.520  -4.377  2.508   1.00 23.89  ? 79  PRO A CG  1 
ATOM   591  C  CD  . PRO A 1 79  ? -9.914  -5.048  3.807   1.00 23.95  ? 79  PRO A CD  1 
ATOM   592  N  N   A SER A 1 80  ? -11.321 -0.602  4.727   0.13 28.01  ? 80  SER A N   1 
ATOM   593  N  N   B SER A 1 80  ? -11.329 -0.594  4.691   0.13 28.33  ? 80  SER A N   1 
ATOM   594  C  CA  A SER A 1 80  ? -12.448 0.259   5.176   0.13 31.51  ? 80  SER A CA  1 
ATOM   595  C  CA  B SER A 1 80  ? -12.478 0.251   5.100   0.13 32.05  ? 80  SER A CA  1 
ATOM   596  C  C   A SER A 1 80  ? -12.216 1.726   4.794   0.13 34.11  ? 80  SER A C   1 
ATOM   597  C  C   B SER A 1 80  ? -12.215 1.730   4.800   0.13 34.42  ? 80  SER A C   1 
ATOM   598  O  O   A SER A 1 80  ? -11.098 2.071   4.364   0.13 32.46  ? 80  SER A O   1 
ATOM   599  O  O   B SER A 1 80  ? -11.082 2.083   4.421   0.13 32.71  ? 80  SER A O   1 
ATOM   600  C  CB  A SER A 1 80  ? -12.653 0.136   6.664   0.13 33.17  ? 80  SER A CB  1 
ATOM   601  C  CB  B SER A 1 80  ? -12.781 0.033   6.556   0.13 34.11  ? 80  SER A CB  1 
ATOM   602  O  OG  A SER A 1 80  ? -12.250 -1.141  7.132   0.13 36.55  ? 80  SER A OG  1 
ATOM   603  O  OG  B SER A 1 80  ? -12.782 -1.360  6.853   0.13 37.41  ? 80  SER A OG  1 
ATOM   604  N  N   . LEU A 1 81  ? -13.259 2.544   4.980   1.00 33.66  ? 81  LEU A N   1 
ATOM   605  C  CA  . LEU A 1 81  ? -13.223 4.012   4.839   1.00 37.16  ? 81  LEU A CA  1 
ATOM   606  C  C   . LEU A 1 81  ? -12.931 4.563   6.227   1.00 37.09  ? 81  LEU A C   1 
ATOM   607  O  O   . LEU A 1 81  ? -13.772 4.374   7.107   1.00 35.63  ? 81  LEU A O   1 
ATOM   608  C  CB  . LEU A 1 81  ? -14.583 4.477   4.307   1.00 41.36  ? 81  LEU A CB  1 
ATOM   609  C  CG  . LEU A 1 81  ? -14.760 5.986   4.150   1.00 46.79  ? 81  LEU A CG  1 
ATOM   610  C  CD1 . LEU A 1 81  ? -13.723 6.565   3.195   1.00 47.31  ? 81  LEU A CD1 1 
ATOM   611  C  CD2 . LEU A 1 81  ? -16.174 6.314   3.673   1.00 49.09  ? 81  LEU A CD2 1 
ATOM   612  N  N   . ILE A 1 82  ? -11.786 5.212   6.402   1.00 34.77  ? 82  ILE A N   1 
ATOM   613  C  CA  . ILE A 1 82  ? -11.235 5.622   7.720   1.00 34.18  ? 82  ILE A CA  1 
ATOM   614  C  C   . ILE A 1 82  ? -10.823 7.083   7.629   1.00 35.53  ? 82  ILE A C   1 
ATOM   615  O  O   . ILE A 1 82  ? -10.148 7.463   6.654   1.00 34.02  ? 82  ILE A O   1 
ATOM   616  C  CB  . ILE A 1 82  ? -10.025 4.748   8.117   1.00 37.14  ? 82  ILE A CB  1 
ATOM   617  C  CG1 . ILE A 1 82  ? -10.341 3.252   8.088   1.00 38.90  ? 82  ILE A CG1 1 
ATOM   618  C  CG2 . ILE A 1 82  ? -9.488  5.173   9.464   1.00 35.86  ? 82  ILE A CG2 1 
ATOM   619  C  CD1 . ILE A 1 82  ? -11.349 2.831   9.113   1.00 44.66  ? 82  ILE A CD1 1 
ATOM   620  N  N   . PHE A 1 83  ? -11.145 7.859   8.648   1.00 31.77  ? 83  PHE A N   1 
ATOM   621  C  CA  . PHE A 1 83  ? -10.632 9.239   8.782   1.00 38.03  ? 83  PHE A CA  1 
ATOM   622  C  C   . PHE A 1 83  ? -9.152  9.151   9.149   1.00 37.45  ? 83  PHE A C   1 
ATOM   623  O  O   . PHE A 1 83  ? -8.815  8.426   10.102  1.00 38.81  ? 83  PHE A O   1 
ATOM   624  C  CB  . PHE A 1 83  ? -11.435 10.041  9.804   1.00 39.68  ? 83  PHE A CB  1 
ATOM   625  C  CG  . PHE A 1 83  ? -11.053 11.495  9.802   1.00 40.75  ? 83  PHE A CG  1 
ATOM   626  C  CD1 . PHE A 1 83  ? -11.516 12.332  8.800   1.00 44.79  ? 83  PHE A CD1 1 
ATOM   627  C  CD2 . PHE A 1 83  ? -10.181 12.009  10.747  1.00 41.79  ? 83  PHE A CD2 1 
ATOM   628  C  CE1 . PHE A 1 83  ? -11.156 13.669  8.770   1.00 42.20  ? 83  PHE A CE1 1 
ATOM   629  C  CE2 . PHE A 1 83  ? -9.824  13.347  10.724  1.00 42.32  ? 83  PHE A CE2 1 
ATOM   630  C  CZ  . PHE A 1 83  ? -10.299 14.170  9.724   1.00 46.02  ? 83  PHE A CZ  1 
ATOM   631  N  N   . VAL A 1 84  ? -8.292  9.853   8.410   1.00 34.15  ? 84  VAL A N   1 
ATOM   632  C  CA  . VAL A 1 84  ? -6.829  9.913   8.685   1.00 33.37  ? 84  VAL A CA  1 
ATOM   633  C  C   . VAL A 1 84  ? -6.445  11.350  9.075   1.00 34.13  ? 84  VAL A C   1 
ATOM   634  O  O   . VAL A 1 84  ? -6.788  12.270  8.335   1.00 41.31  ? 84  VAL A O   1 
ATOM   635  C  CB  . VAL A 1 84  ? -6.029  9.401   7.463   1.00 29.28  ? 84  VAL A CB  1 
ATOM   636  C  CG1 . VAL A 1 84  ? -4.542  9.331   7.758   1.00 32.15  ? 84  VAL A CG1 1 
ATOM   637  C  CG2 . VAL A 1 84  ? -6.549  8.057   6.991   1.00 30.19  ? 84  VAL A CG2 1 
ATOM   638  N  N   . GLU A 1 85  ? -5.727  11.524  10.183  1.00 41.49  ? 85  GLU A N   1 
ATOM   639  C  CA  . GLU A 1 85  ? -5.189  12.836  10.640  1.00 43.88  ? 85  GLU A CA  1 
ATOM   640  C  C   . GLU A 1 85  ? -4.093  13.325  9.679   1.00 45.06  ? 85  GLU A C   1 
ATOM   641  O  O   . GLU A 1 85  ? -3.617  12.535  8.812   1.00 42.35  ? 85  GLU A O   1 
ATOM   642  C  CB  . GLU A 1 85  ? -4.627  12.745  12.061  1.00 49.21  ? 85  GLU A CB  1 
ATOM   643  C  CG  . GLU A 1 85  ? -5.675  12.444  13.128  1.00 50.58  ? 85  GLU A CG  1 
ATOM   644  C  CD  . GLU A 1 85  ? -6.919  13.313  13.069  1.00 50.87  ? 85  GLU A CD  1 
ATOM   645  O  OE1 . GLU A 1 85  ? -6.787  14.521  12.766  1.00 51.58  ? 85  GLU A OE1 1 
ATOM   646  O  OE2 . GLU A 1 85  ? -8.018  12.776  13.298  1.00 49.99  ? 85  GLU A OE2 1 
ATOM   647  N  N   . ALA A 1 86  ? -3.719  14.597  9.818   1.00 40.53  ? 86  ALA A N   1 
ATOM   648  C  CA  . ALA A 1 86  ? -2.792  15.295  8.904   1.00 40.61  ? 86  ALA A CA  1 
ATOM   649  C  C   . ALA A 1 86  ? -1.408  14.653  9.006   1.00 48.31  ? 86  ALA A C   1 
ATOM   650  O  O   . ALA A 1 86  ? -0.971  14.235  10.131  1.00 45.58  ? 86  ALA A O   1 
ATOM   651  C  CB  . ALA A 1 86  ? -2.740  16.769  9.241   1.00 46.33  ? 86  ALA A CB  1 
ATOM   652  N  N   . SER A 1 87  ? -0.734  14.558  7.864   1.00 47.12  ? 87  SER A N   1 
ATOM   653  C  CA  . SER A 1 87  ? 0.645   14.026  7.740   1.00 47.43  ? 87  SER A CA  1 
ATOM   654  C  C   . SER A 1 87  ? 1.481   15.049  6.969   1.00 49.01  ? 87  SER A C   1 
ATOM   655  O  O   . SER A 1 87  ? 0.885   16.034  6.464   1.00 46.60  ? 87  SER A O   1 
ATOM   656  C  CB  . SER A 1 87  ? 0.612   12.705  7.031   1.00 48.21  ? 87  SER A CB  1 
ATOM   657  O  OG  . SER A 1 87  ? 0.057   12.877  5.731   1.00 45.88  ? 87  SER A OG  1 
ATOM   658  N  N   . GLU A 1 88  ? 2.777   14.785  6.796   1.00 46.04  ? 88  GLU A N   1 
ATOM   659  C  CA  . GLU A 1 88  ? 3.674   15.700  6.036   1.00 49.14  ? 88  GLU A CA  1 
ATOM   660  C  C   . GLU A 1 88  ? 3.221   15.751  4.560   1.00 43.87  ? 88  GLU A C   1 
ATOM   661  O  O   . GLU A 1 88  ? 3.467   16.763  3.907   1.00 39.19  ? 88  GLU A O   1 
ATOM   662  C  CB  . GLU A 1 88  ? 5.140   15.314  6.261   1.00 53.31  ? 88  GLU A CB  1 
ATOM   663  C  CG  . GLU A 1 88  ? 5.622   14.111  5.470   1.00 61.83  ? 88  GLU A CG  1 
ATOM   664  C  CD  . GLU A 1 88  ? 7.124   13.864  5.565   1.00 69.11  ? 88  GLU A CD  1 
ATOM   665  O  OE1 . GLU A 1 88  ? 7.782   14.514  6.408   1.00 68.06  ? 88  GLU A OE1 1 
ATOM   666  O  OE2 . GLU A 1 88  ? 7.638   13.022  4.792   1.00 75.75  ? 88  GLU A OE2 1 
ATOM   667  N  N   . TYR A 1 89  ? 2.497   14.736  4.074   1.00 38.90  ? 89  TYR A N   1 
ATOM   668  C  CA  . TYR A 1 89  ? 2.173   14.549  2.633   1.00 38.00  ? 89  TYR A CA  1 
ATOM   669  C  C   . TYR A 1 89  ? 0.655   14.618  2.361   1.00 36.05  ? 89  TYR A C   1 
ATOM   670  O  O   . TYR A 1 89  ? 0.268   14.549  1.167   1.00 38.45  ? 89  TYR A O   1 
ATOM   671  C  CB  . TYR A 1 89  ? 2.816   13.240  2.166   1.00 36.02  ? 89  TYR A CB  1 
ATOM   672  C  CG  . TYR A 1 89  ? 2.473   12.033  3.003   1.00 32.69  ? 89  TYR A CG  1 
ATOM   673  C  CD1 . TYR A 1 89  ? 3.287   11.632  4.052   1.00 31.31  ? 89  TYR A CD1 1 
ATOM   674  C  CD2 . TYR A 1 89  ? 1.327   11.290  2.761   1.00 32.44  ? 89  TYR A CD2 1 
ATOM   675  C  CE1 . TYR A 1 89  ? 2.995   10.511  4.824   1.00 31.73  ? 89  TYR A CE1 1 
ATOM   676  C  CE2 . TYR A 1 89  ? 1.032   10.162  3.519   1.00 33.47  ? 89  TYR A CE2 1 
ATOM   677  C  CZ  . TYR A 1 89  ? 1.868   9.763   4.546   1.00 30.92  ? 89  TYR A CZ  1 
ATOM   678  O  OH  . TYR A 1 89  ? 1.572   8.655   5.296   1.00 29.98  ? 89  TYR A OH  1 
ATOM   679  N  N   . TYR A 1 90  ? -0.199  14.762  3.384   1.00 35.31  ? 90  TYR A N   1 
ATOM   680  C  CA  . TYR A 1 90  ? -1.677  14.859  3.196   1.00 34.47  ? 90  TYR A CA  1 
ATOM   681  C  C   . TYR A 1 90  ? -2.318  15.612  4.359   1.00 37.50  ? 90  TYR A C   1 
ATOM   682  O  O   . TYR A 1 90  ? -1.836  15.572  5.489   1.00 37.98  ? 90  TYR A O   1 
ATOM   683  C  CB  . TYR A 1 90  ? -2.380  13.491  3.129   1.00 35.03  ? 90  TYR A CB  1 
ATOM   684  C  CG  . TYR A 1 90  ? -2.353  12.743  1.811   1.00 35.33  ? 90  TYR A CG  1 
ATOM   685  C  CD1 . TYR A 1 90  ? -2.700  13.340  0.605   1.00 35.51  ? 90  TYR A CD1 1 
ATOM   686  C  CD2 . TYR A 1 90  ? -2.025  11.397  1.772   1.00 32.61  ? 90  TYR A CD2 1 
ATOM   687  C  CE1 . TYR A 1 90  ? -2.684  12.631  -0.592  1.00 33.17  ? 90  TYR A CE1 1 
ATOM   688  C  CE2 . TYR A 1 90  ? -2.027  10.675  0.587   1.00 32.02  ? 90  TYR A CE2 1 
ATOM   689  C  CZ  . TYR A 1 90  ? -2.358  11.285  -0.608  1.00 32.63  ? 90  TYR A CZ  1 
ATOM   690  O  OH  . TYR A 1 90  ? -2.325  10.549  -1.772  1.00 28.69  ? 90  TYR A OH  1 
ATOM   691  N  N   . PRO A 1 91  ? -3.492  16.236  4.112   1.00 40.37  ? 91  PRO A N   1 
ATOM   692  C  CA  . PRO A 1 91  ? -4.244  16.914  5.165   1.00 41.77  ? 91  PRO A CA  1 
ATOM   693  C  C   . PRO A 1 91  ? -4.933  15.830  5.999   1.00 44.08  ? 91  PRO A C   1 
ATOM   694  O  O   . PRO A 1 91  ? -4.927  14.721  5.535   1.00 39.91  ? 91  PRO A O   1 
ATOM   695  C  CB  . PRO A 1 91  ? -5.253  17.739  4.355   1.00 41.73  ? 91  PRO A CB  1 
ATOM   696  C  CG  . PRO A 1 91  ? -5.561  16.843  3.166   1.00 42.25  ? 91  PRO A CG  1 
ATOM   697  C  CD  . PRO A 1 91  ? -4.204  16.260  2.818   1.00 41.40  ? 91  PRO A CD  1 
ATOM   698  N  N   . ALA A 1 92  ? -5.519  16.176  7.154   1.00 41.40  ? 92  ALA A N   1 
ATOM   699  C  CA  . ALA A 1 92  ? -6.594  15.371  7.776   1.00 42.25  ? 92  ALA A CA  1 
ATOM   700  C  C   . ALA A 1 92  ? -7.687  15.143  6.715   1.00 42.44  ? 92  ALA A C   1 
ATOM   701  O  O   . ALA A 1 92  ? -8.074  16.121  6.060   1.00 41.94  ? 92  ALA A O   1 
ATOM   702  C  CB  . ALA A 1 92  ? -7.132  16.074  9.000   1.00 42.75  ? 92  ALA A CB  1 
ATOM   703  N  N   . ARG A 1 93  ? -8.123  13.897  6.510   1.00 39.74  ? 93  ARG A N   1 
ATOM   704  C  CA  . ARG A 1 93  ? -9.088  13.500  5.447   1.00 43.08  ? 93  ARG A CA  1 
ATOM   705  C  C   . ARG A 1 93  ? -9.505  12.041  5.679   1.00 45.10  ? 93  ARG A C   1 
ATOM   706  O  O   . ARG A 1 93  ? -8.809  11.356  6.479   1.00 43.34  ? 93  ARG A O   1 
ATOM   707  C  CB  . ARG A 1 93  ? -8.448  13.671  4.061   1.00 44.82  ? 93  ARG A CB  1 
ATOM   708  C  CG  . ARG A 1 93  ? -7.369  12.637  3.753   1.00 47.13  ? 93  ARG A CG  1 
ATOM   709  C  CD  . ARG A 1 93  ? -6.655  12.751  2.418   1.00 47.91  ? 93  ARG A CD  1 
ATOM   710  N  NE  . ARG A 1 93  ? -6.173  11.421  2.037   1.00 48.59  ? 93  ARG A NE  1 
ATOM   711  C  CZ  . ARG A 1 93  ? -6.112  10.929  0.794   1.00 52.00  ? 93  ARG A CZ  1 
ATOM   712  N  NH1 . ARG A 1 93  ? -6.483  11.655  -0.253  1.00 52.26  ? 93  ARG A NH1 1 
ATOM   713  N  NH2 . ARG A 1 93  ? -5.680  9.695   0.607   1.00 45.92  ? 93  ARG A NH2 1 
ATOM   714  N  N   . TYR A 1 94  ? -10.555 11.586  4.983   1.00 42.69  ? 94  TYR A N   1 
ATOM   715  C  CA  . TYR A 1 94  ? -10.950 10.161  4.826   1.00 44.45  ? 94  TYR A CA  1 
ATOM   716  C  C   . TYR A 1 94  ? -10.104 9.482   3.738   1.00 42.88  ? 94  TYR A C   1 
ATOM   717  O  O   . TYR A 1 94  ? -9.720  10.154  2.754   1.00 41.36  ? 94  TYR A O   1 
ATOM   718  C  CB  . TYR A 1 94  ? -12.440 10.054  4.501   1.00 48.81  ? 94  TYR A CB  1 
ATOM   719  C  CG  . TYR A 1 94  ? -13.300 10.139  5.736   1.00 58.63  ? 94  TYR A CG  1 
ATOM   720  C  CD1 . TYR A 1 94  ? -13.594 9.005   6.479   1.00 59.43  ? 94  TYR A CD1 1 
ATOM   721  C  CD2 . TYR A 1 94  ? -13.761 11.361  6.205   1.00 64.55  ? 94  TYR A CD2 1 
ATOM   722  C  CE1 . TYR A 1 94  ? -14.360 9.076   7.632   1.00 63.49  ? 94  TYR A CE1 1 
ATOM   723  C  CE2 . TYR A 1 94  ? -14.526 11.451  7.360   1.00 66.40  ? 94  TYR A CE2 1 
ATOM   724  C  CZ  . TYR A 1 94  ? -14.826 10.303  8.076   1.00 66.39  ? 94  TYR A CZ  1 
ATOM   725  O  OH  . TYR A 1 94  ? -15.582 10.376  9.211   1.00 68.27  ? 94  TYR A OH  1 
ATOM   726  N  N   . GLN A 1 95  ? -9.804  8.191   3.928   1.00 33.39  ? 95  GLN A N   1 
ATOM   727  C  CA  . GLN A 1 95  ? -9.108  7.315   2.946   1.00 28.14  ? 95  GLN A CA  1 
ATOM   728  C  C   . GLN A 1 95  ? -9.906  6.022   2.810   1.00 30.67  ? 95  GLN A C   1 
ATOM   729  O  O   . GLN A 1 95  ? -10.352 5.502   3.865   1.00 32.09  ? 95  GLN A O   1 
ATOM   730  C  CB  . GLN A 1 95  ? -7.674  7.084   3.416   1.00 26.61  ? 95  GLN A CB  1 
ATOM   731  C  CG  . GLN A 1 95  ? -6.818  6.299   2.442   1.00 28.89  ? 95  GLN A CG  1 
ATOM   732  C  CD  . GLN A 1 95  ? -5.331  6.541   2.589   1.00 25.24  ? 95  GLN A CD  1 
ATOM   733  O  OE1 . GLN A 1 95  ? -4.866  7.632   2.919   1.00 26.85  ? 95  GLN A OE1 1 
ATOM   734  N  NE2 . GLN A 1 95  ? -4.561  5.515   2.290   1.00 25.18  ? 95  GLN A NE2 1 
ATOM   735  N  N   . SER A 1 96  ? -10.050 5.480   1.585   0.26 29.44  ? 96  SER A N   1 
ATOM   736  C  CA  . SER A 1 96  ? -10.721 4.192   1.218   0.26 29.15  ? 96  SER A CA  1 
ATOM   737  C  C   . SER A 1 96  ? -9.798  2.944   1.114   0.26 27.76  ? 96  SER A C   1 
ATOM   738  O  O   . SER A 1 96  ? -8.585  3.124   0.861   0.26 26.27  ? 96  SER A O   1 
ATOM   739  C  CB  . SER A 1 96  ? -11.586 4.304   0.009   0.26 27.58  ? 96  SER A CB  1 
ATOM   740  O  OG  . SER A 1 96  ? -10.938 4.546   -1.242  0.26 30.20  ? 96  SER A OG  1 
ATOM   741  N  N   . HIS A 1 97  ? -10.370 1.717   1.258   0.26 28.72  ? 97  HIS A N   1 
ATOM   742  C  CA  . HIS A 1 97  ? -9.636  0.418   1.245   0.26 27.91  ? 97  HIS A CA  1 
ATOM   743  C  C   . HIS A 1 97  ? -8.370  0.563   2.133   0.26 26.34  ? 97  HIS A C   1 
ATOM   744  O  O   . HIS A 1 97  ? -7.416  0.127   1.722   0.26 21.59  ? 97  HIS A O   1 
ATOM   745  C  CB  . HIS A 1 97  ? -9.404  -0.064  -0.207  0.26 30.94  ? 97  HIS A CB  1 
ATOM   746  C  CG  . HIS A 1 97  ? -10.634 -0.119  -1.077  0.26 33.27  ? 97  HIS A CG  1 
ATOM   747  N  ND1 . HIS A 1 97  ? -10.978 -1.186  -1.854  0.26 32.13  ? 97  HIS A ND1 1 
ATOM   748  C  CD2 . HIS A 1 97  ? -11.559 0.814   -1.335  0.26 37.55  ? 97  HIS A CD2 1 
ATOM   749  C  CE1 . HIS A 1 97  ? -11.978 -0.868  -2.637  0.26 34.85  ? 97  HIS A CE1 1 
ATOM   750  N  NE2 . HIS A 1 97  ? -12.408 0.337   -2.293  0.26 35.02  ? 97  HIS A NE2 1 
ATOM   751  N  N   . LEU A 1 98  ? -8.484  1.042   3.359   0.26 22.48  ? 98  LEU A N   1 
ATOM   752  C  CA  . LEU A 1 98  ? -7.340  1.272   4.272   0.26 24.17  ? 98  LEU A CA  1 
ATOM   753  C  C   . LEU A 1 98  ? -7.506  0.330   5.444   0.26 26.86  ? 98  LEU A C   1 
ATOM   754  O  O   . LEU A 1 98  ? -8.566  0.341   6.017   0.26 27.55  ? 98  LEU A O   1 
ATOM   755  C  CB  . LEU A 1 98  ? -7.320  2.707   4.774   0.26 25.24  ? 98  LEU A CB  1 
ATOM   756  C  CG  . LEU A 1 98  ? -6.141  3.095   5.650   0.26 25.50  ? 98  LEU A CG  1 
ATOM   757  C  CD1 . LEU A 1 98  ? -4.884  3.258   4.822   0.26 24.42  ? 98  LEU A CD1 1 
ATOM   758  C  CD2 . LEU A 1 98  ? -6.404  4.308   6.476   0.26 24.52  ? 98  LEU A CD2 1 
ATOM   759  N  N   . MET A 1 99  ? -6.466  -0.435  5.712   0.26 20.94  ? 99  MET A N   1 
ATOM   760  C  CA  . MET A 1 99  ? -6.437  -1.472  6.778   0.26 23.25  ? 99  MET A CA  1 
ATOM   761  C  C   . MET A 1 99  ? -5.508  -0.970  7.880   0.26 24.65  ? 99  MET A C   1 
ATOM   762  O  O   . MET A 1 99  ? -4.401  -0.490  7.561   0.26 25.20  ? 99  MET A O   1 
ATOM   763  C  CB  . MET A 1 99  ? -5.900  -2.764  6.162   0.26 20.16  ? 99  MET A CB  1 
ATOM   764  C  CG  . MET A 1 99  ? -6.776  -3.406  5.045   0.26 19.73  ? 99  MET A CG  1 
ATOM   765  S  SD  . MET A 1 99  ? -5.926  -4.661  4.146   0.26 23.72  ? 99  MET A SD  1 
ATOM   766  C  CE  . MET A 1 99  ? -4.537  -3.795  3.423   0.26 22.41  ? 99  MET A CE  1 
ATOM   767  N  N   . LEU A 1 100 ? -5.961  -0.991  9.133   1.00 23.27  ? 100 LEU A N   1 
ATOM   768  C  CA  . LEU A 1 100 ? -5.188  -0.454  10.272  1.00 23.15  ? 100 LEU A CA  1 
ATOM   769  C  C   . LEU A 1 100 ? -4.622  -1.607  11.109  1.00 20.41  ? 100 LEU A C   1 
ATOM   770  O  O   . LEU A 1 100 ? -5.279  -2.653  11.240  1.00 21.21  ? 100 LEU A O   1 
ATOM   771  C  CB  . LEU A 1 100 ? -6.113  0.412   11.134  1.00 28.46  ? 100 LEU A CB  1 
ATOM   772  C  CG  . LEU A 1 100 ? -6.335  1.827   10.617  1.00 30.39  ? 100 LEU A CG  1 
ATOM   773  C  CD1 . LEU A 1 100 ? -7.250  2.578   11.577  1.00 31.56  ? 100 LEU A CD1 1 
ATOM   774  C  CD2 . LEU A 1 100 ? -5.010  2.560   10.431  1.00 30.30  ? 100 LEU A CD2 1 
ATOM   775  N  N   . ALA A 1 101 ? -3.408  -1.434  11.590  1.00 19.46  ? 101 ALA A N   1 
ATOM   776  C  CA  . ALA A 1 101 ? -2.777  -2.320  12.578  1.00 21.63  ? 101 ALA A CA  1 
ATOM   777  C  C   . ALA A 1 101 ? -2.049  -1.493  13.634  1.00 24.05  ? 101 ALA A C   1 
ATOM   778  O  O   . ALA A 1 101 ? -1.649  -0.361  13.383  1.00 20.26  ? 101 ALA A O   1 
ATOM   779  C  CB  . ALA A 1 101 ? -1.788  -3.229  11.876  1.00 23.69  ? 101 ALA A CB  1 
ATOM   780  N  N   . VAL A 1 102 ? -1.747  -2.121  14.757  1.00 22.53  ? 102 VAL A N   1 
ATOM   781  C  CA  . VAL A 1 102 ? -0.908  -1.528  15.821  1.00 23.30  ? 102 VAL A CA  1 
ATOM   782  C  C   . VAL A 1 102 ? 0.548   -1.759  15.417  1.00 23.45  ? 102 VAL A C   1 
ATOM   783  O  O   . VAL A 1 102 ? 0.996   -2.937  15.354  1.00 29.09  ? 102 VAL A O   1 
ATOM   784  C  CB  . VAL A 1 102 ? -1.292  -2.142  17.194  1.00 22.61  ? 102 VAL A CB  1 
ATOM   785  C  CG1 . VAL A 1 102 ? -0.490  -1.570  18.335  1.00 22.92  ? 102 VAL A CG1 1 
ATOM   786  C  CG2 . VAL A 1 102 ? -2.770  -1.952  17.433  1.00 20.53  ? 102 VAL A CG2 1 
ATOM   787  N  N   . GLY A 1 103 ? 1.261   -0.679  15.158  1.00 25.57  ? 103 GLY A N   1 
ATOM   788  C  CA  . GLY A 1 103 ? 2.669   -0.739  14.752  1.00 24.21  ? 103 GLY A CA  1 
ATOM   789  C  C   . GLY A 1 103 ? 3.191   0.637   14.435  1.00 23.29  ? 103 GLY A C   1 
ATOM   790  O  O   . GLY A 1 103 ? 2.399   1.593   14.420  1.00 24.70  ? 103 GLY A O   1 
ATOM   791  N  N   . HIS A 1 104 ? 4.486   0.703   14.182  1.00 23.57  ? 104 HIS A N   1 
ATOM   792  C  CA  . HIS A 1 104 ? 5.230   1.958   13.982  1.00 27.85  ? 104 HIS A CA  1 
ATOM   793  C  C   . HIS A 1 104 ? 5.163   2.310   12.501  1.00 27.32  ? 104 HIS A C   1 
ATOM   794  O  O   . HIS A 1 104 ? 5.446   1.435   11.708  1.00 24.38  ? 104 HIS A O   1 
ATOM   795  C  CB  . HIS A 1 104 ? 6.689   1.836   14.437  1.00 26.07  ? 104 HIS A CB  1 
ATOM   796  C  CG  . HIS A 1 104 ? 7.408   3.125   14.236  1.00 27.94  ? 104 HIS A CG  1 
ATOM   797  N  ND1 . HIS A 1 104 ? 7.001   4.264   14.863  1.00 28.70  ? 104 HIS A ND1 1 
ATOM   798  C  CD2 . HIS A 1 104 ? 8.419   3.485   13.415  1.00 25.73  ? 104 HIS A CD2 1 
ATOM   799  C  CE1 . HIS A 1 104 ? 7.750   5.273   14.466  1.00 23.82  ? 104 HIS A CE1 1 
ATOM   800  N  NE2 . HIS A 1 104 ? 8.647   4.823   13.605  1.00 26.74  ? 104 HIS A NE2 1 
ATOM   801  N  N   . SER A 1 105 ? 4.848   3.561   12.175  1.00 24.25  ? 105 SER A N   1 
ATOM   802  C  CA  . SER A 1 105 ? 4.835   4.078   10.789  1.00 23.79  ? 105 SER A CA  1 
ATOM   803  C  C   . SER A 1 105 ? 5.139   5.574   10.825  1.00 25.75  ? 105 SER A C   1 
ATOM   804  O  O   . SER A 1 105 ? 4.432   6.307   11.516  1.00 31.53  ? 105 SER A O   1 
ATOM   805  C  CB  . SER A 1 105 ? 3.535   3.780   10.077  1.00 23.52  ? 105 SER A CB  1 
ATOM   806  O  OG  . SER A 1 105 ? 3.618   4.240   8.716   1.00 25.14  ? 105 SER A OG  1 
ATOM   807  N  N   . GLU A 1 106 ? 6.137   5.972   10.063  1.00 26.48  ? 106 GLU A N   1 
ATOM   808  C  CA  . GLU A 1 106 ? 6.490   7.370   9.731   1.00 33.37  ? 106 GLU A CA  1 
ATOM   809  C  C   . GLU A 1 106 ? 6.308   7.569   8.232   1.00 34.05  ? 106 GLU A C   1 
ATOM   810  O  O   . GLU A 1 106 ? 6.318   6.609   7.455   1.00 31.04  ? 106 GLU A O   1 
ATOM   811  C  CB  . GLU A 1 106 ? 7.947   7.627   10.144  1.00 36.57  ? 106 GLU A CB  1 
ATOM   812  C  CG  . GLU A 1 106 ? 8.124   7.679   11.652  1.00 39.74  ? 106 GLU A CG  1 
ATOM   813  C  CD  . GLU A 1 106 ? 9.566   7.661   12.144  1.00 42.00  ? 106 GLU A CD  1 
ATOM   814  O  OE1 . GLU A 1 106 ? 10.415  8.332   11.538  1.00 42.02  ? 106 GLU A OE1 1 
ATOM   815  O  OE2 . GLU A 1 106 ? 9.834   6.959   13.122  1.00 43.32  ? 106 GLU A OE2 1 
ATOM   816  N  N   . PRO A 1 107 ? 6.223   8.837   7.775   1.00 38.26  ? 107 PRO A N   1 
ATOM   817  C  CA  . PRO A 1 107 ? 6.049   9.130   6.352   1.00 36.71  ? 107 PRO A CA  1 
ATOM   818  C  C   . PRO A 1 107 ? 6.911   8.312   5.376   1.00 35.69  ? 107 PRO A C   1 
ATOM   819  O  O   . PRO A 1 107 ? 6.369   7.752   4.412   1.00 38.19  ? 107 PRO A O   1 
ATOM   820  C  CB  . PRO A 1 107 ? 6.426   10.622  6.310   1.00 39.81  ? 107 PRO A CB  1 
ATOM   821  C  CG  . PRO A 1 107 ? 5.898   11.150  7.626   1.00 39.10  ? 107 PRO A CG  1 
ATOM   822  C  CD  . PRO A 1 107 ? 6.252   10.052  8.612   1.00 39.61  ? 107 PRO A CD  1 
ATOM   823  N  N   . GLY A 1 108 ? 8.222   8.243   5.614   1.00 28.50  ? 108 GLY A N   1 
ATOM   824  C  CA  . GLY A 1 108 ? 9.156   7.494   4.756   1.00 27.66  ? 108 GLY A CA  1 
ATOM   825  C  C   . GLY A 1 108 ? 8.893   5.988   4.762   1.00 23.72  ? 108 GLY A C   1 
ATOM   826  O  O   . GLY A 1 108 ? 9.583   5.245   4.012   1.00 26.08  ? 108 GLY A O   1 
ATOM   827  N  N   . ASP A 1 109 ? 8.015   5.499   5.633   1.00 25.65  ? 109 ASP A N   1 
ATOM   828  C  CA  . ASP A 1 109 ? 7.680   4.061   5.653   1.00 24.65  ? 109 ASP A CA  1 
ATOM   829  C  C   . ASP A 1 109 ? 6.642   3.735   4.592   1.00 22.10  ? 109 ASP A C   1 
ATOM   830  O  O   . ASP A 1 109 ? 6.560   2.548   4.227   1.00 21.72  ? 109 ASP A O   1 
ATOM   831  C  CB  . ASP A 1 109 ? 7.141   3.634   7.004   1.00 23.04  ? 109 ASP A CB  1 
ATOM   832  C  CG  . ASP A 1 109 ? 8.267   3.594   8.023   1.00 21.58  ? 109 ASP A CG  1 
ATOM   833  O  OD1 . ASP A 1 109 ? 9.380   3.191   7.627   1.00 22.41  ? 109 ASP A OD1 1 
ATOM   834  O  OD2 . ASP A 1 109 ? 8.007   3.952   9.155   1.00 21.81  ? 109 ASP A OD2 1 
ATOM   835  N  N   . CYS A 1 110 ? 5.963   4.754   4.061   1.00 18.87  ? 110 CYS A N   1 
ATOM   836  C  CA  . CYS A 1 110 ? 4.973   4.557   2.977   1.00 18.67  ? 110 CYS A CA  1 
ATOM   837  C  C   . CYS A 1 110 ? 5.669   3.745   1.887   1.00 19.76  ? 110 CYS A C   1 
ATOM   838  O  O   . CYS A 1 110 ? 6.832   4.063   1.558   1.00 20.87  ? 110 CYS A O   1 
ATOM   839  C  CB  . CYS A 1 110 ? 4.455   5.876   2.404   1.00 19.84  ? 110 CYS A CB  1 
ATOM   840  S  SG  . CYS A 1 110 ? 3.253   6.706   3.462   1.00 23.21  ? 110 CYS A SG  1 
ATOM   841  N  N   . GLY A 1 111 ? 4.953   2.781   1.305   1.00 15.95  ? 111 GLY A N   1 
ATOM   842  C  CA  . GLY A 1 111 ? 5.498   1.874   0.283   1.00 17.83  ? 111 GLY A CA  1 
ATOM   843  C  C   . GLY A 1 111 ? 6.027   0.547   0.838   1.00 17.98  ? 111 GLY A C   1 
ATOM   844  O  O   . GLY A 1 111 ? 6.193   -0.365  0.025   1.00 19.21  ? 111 GLY A O   1 
ATOM   845  N  N   . GLY A 1 112 ? 6.313   0.452   2.141   1.00 19.74  ? 112 GLY A N   1 
ATOM   846  C  CA  . GLY A 1 112 ? 6.603   -0.837  2.796   1.00 17.18  ? 112 GLY A CA  1 
ATOM   847  C  C   . GLY A 1 112 ? 5.516   -1.869  2.489   1.00 17.71  ? 112 GLY A C   1 
ATOM   848  O  O   . GLY A 1 112 ? 4.290   -1.577  2.674   1.00 15.57  ? 112 GLY A O   1 
ATOM   849  N  N   . ILE A 1 113 ? 5.890   -3.040  2.038   1.00 17.89  ? 113 ILE A N   1 
ATOM   850  C  CA  . ILE A 1 113 ? 4.906   -4.120  1.736   1.00 16.67  ? 113 ILE A CA  1 
ATOM   851  C  C   . ILE A 1 113 ? 4.378   -4.733  3.013   1.00 14.40  ? 113 ILE A C   1 
ATOM   852  O  O   . ILE A 1 113 ? 5.180   -4.998  3.942   1.00 17.60  ? 113 ILE A O   1 
ATOM   853  C  CB  . ILE A 1 113 ? 5.593   -5.146  0.832   1.00 18.79  ? 113 ILE A CB  1 
ATOM   854  C  CG1 . ILE A 1 113 ? 5.702   -4.532  -0.565  1.00 19.84  ? 113 ILE A CG1 1 
ATOM   855  C  CG2 . ILE A 1 113 ? 4.847   -6.483  0.846   1.00 19.19  ? 113 ILE A CG2 1 
ATOM   856  C  CD1 . ILE A 1 113 ? 6.719   -5.153  -1.479  1.00 22.33  ? 113 ILE A CD1 1 
ATOM   857  N  N   . LEU A 1 114 ? 3.052   -4.933  2.998   1.00 15.09  ? 114 LEU A N   1 
ATOM   858  C  CA  . LEU A 1 114 ? 2.409   -5.923  3.897   1.00 14.72  ? 114 LEU A CA  1 
ATOM   859  C  C   . LEU A 1 114 ? 2.125   -7.202  3.098   1.00 16.18  ? 114 LEU A C   1 
ATOM   860  O  O   . LEU A 1 114 ? 1.524   -7.064  2.002   1.00 16.29  ? 114 LEU A O   1 
ATOM   861  C  CB  . LEU A 1 114 ? 1.104   -5.306  4.380   1.00 14.36  ? 114 LEU A CB  1 
ATOM   862  C  CG  . LEU A 1 114 ? 0.188   -6.225  5.204   1.00 15.61  ? 114 LEU A CG  1 
ATOM   863  C  CD1 . LEU A 1 114 ? 0.733   -6.598  6.575   1.00 15.87  ? 114 LEU A CD1 1 
ATOM   864  C  CD2 . LEU A 1 114 ? -1.166  -5.562  5.355   1.00 18.77  ? 114 LEU A CD2 1 
ATOM   865  N  N   . ARG A 1 115 ? 2.505   -8.363  3.639   1.00 15.74  ? 115 ARG A N   1 
ATOM   866  C  CA  . ARG A 1 115 ? 2.359   -9.685  2.968   1.00 16.80  ? 115 ARG A CA  1 
ATOM   867  C  C   . ARG A 1 115 ? 1.762   -10.684 3.955   1.00 16.82  ? 115 ARG A C   1 
ATOM   868  O  O   . ARG A 1 115 ? 1.951   -10.551 5.150   1.00 16.71  ? 115 ARG A O   1 
ATOM   869  C  CB  . ARG A 1 115 ? 3.692   -10.178 2.383   1.00 19.72  ? 115 ARG A CB  1 
ATOM   870  C  CG  . ARG A 1 115 ? 4.735   -10.439 3.459   1.00 20.99  ? 115 ARG A CG  1 
ATOM   871  C  CD  . ARG A 1 115 ? 6.066   -10.849 2.890   1.00 24.80  ? 115 ARG A CD  1 
ATOM   872  N  NE  . ARG A 1 115 ? 6.816   -9.698  2.436   1.00 28.66  ? 115 ARG A NE  1 
ATOM   873  C  CZ  . ARG A 1 115 ? 7.274   -9.495  1.199   1.00 29.85  ? 115 ARG A CZ  1 
ATOM   874  N  NH1 . ARG A 1 115 ? 7.067   -10.354 0.208   1.00 31.63  ? 115 ARG A NH1 1 
ATOM   875  N  NH2 . ARG A 1 115 ? 7.962   -8.401  0.965   1.00 29.66  ? 115 ARG A NH2 1 
ATOM   876  N  N   . CYS A 1 116 ? 0.957   -11.566 3.392   1.00 15.65  ? 116 CYS A N   1 
ATOM   877  C  CA  . CYS A 1 116 ? 0.354   -12.722 4.111   1.00 18.27  ? 116 CYS A CA  1 
ATOM   878  C  C   . CYS A 1 116 ? 0.829   -13.992 3.414   1.00 23.05  ? 116 CYS A C   1 
ATOM   879  O  O   . CYS A 1 116 ? 1.619   -13.899 2.476   1.00 20.49  ? 116 CYS A O   1 
ATOM   880  C  CB  . CYS A 1 116 ? -1.158  -12.580 4.113   1.00 18.69  ? 116 CYS A CB  1 
ATOM   881  S  SG  . CYS A 1 116 ? -1.814  -12.815 2.434   1.00 19.13  ? 116 CYS A SG  1 
ATOM   882  N  N   . GLN A 1 117 ? 0.334   -15.155 3.822   1.00 24.62  ? 117 GLN A N   1 
ATOM   883  C  CA  . GLN A 1 117 ? 0.692   -16.451 3.193   1.00 24.88  ? 117 GLN A CA  1 
ATOM   884  C  C   . GLN A 1 117 ? 0.346   -16.445 1.691   1.00 24.30  ? 117 GLN A C   1 
ATOM   885  O  O   . GLN A 1 117 ? 0.979   -17.194 0.938   1.00 30.06  ? 117 GLN A O   1 
ATOM   886  C  CB  . GLN A 1 117 ? -0.020  -17.550 3.976   1.00 25.74  ? 117 GLN A CB  1 
ATOM   887  C  CG  . GLN A 1 117 ? -1.528  -17.508 3.777   1.00 27.81  ? 117 GLN A CG  1 
ATOM   888  C  CD  . GLN A 1 117 ? -2.157  -18.664 4.502   1.00 30.34  ? 117 GLN A CD  1 
ATOM   889  O  OE1 . GLN A 1 117 ? -2.596  -18.537 5.637   1.00 37.03  ? 117 GLN A OE1 1 
ATOM   890  N  NE2 . GLN A 1 117 ? -2.142  -19.816 3.844   1.00 35.86  ? 117 GLN A NE2 1 
ATOM   891  N  N   . HIS A 1 118 ? -0.624  -15.657 1.250   1.00 22.44  ? 118 HIS A N   1 
ATOM   892  C  CA  . HIS A 1 118 ? -1.084  -15.617 -0.162  1.00 28.24  ? 118 HIS A CA  1 
ATOM   893  C  C   . HIS A 1 118 ? -0.268  -14.644 -1.020  1.00 29.86  ? 118 HIS A C   1 
ATOM   894  O  O   . HIS A 1 118 ? -0.567  -14.620 -2.222  1.00 31.32  ? 118 HIS A O   1 
ATOM   895  C  CB  . HIS A 1 118 ? -2.569  -15.288 -0.192  1.00 27.77  ? 118 HIS A CB  1 
ATOM   896  C  CG  . HIS A 1 118 ? -3.372  -16.229 0.634   1.00 30.75  ? 118 HIS A CG  1 
ATOM   897  N  ND1 . HIS A 1 118 ? -3.872  -15.875 1.855   1.00 30.68  ? 118 HIS A ND1 1 
ATOM   898  C  CD2 . HIS A 1 118 ? -3.729  -17.517 0.441   1.00 31.57  ? 118 HIS A CD2 1 
ATOM   899  C  CE1 . HIS A 1 118 ? -4.545  -16.884 2.372   1.00 33.18  ? 118 HIS A CE1 1 
ATOM   900  N  NE2 . HIS A 1 118 ? -4.459  -17.908 1.537   1.00 30.33  ? 118 HIS A NE2 1 
ATOM   901  N  N   . GLY A 1 119 ? 0.684   -13.871 -0.456  1.00 27.15  ? 119 GLY A N   1 
ATOM   902  C  CA  . GLY A 1 119 ? 1.441   -12.845 -1.205  1.00 23.60  ? 119 GLY A CA  1 
ATOM   903  C  C   . GLY A 1 119 ? 1.210   -11.424 -0.700  1.00 24.24  ? 119 GLY A C   1 
ATOM   904  O  O   . GLY A 1 119 ? 0.917   -11.219 0.485   1.00 19.81  ? 119 GLY A O   1 
ATOM   905  N  N   . VAL A 1 120 ? 1.381   -10.427 -1.568  1.00 21.92  ? 120 VAL A N   1 
ATOM   906  C  CA  . VAL A 1 120 ? 1.368   -9.000  -1.174  1.00 21.52  ? 120 VAL A CA  1 
ATOM   907  C  C   . VAL A 1 120 ? -0.079  -8.602  -0.922  1.00 21.38  ? 120 VAL A C   1 
ATOM   908  O  O   . VAL A 1 120 ? -0.972  -8.810  -1.787  1.00 22.33  ? 120 VAL A O   1 
ATOM   909  C  CB  . VAL A 1 120 ? 2.051   -8.104  -2.235  1.00 19.79  ? 120 VAL A CB  1 
ATOM   910  C  CG1 . VAL A 1 120 ? 1.876   -6.627  -1.919  1.00 23.05  ? 120 VAL A CG1 1 
ATOM   911  C  CG2 . VAL A 1 120 ? 3.522   -8.484  -2.337  1.00 20.07  ? 120 VAL A CG2 1 
ATOM   912  N  N   . VAL A 1 121 ? -0.343  -8.055  0.249   1.00 18.83  ? 121 VAL A N   1 
ATOM   913  C  CA  . VAL A 1 121 ? -1.697  -7.552  0.595   1.00 19.77  ? 121 VAL A CA  1 
ATOM   914  C  C   . VAL A 1 121 ? -1.832  -6.074  0.235   1.00 20.09  ? 121 VAL A C   1 
ATOM   915  O  O   . VAL A 1 121 ? -2.919  -5.641  -0.092  1.00 19.62  ? 121 VAL A O   1 
ATOM   916  C  CB  . VAL A 1 121 ? -1.918  -7.805  2.091   1.00 18.89  ? 121 VAL A CB  1 
ATOM   917  C  CG1 . VAL A 1 121 ? -3.206  -7.187  2.616   1.00 18.27  ? 121 VAL A CG1 1 
ATOM   918  C  CG2 . VAL A 1 121 ? -1.829  -9.286  2.369   1.00 21.27  ? 121 VAL A CG2 1 
ATOM   919  N  N   . GLY A 1 122 ? -0.775  -5.304  0.415   1.00 16.70  ? 122 GLY A N   1 
ATOM   920  C  CA  . GLY A 1 122 ? -0.907  -3.855  0.396   1.00 19.27  ? 122 GLY A CA  1 
ATOM   921  C  C   . GLY A 1 122 ? 0.385   -3.188  0.779   1.00 17.79  ? 122 GLY A C   1 
ATOM   922  O  O   . GLY A 1 122 ? 1.403   -3.854  0.938   1.00 19.89  ? 122 GLY A O   1 
ATOM   923  N  N   . ILE A 1 123 ? 0.341   -1.859  0.767   1.00 17.65  ? 123 ILE A N   1 
ATOM   924  C  CA  . ILE A 1 123 ? 1.534   -1.060  1.135   1.00 14.94  ? 123 ILE A CA  1 
ATOM   925  C  C   . ILE A 1 123 ? 1.180   -0.034  2.214   1.00 15.35  ? 123 ILE A C   1 
ATOM   926  O  O   . ILE A 1 123 ? 0.036   0.460   2.291   1.00 16.20  ? 123 ILE A O   1 
ATOM   927  C  CB  . ILE A 1 123 ? 2.130   -0.321  -0.070  1.00 16.40  ? 123 ILE A CB  1 
ATOM   928  C  CG1 . ILE A 1 123 ? 1.122   0.543   -0.817  1.00 18.12  ? 123 ILE A CG1 1 
ATOM   929  C  CG2 . ILE A 1 123 ? 2.883   -1.254  -0.990  1.00 15.53  ? 123 ILE A CG2 1 
ATOM   930  C  CD1 . ILE A 1 123 ? 1.689   1.403   -1.940  1.00 17.86  ? 123 ILE A CD1 1 
ATOM   931  N  N   . VAL A 1 124 ? 2.181   0.230   3.055   1.00 16.88  ? 124 VAL A N   1 
ATOM   932  C  CA  . VAL A 1 124 ? 2.060   1.249   4.120   1.00 16.88  ? 124 VAL A CA  1 
ATOM   933  C  C   . VAL A 1 124 ? 1.641   2.548   3.455   1.00 16.44  ? 124 VAL A C   1 
ATOM   934  O  O   . VAL A 1 124 ? 2.253   2.965   2.411   1.00 18.14  ? 124 VAL A O   1 
ATOM   935  C  CB  . VAL A 1 124 ? 3.382   1.452   4.865   1.00 16.49  ? 124 VAL A CB  1 
ATOM   936  C  CG1 . VAL A 1 124 ? 3.281   2.698   5.758   1.00 16.63  ? 124 VAL A CG1 1 
ATOM   937  C  CG2 . VAL A 1 124 ? 3.752   0.204   5.632   1.00 16.55  ? 124 VAL A CG2 1 
ATOM   938  N  N   . SER A 1 125 ? 0.609   3.185   4.027   1.00 18.28  ? 125 SER A N   1 
ATOM   939  C  CA  . SER A 1 125 ? 0.003   4.427   3.488   1.00 19.04  ? 125 SER A CA  1 
ATOM   940  C  C   . SER A 1 125 ? -0.135  5.494   4.582   1.00 19.09  ? 125 SER A C   1 
ATOM   941  O  O   . SER A 1 125 ? -0.011  6.683   4.271   1.00 20.55  ? 125 SER A O   1 
ATOM   942  C  CB  . SER A 1 125 ? -1.334  4.177   2.847   1.00 20.13  ? 125 SER A CB  1 
ATOM   943  O  OG  . SER A 1 125 ? -1.810  5.389   2.265   1.00 24.00  ? 125 SER A OG  1 
ATOM   944  N  N   . THR A 1 126 ? -0.394  5.099   5.828   1.00 23.61  ? 126 THR A N   1 
ATOM   945  C  CA  . THR A 1 126 ? -0.617  6.074   6.921   1.00 23.18  ? 126 THR A CA  1 
ATOM   946  C  C   . THR A 1 126 ? 0.166   5.645   8.166   1.00 27.34  ? 126 THR A C   1 
ATOM   947  O  O   . THR A 1 126 ? 0.565   4.464   8.249   1.00 28.55  ? 126 THR A O   1 
ATOM   948  C  CB  . THR A 1 126 ? -2.118  6.240   7.206   1.00 22.39  ? 126 THR A CB  1 
ATOM   949  O  OG1 . THR A 1 126 ? -2.527  5.081   7.932   1.00 24.97  ? 126 THR A OG1 1 
ATOM   950  C  CG2 . THR A 1 126 ? -2.970  6.433   5.969   1.00 22.42  ? 126 THR A CG2 1 
ATOM   951  N  N   . GLY A 1 127 ? 0.355   6.599   9.093   1.00 29.02  ? 127 GLY A N   1 
ATOM   952  C  CA  . GLY A 1 127 ? 1.155   6.456   10.327  1.00 31.81  ? 127 GLY A CA  1 
ATOM   953  C  C   . GLY A 1 127 ? 0.598   7.340   11.438  1.00 37.57  ? 127 GLY A C   1 
ATOM   954  O  O   . GLY A 1 127 ? -0.366  8.071   11.158  1.00 32.93  ? 127 GLY A O   1 
ATOM   955  N  N   . GLY A 1 128 ? 1.120   7.225   12.662  1.00 40.99  ? 128 GLY A N   1 
ATOM   956  C  CA  . GLY A 1 128 ? 0.763   8.107   13.796  1.00 41.58  ? 128 GLY A CA  1 
ATOM   957  C  C   . GLY A 1 128 ? 0.013   7.390   14.908  1.00 40.96  ? 128 GLY A C   1 
ATOM   958  O  O   . GLY A 1 128 ? -0.801  6.491   14.607  1.00 41.29  ? 128 GLY A O   1 
ATOM   959  N  N   . ASN A 1 129 ? 0.248   7.806   16.156  1.00 39.30  ? 129 ASN A N   1 
ATOM   960  C  CA  . ASN A 1 129 ? -0.499  7.353   17.364  1.00 38.62  ? 129 ASN A CA  1 
ATOM   961  C  C   . ASN A 1 129 ? -0.293  5.854   17.564  1.00 32.99  ? 129 ASN A C   1 
ATOM   962  O  O   . ASN A 1 129 ? -1.163  5.189   18.165  1.00 34.40  ? 129 ASN A O   1 
ATOM   963  C  CB  . ASN A 1 129 ? -1.994  7.682   17.281  1.00 43.81  ? 129 ASN A CB  1 
ATOM   964  C  CG  . ASN A 1 129 ? -2.267  9.165   17.374  1.00 48.65  ? 129 ASN A CG  1 
ATOM   965  O  OD1 . ASN A 1 129 ? -1.473  9.901   17.954  1.00 53.33  ? 129 ASN A OD1 1 
ATOM   966  N  ND2 . ASN A 1 129 ? -3.393  9.601   16.829  1.00 52.01  ? 129 ASN A ND2 1 
ATOM   967  N  N   . GLY A 1 130 ? 0.827   5.335   17.074  1.00 30.00  ? 130 GLY A N   1 
ATOM   968  C  CA  . GLY A 1 130 ? 1.180   3.912   17.195  1.00 29.05  ? 130 GLY A CA  1 
ATOM   969  C  C   . GLY A 1 130 ? 0.332   3.001   16.308  1.00 26.99  ? 130 GLY A C   1 
ATOM   970  O  O   . GLY A 1 130 ? 0.268   1.815   16.589  1.00 27.46  ? 130 GLY A O   1 
ATOM   971  N  N   . LEU A 1 131 ? -0.326  3.532   15.273  1.00 25.27  ? 131 LEU A N   1 
ATOM   972  C  CA  . LEU A 1 131 ? -1.023  2.700   14.263  1.00 26.20  ? 131 LEU A CA  1 
ATOM   973  C  C   . LEU A 1 131 ? -0.239  2.779   12.956  1.00 24.25  ? 131 LEU A C   1 
ATOM   974  O  O   . LEU A 1 131 ? 0.457   3.763   12.735  1.00 21.84  ? 131 LEU A O   1 
ATOM   975  C  CB  . LEU A 1 131 ? -2.442  3.205   14.052  1.00 30.31  ? 131 LEU A CB  1 
ATOM   976  C  CG  . LEU A 1 131 ? -3.305  3.243   15.306  1.00 28.67  ? 131 LEU A CG  1 
ATOM   977  C  CD1 . LEU A 1 131 ? -4.708  3.667   14.956  1.00 30.30  ? 131 LEU A CD1 1 
ATOM   978  C  CD2 . LEU A 1 131 ? -3.322  1.900   16.003  1.00 29.03  ? 131 LEU A CD2 1 
ATOM   979  N  N   . VAL A 1 132 ? -0.473  1.823   12.083  1.00 22.64  ? 132 VAL A N   1 
ATOM   980  C  CA  . VAL A 1 132 ? 0.061   1.844   10.695  1.00 21.57  ? 132 VAL A CA  1 
ATOM   981  C  C   . VAL A 1 132 ? -1.127  1.499   9.805   1.00 20.00  ? 132 VAL A C   1 
ATOM   982  O  O   . VAL A 1 132 ? -1.906  0.598   10.124  1.00 21.16  ? 132 VAL A O   1 
ATOM   983  C  CB  . VAL A 1 132 ? 1.281   0.923   10.506  1.00 21.75  ? 132 VAL A CB  1 
ATOM   984  C  CG1 . VAL A 1 132 ? 1.024   -0.464  11.067  1.00 24.34  ? 132 VAL A CG1 1 
ATOM   985  C  CG2 . VAL A 1 132 ? 1.763   0.890   9.050   1.00 21.78  ? 132 VAL A CG2 1 
ATOM   986  N  N   . GLY A 1 133 ? -1.284  2.283   8.751   1.00 19.89  ? 133 GLY A N   1 
ATOM   987  C  CA  . GLY A 1 133 ? -2.317  2.049   7.754   1.00 20.00  ? 133 GLY A CA  1 
ATOM   988  C  C   . GLY A 1 133 ? -1.724  1.545   6.453   1.00 18.17  ? 133 GLY A C   1 
ATOM   989  O  O   . GLY A 1 133 ? -0.731  2.113   6.022   1.00 21.23  ? 133 GLY A O   1 
ATOM   990  N  N   . PHE A 1 134 ? -2.384  0.557   5.876   1.00 18.10  ? 134 PHE A N   1 
ATOM   991  C  CA  . PHE A 1 134 ? -2.021  -0.129  4.613   1.00 17.61  ? 134 PHE A CA  1 
ATOM   992  C  C   . PHE A 1 134 ? -3.107  0.090   3.574   1.00 21.20  ? 134 PHE A C   1 
ATOM   993  O  O   . PHE A 1 134 ? -4.274  -0.154  3.809   1.00 21.45  ? 134 PHE A O   1 
ATOM   994  C  CB  . PHE A 1 134 ? -1.897  -1.628  4.896   1.00 17.16  ? 134 PHE A CB  1 
ATOM   995  C  CG  . PHE A 1 134 ? -0.938  -1.951  5.991   1.00 19.48  ? 134 PHE A CG  1 
ATOM   996  C  CD1 . PHE A 1 134 ? 0.422   -1.861  5.764   1.00 16.16  ? 134 PHE A CD1 1 
ATOM   997  C  CD2 . PHE A 1 134 ? -1.377  -2.332  7.254   1.00 20.88  ? 134 PHE A CD2 1 
ATOM   998  C  CE1 . PHE A 1 134 ? 1.312   -2.189  6.773   1.00 16.79  ? 134 PHE A CE1 1 
ATOM   999  C  CE2 . PHE A 1 134 ? -0.475  -2.609  8.269   1.00 19.96  ? 134 PHE A CE2 1 
ATOM   1000 C  CZ  . PHE A 1 134 ? 0.874   -2.551  8.016   1.00 19.79  ? 134 PHE A CZ  1 
ATOM   1001 N  N   . ALA A 1 135 ? -2.731  0.604   2.418   1.00 17.51  ? 135 ALA A N   1 
ATOM   1002 C  CA  . ALA A 1 135 ? -3.603  0.640   1.227   1.00 17.22  ? 135 ALA A CA  1 
ATOM   1003 C  C   . ALA A 1 135 ? -3.739  -0.780  0.654   1.00 17.19  ? 135 ALA A C   1 
ATOM   1004 O  O   . ALA A 1 135 ? -2.726  -1.377  0.236   1.00 18.06  ? 135 ALA A O   1 
ATOM   1005 C  CB  . ALA A 1 135 ? -3.006  1.594   0.207   1.00 17.56  ? 135 ALA A CB  1 
ATOM   1006 N  N   . ASP A 1 136 ? -4.926  -1.398  0.753   1.00 18.81  ? 136 ASP A N   1 
ATOM   1007 C  CA  . ASP A 1 136 ? -5.163  -2.749  0.205   1.00 22.28  ? 136 ASP A CA  1 
ATOM   1008 C  C   . ASP A 1 136 ? -5.028  -2.758  -1.314  1.00 20.64  ? 136 ASP A C   1 
ATOM   1009 O  O   . ASP A 1 136 ? -5.351  -1.711  -1.916  1.00 18.94  ? 136 ASP A O   1 
ATOM   1010 C  CB  . ASP A 1 136 ? -6.554  -3.227  0.573   1.00 20.13  ? 136 ASP A CB  1 
ATOM   1011 C  CG  . ASP A 1 136 ? -6.840  -4.633  0.081   1.00 22.92  ? 136 ASP A CG  1 
ATOM   1012 O  OD1 . ASP A 1 136 ? -6.011  -5.541  0.280   1.00 24.60  ? 136 ASP A OD1 1 
ATOM   1013 O  OD2 . ASP A 1 136 ? -7.890  -4.807  -0.585  1.00 26.57  ? 136 ASP A OD2 1 
ATOM   1014 N  N   . VAL A 1 137 ? -4.494  -3.832  -1.897  1.00 20.93  ? 137 VAL A N   1 
ATOM   1015 C  CA  . VAL A 1 137 ? -4.475  -3.991  -3.378  1.00 20.62  ? 137 VAL A CA  1 
ATOM   1016 C  C   . VAL A 1 137 ? -5.187  -5.295  -3.764  1.00 22.88  ? 137 VAL A C   1 
ATOM   1017 O  O   . VAL A 1 137 ? -5.201  -5.578  -4.949  1.00 24.37  ? 137 VAL A O   1 
ATOM   1018 C  CB  . VAL A 1 137 ? -3.038  -3.937  -3.905  1.00 20.45  ? 137 VAL A CB  1 
ATOM   1019 C  CG1 . VAL A 1 137 ? -2.448  -2.578  -3.592  1.00 19.15  ? 137 VAL A CG1 1 
ATOM   1020 C  CG2 . VAL A 1 137 ? -2.142  -5.042  -3.402  1.00 18.70  ? 137 VAL A CG2 1 
ATOM   1021 N  N   . ARG A 1 138 ? -5.677  -6.087  -2.799  1.00 21.70  ? 138 ARG A N   1 
ATOM   1022 C  CA  . ARG A 1 138 ? -6.125  -7.479  -3.070  1.00 22.09  ? 138 ARG A CA  1 
ATOM   1023 C  C   . ARG A 1 138 ? -7.404  -7.457  -3.919  1.00 26.57  ? 138 ARG A C   1 
ATOM   1024 O  O   . ARG A 1 138 ? -7.711  -8.509  -4.493  1.00 25.21  ? 138 ARG A O   1 
ATOM   1025 C  CB  . ARG A 1 138 ? -6.376  -8.232  -1.762  1.00 21.65  ? 138 ARG A CB  1 
ATOM   1026 C  CG  . ARG A 1 138 ? -5.118  -8.509  -0.960  1.00 21.95  ? 138 ARG A CG  1 
ATOM   1027 C  CD  . ARG A 1 138 ? -5.481  -9.173  0.374   1.00 20.75  ? 138 ARG A CD  1 
ATOM   1028 N  NE  . ARG A 1 138 ? -6.227  -8.256  1.191   1.00 20.88  ? 138 ARG A NE  1 
ATOM   1029 C  CZ  . ARG A 1 138 ? -6.597  -8.506  2.416   1.00 23.15  ? 138 ARG A CZ  1 
ATOM   1030 N  NH1 . ARG A 1 138 ? -6.439  -9.729  2.882   1.00 21.29  ? 138 ARG A NH1 1 
ATOM   1031 N  NH2 . ARG A 1 138 ? -7.164  -7.554  3.140   1.00 24.61  ? 138 ARG A NH2 1 
ATOM   1032 N  N   . ASP A 1 139 ? -8.131  -6.341  -3.976  1.00 27.27  ? 139 ASP A N   1 
ATOM   1033 C  CA  . ASP A 1 139 ? -9.367  -6.217  -4.796  1.00 27.89  ? 139 ASP A CA  1 
ATOM   1034 C  C   . ASP A 1 139 ? -9.009  -5.884  -6.249  1.00 28.85  ? 139 ASP A C   1 
ATOM   1035 O  O   . ASP A 1 139 ? -9.920  -5.985  -7.089  1.00 28.61  ? 139 ASP A O   1 
ATOM   1036 C  CB  . ASP A 1 139 ? -10.337 -5.190  -4.227  1.00 29.03  ? 139 ASP A CB  1 
ATOM   1037 C  CG  . ASP A 1 139 ? -9.813  -3.774  -4.229  1.00 30.00  ? 139 ASP A CG  1 
ATOM   1038 O  OD1 . ASP A 1 139 ? -8.609  -3.616  -3.925  1.00 30.21  ? 139 ASP A OD1 1 
ATOM   1039 O  OD2 . ASP A 1 139 ? -10.617 -2.842  -4.459  1.00 32.98  ? 139 ASP A OD2 1 
ATOM   1040 N  N   . LEU A 1 140 ? -7.740  -5.570  -6.546  1.00 25.77  ? 140 LEU A N   1 
ATOM   1041 C  CA  . LEU A 1 140 ? -7.309  -5.116  -7.897  1.00 27.46  ? 140 LEU A CA  1 
ATOM   1042 C  C   . LEU A 1 140 ? -6.921  -6.364  -8.713  1.00 25.88  ? 140 LEU A C   1 
ATOM   1043 O  O   . LEU A 1 140 ? -5.738  -6.657  -8.913  1.00 28.78  ? 140 LEU A O   1 
ATOM   1044 C  CB  . LEU A 1 140 ? -6.174  -4.081  -7.762  1.00 26.49  ? 140 LEU A CB  1 
ATOM   1045 C  CG  . LEU A 1 140 ? -6.428  -2.870  -6.856  1.00 27.01  ? 140 LEU A CG  1 
ATOM   1046 C  CD1 . LEU A 1 140 ? -5.150  -2.030  -6.742  1.00 24.69  ? 140 LEU A CD1 1 
ATOM   1047 C  CD2 . LEU A 1 140 ? -7.593  -2.013  -7.321  1.00 29.37  ? 140 LEU A CD2 1 
ATOM   1048 N  N   . LEU A 1 141 ? -7.929  -7.144  -9.131  1.00 33.82  ? 141 LEU A N   1 
ATOM   1049 C  CA  . LEU A 1 141 ? -7.726  -8.460  -9.805  1.00 34.96  ? 141 LEU A CA  1 
ATOM   1050 C  C   . LEU A 1 141 ? -6.991  -8.258  -11.125 1.00 33.30  ? 141 LEU A C   1 
ATOM   1051 O  O   . LEU A 1 141 ? -6.157  -9.094  -11.503 1.00 33.00  ? 141 LEU A O   1 
ATOM   1052 C  CB  . LEU A 1 141 ? -9.083  -9.131  -10.041 1.00 33.89  ? 141 LEU A CB  1 
ATOM   1053 C  CG  . LEU A 1 141 ? -9.921  -9.305  -8.779  1.00 35.60  ? 141 LEU A CG  1 
ATOM   1054 C  CD1 . LEU A 1 141 ? -11.144 -10.162 -9.058  1.00 36.75  ? 141 LEU A CD1 1 
ATOM   1055 C  CD2 . LEU A 1 141 ? -9.085  -9.917  -7.662  1.00 33.90  ? 141 LEU A CD2 1 
ATOM   1056 N  N   . TRP A 1 142 ? -7.255  -7.133  -11.777 1.00 38.39  ? 142 TRP A N   1 
ATOM   1057 C  CA  . TRP A 1 142 ? -6.640  -6.770  -13.074 1.00 37.30  ? 142 TRP A CA  1 
ATOM   1058 C  C   . TRP A 1 142 ? -5.119  -6.678  -12.958 1.00 36.54  ? 142 TRP A C   1 
ATOM   1059 O  O   . TRP A 1 142 ? -4.455  -6.804  -13.995 1.00 39.24  ? 142 TRP A O   1 
ATOM   1060 C  CB  . TRP A 1 142 ? -7.276  -5.482  -13.612 1.00 38.56  ? 142 TRP A CB  1 
ATOM   1061 C  CG  . TRP A 1 142 ? -7.135  -4.280  -12.737 1.00 35.22  ? 142 TRP A CG  1 
ATOM   1062 C  CD1 . TRP A 1 142 ? -8.086  -3.744  -11.919 1.00 34.67  ? 142 TRP A CD1 1 
ATOM   1063 C  CD2 . TRP A 1 142 ? -5.978  -3.432  -12.631 1.00 32.42  ? 142 TRP A CD2 1 
ATOM   1064 N  NE1 . TRP A 1 142 ? -7.599  -2.616  -11.315 1.00 34.53  ? 142 TRP A NE1 1 
ATOM   1065 C  CE2 . TRP A 1 142 ? -6.311  -2.405  -11.732 1.00 31.76  ? 142 TRP A CE2 1 
ATOM   1066 C  CE3 . TRP A 1 142 ? -4.705  -3.444  -13.208 1.00 32.47  ? 142 TRP A CE3 1 
ATOM   1067 C  CZ2 . TRP A 1 142 ? -5.417  -1.384  -11.413 1.00 30.89  ? 142 TRP A CZ2 1 
ATOM   1068 C  CZ3 . TRP A 1 142 ? -3.822  -2.431  -12.896 1.00 35.21  ? 142 TRP A CZ3 1 
ATOM   1069 C  CH2 . TRP A 1 142 ? -4.167  -1.440  -11.982 1.00 30.01  ? 142 TRP A CH2 1 
ATOM   1070 N  N   . LEU A 1 143 ? -4.565  -6.470  -11.755 1.00 36.49  ? 143 LEU A N   1 
ATOM   1071 C  CA  . LEU A 1 143 ? -3.095  -6.461  -11.549 1.00 35.44  ? 143 LEU A CA  1 
ATOM   1072 C  C   . LEU A 1 143 ? -2.470  -7.772  -12.047 1.00 39.71  ? 143 LEU A C   1 
ATOM   1073 O  O   . LEU A 1 143 ? -1.316  -7.716  -12.452 1.00 38.02  ? 143 LEU A O   1 
ATOM   1074 C  CB  . LEU A 1 143 ? -2.756  -6.235  -10.070 1.00 35.59  ? 143 LEU A CB  1 
ATOM   1075 C  CG  . LEU A 1 143 ? -2.880  -4.803  -9.556  1.00 34.88  ? 143 LEU A CG  1 
ATOM   1076 C  CD1 . LEU A 1 143 ? -2.672  -4.758  -8.047  1.00 34.75  ? 143 LEU A CD1 1 
ATOM   1077 C  CD2 . LEU A 1 143 ? -1.872  -3.893  -10.252 1.00 34.83  ? 143 LEU A CD2 1 
ATOM   1078 N  N   . ASP A 1 144 ? -3.201  -8.894  -11.992 1.00 47.91  ? 144 ASP A N   1 
ATOM   1079 C  CA  . ASP A 1 144 ? -2.672  -10.265 -12.250 1.00 55.75  ? 144 ASP A CA  1 
ATOM   1080 C  C   . ASP A 1 144 ? -2.521  -10.568 -13.747 1.00 62.68  ? 144 ASP A C   1 
ATOM   1081 O  O   . ASP A 1 144 ? -1.772  -11.515 -14.067 1.00 67.16  ? 144 ASP A O   1 
ATOM   1082 C  CB  . ASP A 1 144 ? -3.580  -11.322 -11.623 1.00 54.28  ? 144 ASP A CB  1 
ATOM   1083 C  CG  . ASP A 1 144 ? -3.453  -11.341 -10.117 1.00 56.32  ? 144 ASP A CG  1 
ATOM   1084 O  OD1 . ASP A 1 144 ? -2.346  -11.030 -9.641  1.00 57.54  ? 144 ASP A OD1 1 
ATOM   1085 O  OD2 . ASP A 1 144 ? -4.462  -11.627 -9.438  1.00 56.34  ? 144 ASP A OD2 1 
ATOM   1086 N  N   . GLU A 1 145 ? -3.193  -9.813  -14.622 1.00 73.15  ? 145 GLU A N   1 
ATOM   1087 C  CA  . GLU A 1 145 ? -3.273  -10.090 -16.086 1.00 77.52  ? 145 GLU A CA  1 
ATOM   1088 C  C   . GLU A 1 145 ? -2.888  -8.842  -16.892 1.00 82.90  ? 145 GLU A C   1 
ATOM   1089 O  O   . GLU A 1 145 ? -2.735  -7.760  -16.278 1.00 84.93  ? 145 GLU A O   1 
ATOM   1090 C  CB  . GLU A 1 145 ? -4.695  -10.530 -16.437 1.00 72.33  ? 145 GLU A CB  1 
ATOM   1091 C  CG  . GLU A 1 145 ? -5.722  -9.420  -16.274 1.00 69.63  ? 145 GLU A CG  1 
ATOM   1092 C  CD  . GLU A 1 145 ? -7.083  -9.856  -15.763 1.00 68.34  ? 145 GLU A CD  1 
ATOM   1093 O  OE1 . GLU A 1 145 ? -8.070  -9.162  -16.062 1.00 74.90  ? 145 GLU A OE1 1 
ATOM   1094 O  OE2 . GLU A 1 145 ? -7.155  -10.871 -15.052 1.00 68.84  ? 145 GLU A OE2 1 
ATOM   1095 N  N   . GLU A 1 146 ? -2.729  -9.000  -18.214 1.00 83.68  ? 146 GLU A N   1 
ATOM   1096 C  CA  . GLU A 1 146 ? -2.678  -7.891  -19.209 1.00 81.90  ? 146 GLU A CA  1 
ATOM   1097 C  C   . GLU A 1 146 ? -1.753  -6.776  -18.686 1.00 83.45  ? 146 GLU A C   1 
ATOM   1098 O  O   . GLU A 1 146 ? -0.766  -6.343  -19.312 1.00 72.99  ? 146 GLU A O   1 
ATOM   1099 C  CB  . GLU A 1 146 ? -4.124  -7.447  -19.493 1.00 78.49  ? 146 GLU A CB  1 
ATOM   1100 C  CG  . GLU A 1 146 ? -4.349  -5.942  -19.518 1.00 80.03  ? 146 GLU A CG  1 
ATOM   1101 C  CD  . GLU A 1 146 ? -3.859  -5.224  -20.775 1.00 83.01  ? 146 GLU A CD  1 
ATOM   1102 O  OE1 . GLU A 1 146 ? -4.434  -4.163  -21.100 1.00 82.03  ? 146 GLU A OE1 1 
ATOM   1103 O  OE2 . GLU A 1 146 ? -2.902  -5.722  -21.421 1.00 85.26  ? 146 GLU A OE2 1 
HETATM 1104 C  C4  . UVA B 2 .   ? -13.325 0.591   2.013   0.46 20.00  ? 201 UVA A C4  1 
HETATM 1105 C  C5  . UVA B 2 .   ? -13.451 -0.525  1.293   0.46 20.00  ? 201 UVA A C5  1 
HETATM 1106 C  C6  . UVA B 2 .   ? -14.366 -0.533  0.275   0.46 20.00  ? 201 UVA A C6  1 
HETATM 1107 C  C7  . UVA B 2 .   ? -16.374 -2.437  0.131   0.46 20.00  ? 201 UVA A C7  1 
HETATM 1108 N  N   . UVA B 2 .   ? -15.373 0.636   -1.404  0.46 20.00  ? 201 UVA A N   1 
HETATM 1109 C  C   . UVA B 2 .   ? -15.062 1.721   -2.291  0.46 20.00  ? 201 UVA A C   1 
HETATM 1110 O  O   . UVA B 2 .   ? -14.737 -1.978  -1.824  0.46 20.00  ? 201 UVA A O   1 
HETATM 1111 C  C1  . UVA B 2 .   ? -14.928 0.618   -0.166  0.46 20.00  ? 201 UVA A C1  1 
HETATM 1112 C  C2  . UVA B 2 .   ? -14.752 1.756   0.562   0.46 20.00  ? 201 UVA A C2  1 
HETATM 1113 C  C3  . UVA B 2 .   ? -14.044 1.691   1.710   0.46 20.00  ? 201 UVA A C3  1 
HETATM 1114 O  O1  . UVA B 2 .   ? -13.881 -3.044  0.268   0.46 20.00  ? 201 UVA A O1  1 
HETATM 1115 S  S   . UVA B 2 .   ? -14.743 -2.103  -0.393  0.46 20.00  ? 201 UVA A S   1 
HETATM 1116 ZN ZN  . ZN  C 3 .   ? -3.770  -13.943 2.662   1.00 24.08  ? 202 ZN  A ZN  1 
HETATM 1117 S  S   . DMS D 4 .   ? 3.543   -15.507 -2.141  1.00 78.23  ? 203 DMS A S   1 
HETATM 1118 O  O   . DMS D 4 .   ? 4.402   -16.146 -3.191  1.00 86.46  ? 203 DMS A O   1 
HETATM 1119 C  C1  . DMS D 4 .   ? 3.626   -16.571 -0.719  1.00 74.07  ? 203 DMS A C1  1 
HETATM 1120 C  C2  . DMS D 4 .   ? 4.514   -14.192 -1.482  1.00 80.31  ? 203 DMS A C2  1 
HETATM 1121 S  S   . DMS E 4 .   ? -10.600 8.900   -6.032  1.00 55.81  ? 204 DMS A S   1 
HETATM 1122 O  O   . DMS E 4 .   ? -10.114 9.827   -4.951  1.00 51.40  ? 204 DMS A O   1 
HETATM 1123 C  C1  . DMS E 4 .   ? -12.257 8.449   -5.550  1.00 54.81  ? 204 DMS A C1  1 
HETATM 1124 C  C2  . DMS E 4 .   ? -11.012 9.918   -7.434  1.00 55.16  ? 204 DMS A C2  1 
HETATM 1125 S  S   . DMS F 4 .   ? 13.750  -3.742  1.939   1.00 100.17 ? 205 DMS A S   1 
HETATM 1126 O  O   . DMS F 4 .   ? 15.004  -4.023  2.718   1.00 88.05  ? 205 DMS A O   1 
HETATM 1127 C  C1  . DMS F 4 .   ? 13.879  -4.677  0.432   1.00 100.86 ? 205 DMS A C1  1 
HETATM 1128 C  C2  . DMS F 4 .   ? 12.478  -4.707  2.702   1.00 94.50  ? 205 DMS A C2  1 
HETATM 1129 S  S   . DMS G 4 .   ? 3.302   -2.827  18.591  1.00 61.97  ? 206 DMS A S   1 
HETATM 1130 O  O   . DMS G 4 .   ? 3.589   -1.356  18.643  1.00 63.45  ? 206 DMS A O   1 
HETATM 1131 C  C1  . DMS G 4 .   ? 4.889   -3.623  18.513  1.00 60.58  ? 206 DMS A C1  1 
HETATM 1132 C  C2  . DMS G 4 .   ? 2.842   -3.306  20.246  1.00 59.90  ? 206 DMS A C2  1 
HETATM 1133 S  S   . DMS H 4 .   ? 0.484   17.783  2.136   1.00 77.47  ? 207 DMS A S   1 
HETATM 1134 O  O   . DMS H 4 .   ? -0.222  17.495  0.838   1.00 89.25  ? 207 DMS A O   1 
HETATM 1135 C  C1  . DMS H 4 .   ? 1.503   19.212  1.846   1.00 80.28  ? 207 DMS A C1  1 
HETATM 1136 C  C2  . DMS H 4 .   ? -0.719  18.566  3.172   1.00 81.46  ? 207 DMS A C2  1 
HETATM 1137 S  S   . SO4 I 5 .   ? -15.600 14.955  10.241  1.00 60.72  ? 208 SO4 A S   1 
HETATM 1138 O  O1  . SO4 I 5 .   ? -16.403 13.968  9.572   1.00 59.09  ? 208 SO4 A O1  1 
HETATM 1139 O  O2  . SO4 I 5 .   ? -15.732 16.221  9.569   1.00 63.16  ? 208 SO4 A O2  1 
HETATM 1140 O  O3  . SO4 I 5 .   ? -14.221 14.547  10.221  1.00 61.43  ? 208 SO4 A O3  1 
HETATM 1141 O  O4  . SO4 I 5 .   ? -16.044 15.089  11.603  1.00 58.19  ? 208 SO4 A O4  1 
HETATM 1142 O  O   . HOH J 6 .   ? 5.820   -10.695 -10.313 1.00 43.14  ? 301 HOH A O   1 
HETATM 1143 O  O   . HOH J 6 .   ? -0.607  -11.600 -8.596  1.00 40.89  ? 302 HOH A O   1 
HETATM 1144 O  O   . HOH J 6 .   ? -4.225  -3.447  -16.797 1.00 48.55  ? 303 HOH A O   1 
HETATM 1145 O  O   . HOH J 6 .   ? -13.633 -4.163  4.587   1.00 50.65  ? 304 HOH A O   1 
HETATM 1146 O  O   . HOH J 6 .   ? 5.753   -13.861 -6.479  1.00 53.22  ? 305 HOH A O   1 
HETATM 1147 O  O   . HOH J 6 .   ? 2.034   -6.579  -15.934 1.00 34.51  ? 306 HOH A O   1 
HETATM 1148 O  O   . HOH J 6 .   ? 8.262   -5.102  -4.690  1.00 36.17  ? 307 HOH A O   1 
HETATM 1149 O  O   . HOH J 6 .   ? 14.894  0.098   4.206   1.00 38.21  ? 308 HOH A O   1 
HETATM 1150 O  O   . HOH J 6 .   ? 2.544   -2.668  -17.965 1.00 52.60  ? 309 HOH A O   1 
HETATM 1151 O  O   . HOH J 6 .   ? -12.844 -3.400  -4.012  1.00 37.39  ? 310 HOH A O   1 
HETATM 1152 O  O   . HOH J 6 .   ? -4.819  13.765  -3.749  1.00 39.20  ? 311 HOH A O   1 
HETATM 1153 O  O   . HOH J 6 .   ? 7.351   -4.383  -20.607 1.00 61.05  ? 312 HOH A O   1 
HETATM 1154 O  O   . HOH J 6 .   ? -9.618  -9.213  1.249   1.00 28.37  ? 313 HOH A O   1 
HETATM 1155 O  O   . HOH J 6 .   ? 11.659  4.545   3.043   1.00 39.16  ? 314 HOH A O   1 
HETATM 1156 O  O   . HOH J 6 .   ? -0.992  17.693  6.232   1.00 85.62  ? 315 HOH A O   1 
HETATM 1157 O  O   . HOH J 6 .   ? -4.785  -15.687 -2.921  1.00 33.38  ? 316 HOH A O   1 
HETATM 1158 O  O   . HOH J 6 .   ? 1.349   14.729  -0.988  1.00 46.50  ? 317 HOH A O   1 
HETATM 1159 O  O   . HOH J 6 .   ? -13.448 -3.095  8.424   1.00 47.97  ? 318 HOH A O   1 
HETATM 1160 O  O   . HOH J 6 .   ? -2.766  8.655   11.167  1.00 46.65  ? 319 HOH A O   1 
HETATM 1161 O  O   . HOH J 6 .   ? 11.195  -8.792  -17.307 1.00 51.51  ? 320 HOH A O   1 
HETATM 1162 O  O   . HOH J 6 .   ? -10.436 -8.955  3.566   1.00 38.43  ? 321 HOH A O   1 
HETATM 1163 O  O   . HOH J 6 .   ? -17.995 9.823   8.744   1.00 75.04  ? 322 HOH A O   1 
HETATM 1164 O  O   . HOH J 6 .   ? 8.400   4.733   -13.065 1.00 38.27  ? 323 HOH A O   1 
HETATM 1165 O  O   . HOH J 6 .   ? -10.087 12.112  1.203   1.00 71.61  ? 324 HOH A O   1 
HETATM 1166 O  O   . HOH J 6 .   ? -9.804  -7.347  -15.667 1.00 48.43  ? 325 HOH A O   1 
HETATM 1167 O  O   . HOH J 6 .   ? 17.890  1.765   6.110   1.00 37.76  ? 326 HOH A O   1 
HETATM 1168 O  O   . HOH J 6 .   ? -1.276  15.185  12.479  1.00 56.68  ? 327 HOH A O   1 
HETATM 1169 O  O   . HOH J 6 .   ? -1.060  -16.758 -3.526  1.00 49.84  ? 328 HOH A O   1 
HETATM 1170 O  O   . HOH J 6 .   ? 11.700  -2.824  16.995  1.00 32.78  ? 329 HOH A O   1 
HETATM 1171 O  O   . HOH J 6 .   ? 3.581   19.083  4.977   1.00 90.16  ? 330 HOH A O   1 
HETATM 1172 O  O   . HOH J 6 .   ? 8.485   -13.227 -15.847 1.00 56.10  ? 331 HOH A O   1 
HETATM 1173 O  O   . HOH J 6 .   ? -5.247  -6.227  -16.360 1.00 61.61  ? 332 HOH A O   1 
HETATM 1174 O  O   . HOH J 6 .   ? 4.364   -6.463  15.536  1.00 34.29  ? 333 HOH A O   1 
HETATM 1175 O  O   . HOH J 6 .   ? 5.175   4.202   -2.740  1.00 21.92  ? 334 HOH A O   1 
HETATM 1176 O  O   . HOH J 6 .   ? -9.775  -0.766  8.234   1.00 50.67  ? 335 HOH A O   1 
HETATM 1177 O  O   . HOH J 6 .   ? 11.386  8.379   9.157   1.00 73.09  ? 336 HOH A O   1 
HETATM 1178 O  O   . HOH J 6 .   ? -7.772  10.412  -8.084  1.00 33.97  ? 337 HOH A O   1 
HETATM 1179 O  O   . HOH J 6 .   ? 3.252   -9.128  -17.436 1.00 77.48  ? 338 HOH A O   1 
HETATM 1180 O  O   . HOH J 6 .   ? 16.124  -3.324  5.766   1.00 56.59  ? 339 HOH A O   1 
HETATM 1181 O  O   . HOH J 6 .   ? -9.434  -6.877  -0.327  1.00 24.03  ? 340 HOH A O   1 
HETATM 1182 O  O   . HOH J 6 .   ? -10.077 -3.447  -0.927  1.00 26.67  ? 341 HOH A O   1 
HETATM 1183 O  O   . HOH J 6 .   ? 8.164   0.805   5.331   1.00 16.78  ? 342 HOH A O   1 
HETATM 1184 O  O   . HOH J 6 .   ? -5.980  2.980   0.948   1.00 24.74  ? 343 HOH A O   1 
HETATM 1185 O  O   . HOH J 6 .   ? 1.123   -5.165  16.721  1.00 30.85  ? 344 HOH A O   1 
HETATM 1186 O  O   . HOH J 6 .   ? 0.405   9.152   -18.893 1.00 29.25  ? 345 HOH A O   1 
HETATM 1187 O  O   . HOH J 6 .   ? 7.167   2.203   -14.044 1.00 49.32  ? 346 HOH A O   1 
HETATM 1188 O  O   . HOH J 6 .   ? 8.870   -7.639  -7.429  1.00 64.00  ? 347 HOH A O   1 
HETATM 1189 O  O   . HOH J 6 .   ? 9.736   0.929   2.875   1.00 29.33  ? 348 HOH A O   1 
HETATM 1190 O  O   . HOH J 6 .   ? 8.903   9.419   -4.990  1.00 52.71  ? 349 HOH A O   1 
HETATM 1191 O  O   . HOH J 6 .   ? 8.431   6.943   -5.746  1.00 41.25  ? 350 HOH A O   1 
HETATM 1192 O  O   . HOH J 6 .   ? 4.361   -12.005 -14.741 1.00 55.35  ? 351 HOH A O   1 
HETATM 1193 O  O   . HOH J 6 .   ? 9.935   0.154   -16.623 1.00 59.69  ? 352 HOH A O   1 
HETATM 1194 O  O   . HOH J 6 .   ? -1.928  10.659  9.613   1.00 47.37  ? 353 HOH A O   1 
HETATM 1195 O  O   . HOH J 6 .   ? 6.128   1.100   -19.581 1.00 45.16  ? 354 HOH A O   1 
HETATM 1196 O  O   . HOH J 6 .   ? -9.401  8.248   -9.749  1.00 50.96  ? 355 HOH A O   1 
HETATM 1197 O  O   . HOH J 6 .   ? 8.448   3.041   18.003  1.00 43.11  ? 356 HOH A O   1 
HETATM 1198 O  O   . HOH J 6 .   ? 2.158   0.845   18.244  1.00 31.19  ? 357 HOH A O   1 
HETATM 1199 O  O   . HOH J 6 .   ? 10.102  10.408  -13.167 1.00 40.93  ? 358 HOH A O   1 
HETATM 1200 O  O   . HOH J 6 .   ? 1.395   -5.427  -18.066 1.00 61.23  ? 359 HOH A O   1 
HETATM 1201 O  O   . HOH J 6 .   ? 5.378   8.369   -21.524 1.00 37.14  ? 360 HOH A O   1 
HETATM 1202 O  O   . HOH J 6 .   ? 10.832  6.678   15.573  1.00 25.33  ? 361 HOH A O   1 
HETATM 1203 O  O   . HOH J 6 .   ? 15.678  2.326   6.277   1.00 44.69  ? 362 HOH A O   1 
HETATM 1204 O  O   . HOH J 6 .   ? -7.260  8.863   -13.511 1.00 30.10  ? 363 HOH A O   1 
HETATM 1205 O  O   . HOH J 6 .   ? 11.107  1.638   -10.448 1.00 48.09  ? 364 HOH A O   1 
HETATM 1206 O  O   . HOH J 6 .   ? 9.610   -8.313  14.124  1.00 36.04  ? 365 HOH A O   1 
HETATM 1207 O  O   . HOH J 6 .   ? 4.222   12.717  -6.144  1.00 53.12  ? 366 HOH A O   1 
HETATM 1208 O  O   . HOH J 6 .   ? 4.481   14.763  -14.319 1.00 35.74  ? 367 HOH A O   1 
HETATM 1209 O  O   . HOH J 6 .   ? -8.602  17.186  3.632   1.00 70.98  ? 368 HOH A O   1 
HETATM 1210 O  O   . HOH J 6 .   ? 3.036   -18.642 1.949   1.00 42.14  ? 369 HOH A O   1 
HETATM 1211 O  O   . HOH J 6 .   ? 4.907   13.345  -1.350  1.00 55.65  ? 370 HOH A O   1 
HETATM 1212 O  O   . HOH J 6 .   ? -12.062 -5.828  9.784   1.00 38.21  ? 371 HOH A O   1 
HETATM 1213 O  O   . HOH J 6 .   ? -9.387  -0.792  -10.341 1.00 43.26  ? 372 HOH A O   1 
HETATM 1214 O  O   . HOH J 6 .   ? -9.024  -10.420 -3.040  1.00 25.11  ? 373 HOH A O   1 
HETATM 1215 O  O   . HOH J 6 .   ? 8.091   -2.032  -1.033  1.00 35.31  ? 374 HOH A O   1 
HETATM 1216 O  O   . HOH J 6 .   ? 4.052   -14.279 3.680   1.00 44.48  ? 375 HOH A O   1 
HETATM 1217 O  O   . HOH J 6 .   ? -8.820  8.334   12.844  1.00 37.11  ? 376 HOH A O   1 
HETATM 1218 O  O   . HOH J 6 .   ? 1.133   7.661   -20.962 1.00 41.38  ? 377 HOH A O   1 
HETATM 1219 O  O   . HOH J 6 .   ? -1.584  11.910  -4.045  1.00 26.97  ? 378 HOH A O   1 
HETATM 1220 O  O   . HOH J 6 .   ? 2.974   6.509   15.810  1.00 64.95  ? 379 HOH A O   1 
HETATM 1221 O  O   . HOH J 6 .   ? 5.222   13.483  -9.288  1.00 33.93  ? 380 HOH A O   1 
HETATM 1222 O  O   . HOH J 6 .   ? 9.458   7.766   1.112   1.00 43.33  ? 381 HOH A O   1 
HETATM 1223 O  O   . HOH J 6 .   ? 9.664   6.179   -11.242 1.00 39.15  ? 382 HOH A O   1 
HETATM 1224 O  O   . HOH J 6 .   ? 3.620   -3.637  14.785  1.00 32.06  ? 383 HOH A O   1 
HETATM 1225 O  O   . HOH J 6 .   ? 12.148  2.259   -2.107  1.00 54.73  ? 384 HOH A O   1 
HETATM 1226 O  O   . HOH J 6 .   ? -2.801  -4.891  15.262  1.00 19.39  ? 385 HOH A O   1 
HETATM 1227 O  O   . HOH J 6 .   ? 5.223   -12.433 0.235   1.00 48.76  ? 386 HOH A O   1 
HETATM 1228 O  O   . HOH J 6 .   ? 17.347  -4.050  11.579  1.00 39.82  ? 387 HOH A O   1 
HETATM 1229 O  O   . HOH J 6 .   ? 11.186  0.479   -5.822  1.00 47.87  ? 388 HOH A O   1 
HETATM 1230 O  O   . HOH J 6 .   ? 3.337   13.061  8.911   1.00 44.81  ? 389 HOH A O   1 
HETATM 1231 O  O   . HOH J 6 .   ? -6.118  0.895   -1.287  1.00 19.34  ? 390 HOH A O   1 
HETATM 1232 O  O   . HOH J 6 .   ? -6.199  12.598  -10.463 1.00 38.90  ? 391 HOH A O   1 
HETATM 1233 O  O   . HOH J 6 .   ? -12.686 7.113   10.860  1.00 35.53  ? 392 HOH A O   1 
HETATM 1234 O  O   . HOH J 6 .   ? 7.011   -7.432  4.071   1.00 29.14  ? 393 HOH A O   1 
HETATM 1235 O  O   . HOH J 6 .   ? -2.238  8.584   3.201   1.00 27.39  ? 394 HOH A O   1 
HETATM 1236 O  O   . HOH J 6 .   ? -8.257  -7.927  5.703   1.00 29.14  ? 395 HOH A O   1 
HETATM 1237 O  O   . HOH J 6 .   ? -2.974  6.508   12.809  1.00 38.57  ? 396 HOH A O   1 
HETATM 1238 O  O   . HOH J 6 .   ? 12.390  8.250   13.557  1.00 29.99  ? 397 HOH A O   1 
HETATM 1239 O  O   . HOH J 6 .   ? 5.599   9.586   2.403   1.00 29.53  ? 398 HOH A O   1 
HETATM 1240 O  O   . HOH J 6 .   ? -6.893  -11.779 -10.873 1.00 52.04  ? 399 HOH A O   1 
HETATM 1241 O  O   . HOH J 6 .   ? 1.897   12.366  -7.241  1.00 33.43  ? 400 HOH A O   1 
HETATM 1242 O  O   . HOH J 6 .   ? -6.203  -13.984 8.899   1.00 35.00  ? 401 HOH A O   1 
HETATM 1243 O  O   . HOH J 6 .   ? 1.232   -12.036 11.574  1.00 30.44  ? 402 HOH A O   1 
HETATM 1244 O  O   . HOH J 6 .   ? -6.651  6.789   10.963  1.00 44.17  ? 403 HOH A O   1 
HETATM 1245 O  O   . HOH J 6 .   ? 3.186   6.661   7.267   1.00 34.46  ? 404 HOH A O   1 
HETATM 1246 O  O   . HOH J 6 .   ? -4.023  5.967   10.196  1.00 54.21  ? 405 HOH A O   1 
HETATM 1247 O  O   . HOH J 6 .   ? -5.342  2.371   -18.224 1.00 42.27  ? 406 HOH A O   1 
HETATM 1248 O  O   . HOH J 6 .   ? 4.827   -11.984 -3.572  1.00 36.46  ? 407 HOH A O   1 
HETATM 1249 O  O   . HOH J 6 .   ? -11.802 13.756  3.589   1.00 41.40  ? 408 HOH A O   1 
HETATM 1250 O  O   . HOH J 6 .   ? 12.783  -8.086  10.507  1.00 34.22  ? 409 HOH A O   1 
HETATM 1251 O  O   . HOH J 6 .   ? 2.918   4.749   13.931  1.00 32.57  ? 410 HOH A O   1 
HETATM 1252 O  O   . HOH J 6 .   ? 9.570   11.234  3.649   1.00 80.65  ? 411 HOH A O   1 
HETATM 1253 O  O   . HOH J 6 .   ? -4.541  16.295  11.985  1.00 45.60  ? 412 HOH A O   1 
HETATM 1254 O  O   . HOH J 6 .   ? -12.885 -8.969  11.187  1.00 52.53  ? 413 HOH A O   1 
HETATM 1255 O  O   . HOH J 6 .   ? -11.443 -2.796  -7.222  1.00 47.05  ? 414 HOH A O   1 
HETATM 1256 O  O   . HOH J 6 .   ? -1.392  10.396  5.440   1.00 29.84  ? 415 HOH A O   1 
HETATM 1257 O  O   . HOH J 6 .   ? -6.359  -19.922 2.407   1.00 48.84  ? 416 HOH A O   1 
HETATM 1258 O  O   . HOH J 6 .   ? 8.231   -10.440 -2.583  1.00 34.94  ? 417 HOH A O   1 
HETATM 1259 O  O   . HOH J 6 .   ? -4.561  15.646  -8.307  1.00 34.96  ? 418 HOH A O   1 
HETATM 1260 O  O   . HOH J 6 .   ? -1.867  7.023   -19.322 1.00 41.14  ? 419 HOH A O   1 
HETATM 1261 O  O   . HOH J 6 .   ? 6.899   -4.836  -12.294 1.00 42.67  ? 420 HOH A O   1 
HETATM 1262 O  O   . HOH J 6 .   ? -3.423  12.248  5.858   1.00 30.15  ? 421 HOH A O   1 
HETATM 1263 O  O   . HOH J 6 .   ? 9.061   12.632  8.236   1.00 48.44  ? 422 HOH A O   1 
HETATM 1264 O  O   . HOH J 6 .   ? 10.208  -0.999  -3.940  1.00 33.35  ? 423 HOH A O   1 
HETATM 1265 O  O   . HOH J 6 .   ? -11.570 -16.412 3.026   1.00 48.66  ? 424 HOH A O   1 
HETATM 1266 O  O   . HOH J 6 .   ? -12.458 4.584   -3.749  1.00 57.71  ? 425 HOH A O   1 
HETATM 1267 O  O   . HOH J 6 .   ? 8.717   -3.666  1.580   1.00 26.64  ? 426 HOH A O   1 
HETATM 1268 O  O   . HOH J 6 .   ? -7.806  -17.145 -0.374  1.00 35.97  ? 427 HOH A O   1 
HETATM 1269 O  O   . HOH J 6 .   ? 9.637   -6.429  2.378   1.00 27.59  ? 428 HOH A O   1 
HETATM 1270 O  O   . HOH J 6 .   ? 11.375  -2.221  -15.531 1.00 57.40  ? 429 HOH A O   1 
HETATM 1271 O  O   . HOH J 6 .   ? 9.000   0.603   17.323  1.00 46.23  ? 430 HOH A O   1 
HETATM 1272 O  O   . HOH J 6 .   ? -4.106  5.266   17.894  1.00 51.33  ? 431 HOH A O   1 
HETATM 1273 O  O   . HOH J 6 .   ? 5.888   -1.866  14.635  1.00 28.19  ? 432 HOH A O   1 
HETATM 1274 O  O   . HOH J 6 .   ? 4.672   4.072   16.696  1.00 55.27  ? 433 HOH A O   1 
HETATM 1275 O  O   . HOH J 6 .   ? -4.772  10.327  4.418   1.00 40.82  ? 434 HOH A O   1 
HETATM 1276 O  O   . HOH J 6 .   ? 2.762   -17.089 -5.483  1.00 61.41  ? 435 HOH A O   1 
HETATM 1277 O  O   . HOH J 6 .   ? -8.608  13.638  -2.548  1.00 50.97  ? 436 HOH A O   1 
HETATM 1278 O  O   . HOH J 6 .   ? 4.368   1.411   17.843  1.00 48.31  ? 437 HOH A O   1 
HETATM 1279 O  O   . HOH J 6 .   ? -9.411  -13.752 8.183   1.00 56.64  ? 438 HOH A O   1 
HETATM 1280 O  O   . HOH J 6 .   ? -0.506  -14.777 6.874   1.00 38.16  ? 439 HOH A O   1 
HETATM 1281 O  O   . HOH J 6 .   ? -0.535  -6.745  15.600  1.00 28.96  ? 440 HOH A O   1 
HETATM 1282 O  O   . HOH J 6 .   ? -11.055 1.715   -6.428  1.00 40.46  ? 441 HOH A O   1 
HETATM 1283 O  O   . HOH J 6 .   ? 8.946   -13.854 -4.927  1.00 45.25  ? 442 HOH A O   1 
HETATM 1284 O  O   . HOH J 6 .   ? 9.767   9.899   7.586   1.00 40.73  ? 443 HOH A O   1 
HETATM 1285 O  O   . HOH J 6 .   ? 14.446  -1.849  16.969  1.00 38.46  ? 444 HOH A O   1 
HETATM 1286 O  O   . HOH J 6 .   ? 20.171  1.981   5.368   1.00 59.71  ? 445 HOH A O   1 
HETATM 1287 O  O   . HOH J 6 .   ? 1.967   -9.468  16.250  1.00 42.98  ? 446 HOH A O   1 
HETATM 1288 O  O   . HOH J 6 .   ? 1.812   10.394  15.953  1.00 40.28  ? 447 HOH A O   1 
HETATM 1289 O  O   . HOH J 6 .   ? 9.406   -4.471  -12.636 1.00 37.44  ? 448 HOH A O   1 
HETATM 1290 O  O   . HOH J 6 .   ? -9.032  -15.973 2.467   1.00 23.03  ? 449 HOH A O   1 
HETATM 1291 O  O   . HOH J 6 .   ? -10.270 18.233  5.966   1.00 54.53  ? 450 HOH A O   1 
HETATM 1292 O  O   . HOH J 6 .   ? 6.178   12.162  2.258   1.00 40.89  ? 451 HOH A O   1 
HETATM 1293 O  O   . HOH J 6 .   ? 4.818   7.869   14.109  1.00 46.59  ? 452 HOH A O   1 
HETATM 1294 O  O   . HOH J 6 .   ? -7.421  5.931   -13.047 1.00 36.53  ? 453 HOH A O   1 
HETATM 1295 O  O   . HOH J 6 .   ? 9.174   3.653   -5.147  1.00 29.77  ? 454 HOH A O   1 
HETATM 1296 O  O   . HOH J 6 .   ? 0.895   -8.376  -14.497 1.00 48.56  ? 455 HOH A O   1 
HETATM 1297 O  O   . HOH J 6 .   ? -0.414  9.327   7.852   1.00 33.71  ? 456 HOH A O   1 
HETATM 1298 O  O   . HOH J 6 .   ? 5.729   16.237  1.860   1.00 45.38  ? 457 HOH A O   1 
HETATM 1299 O  O   . HOH J 6 .   ? -0.551  -11.160 14.224  1.00 47.48  ? 458 HOH A O   1 
HETATM 1300 O  O   . HOH J 6 .   ? -10.406 -3.610  -9.033  1.00 58.63  ? 459 HOH A O   1 
HETATM 1301 O  O   . HOH J 6 .   ? -6.487  19.129  7.415   1.00 48.50  ? 460 HOH A O   1 
HETATM 1302 O  O   . HOH J 6 .   ? 2.643   9.164   8.181   1.00 49.74  ? 461 HOH A O   1 
HETATM 1303 O  O   . HOH J 6 .   ? 10.793  -6.939  -8.507  1.00 36.03  ? 462 HOH A O   1 
HETATM 1304 O  O   . HOH J 6 .   ? -13.489 7.073   -1.574  1.00 64.86  ? 463 HOH A O   1 
HETATM 1305 O  O   . HOH J 6 .   ? 7.064   12.333  -5.777  1.00 55.96  ? 464 HOH A O   1 
HETATM 1306 O  O   . HOH J 6 .   ? -10.982 -6.082  -10.036 1.00 41.72  ? 465 HOH A O   1 
HETATM 1307 O  O   . HOH J 6 .   ? -15.882 1.318   6.200   1.00 45.59  ? 466 HOH A O   1 
HETATM 1308 O  O   . HOH J 6 .   ? 0.225   11.522  11.272  1.00 47.08  ? 467 HOH A O   1 
HETATM 1309 O  O   . HOH J 6 .   ? -4.826  9.061   11.982  1.00 36.83  ? 468 HOH A O   1 
HETATM 1310 O  O   . HOH J 6 .   ? -19.274 13.298  10.769  1.00 49.24  ? 469 HOH A O   1 
HETATM 1311 O  O   . HOH J 6 .   ? -2.275  -14.373 -12.760 1.00 87.96  ? 470 HOH A O   1 
HETATM 1312 O  O   . HOH J 6 .   ? 10.396  6.024   -6.760  1.00 39.04  ? 471 HOH A O   1 
HETATM 1313 O  O   . HOH J 6 .   ? 1.872   9.990   9.826   1.00 59.99  ? 472 HOH A O   1 
HETATM 1314 O  O   . HOH J 6 .   ? -6.018  9.416   14.947  1.00 56.73  ? 473 HOH A O   1 
HETATM 1315 O  O   . HOH J 6 .   ? 7.621   5.170   -3.370  1.00 25.69  ? 474 HOH A O   1 
HETATM 1316 O  O   . HOH J 6 .   ? 7.825   -8.237  -19.988 1.00 59.27  ? 475 HOH A O   1 
HETATM 1317 O  O   . HOH J 6 .   ? 7.528   12.256  -20.694 1.00 39.25  ? 476 HOH A O   1 
HETATM 1318 O  O   . HOH J 6 .   ? 6.851   -12.053 -14.116 1.00 67.39  ? 477 HOH A O   1 
HETATM 1319 O  O   . HOH J 6 .   ? -8.590  -15.534 6.865   1.00 54.18  ? 478 HOH A O   1 
HETATM 1320 O  O   . HOH J 6 .   ? -7.067  17.673  11.666  1.00 77.58  ? 479 HOH A O   1 
HETATM 1321 O  O   . HOH J 6 .   ? 4.508   9.571   12.297  1.00 76.38  ? 480 HOH A O   1 
HETATM 1322 O  O   . HOH J 6 .   ? -7.919  4.308   -14.833 1.00 45.45  ? 481 HOH A O   1 
HETATM 1323 O  O   . HOH J 6 .   ? 9.876   12.899  -10.235 1.00 42.87  ? 482 HOH A O   1 
HETATM 1324 O  O   . HOH J 6 .   ? -0.465  -17.500 8.108   1.00 58.94  ? 483 HOH A O   1 
HETATM 1325 O  O   . HOH J 6 .   ? -11.589 -5.713  0.050   1.00 35.82  ? 484 HOH A O   1 
HETATM 1326 O  O   . HOH J 6 .   ? -2.957  9.602   13.328  1.00 58.70  ? 485 HOH A O   1 
HETATM 1327 O  O   . HOH J 6 .   ? -14.898 -4.271  -4.534  1.00 49.44  ? 486 HOH A O   1 
HETATM 1328 O  O   . HOH J 6 .   ? -9.346  -0.346  -13.473 1.00 64.50  ? 487 HOH A O   1 
HETATM 1329 O  O   . HOH J 6 .   ? -8.978  14.273  -0.116  1.00 46.48  ? 488 HOH A O   1 
HETATM 1330 O  O   . HOH J 6 .   ? 11.150  6.054   -9.301  1.00 54.78  ? 489 HOH A O   1 
HETATM 1331 O  O   . HOH J 6 .   ? 8.146   9.842   1.989   1.00 60.73  ? 490 HOH A O   1 
HETATM 1332 O  O   . HOH J 6 .   ? -10.711 -8.969  -13.471 1.00 48.41  ? 491 HOH A O   1 
HETATM 1333 O  O   . HOH J 6 .   ? 22.121  -1.064  9.544   1.00 64.56  ? 492 HOH A O   1 
HETATM 1334 O  O   . HOH J 6 .   ? -4.843  14.354  15.938  1.00 74.52  ? 493 HOH A O   1 
HETATM 1335 O  O   . HOH J 6 .   ? 1.992   6.317   20.481  1.00 47.72  ? 494 HOH A O   1 
HETATM 1336 O  O   . HOH J 6 .   ? -1.691  11.992  13.069  1.00 63.42  ? 495 HOH A O   1 
HETATM 1337 O  O   . HOH J 6 .   ? -7.301  -16.208 4.756   1.00 30.50  ? 496 HOH A O   1 
HETATM 1338 O  O   . HOH J 6 .   ? 10.325  -8.569  -19.713 1.00 57.41  ? 497 HOH A O   1 
HETATM 1339 O  O   . HOH J 6 .   ? 7.023   -1.015  17.053  1.00 49.19  ? 498 HOH A O   1 
HETATM 1340 O  O   . HOH J 6 .   ? 14.762  -7.472  8.719   1.00 47.69  ? 499 HOH A O   1 
HETATM 1341 O  O   . HOH J 6 .   ? -6.356  -18.694 4.831   1.00 45.55  ? 500 HOH A O   1 
HETATM 1342 O  O   . HOH J 6 .   ? 10.169  0.695   -12.224 1.00 54.24  ? 501 HOH A O   1 
HETATM 1343 O  O   . HOH J 6 .   ? -5.385  6.890   14.845  1.00 52.69  ? 502 HOH A O   1 
HETATM 1344 O  O   . HOH J 6 .   ? -12.973 9.946   0.586   1.00 59.52  ? 503 HOH A O   1 
HETATM 1345 O  O   . HOH J 6 .   ? -13.415 -6.092  2.707   1.00 42.73  ? 504 HOH A O   1 
HETATM 1346 O  O   . HOH J 6 .   ? 22.636  0.217   6.769   1.00 61.95  ? 505 HOH A O   1 
HETATM 1347 O  O   . HOH J 6 .   ? 13.522  -5.967  -19.651 1.00 54.15  ? 506 HOH A O   1 
HETATM 1348 O  O   . HOH J 6 .   ? -11.178 -6.450  -12.517 1.00 48.25  ? 507 HOH A O   1 
HETATM 1349 O  O   . HOH J 6 .   ? -11.318 16.449  3.646   1.00 38.19  ? 508 HOH A O   1 
HETATM 1350 O  O   . HOH J 6 .   ? -11.099 -0.067  -8.543  1.00 42.92  ? 509 HOH A O   1 
HETATM 1351 O  O   . HOH J 6 .   ? 3.930   15.434  -0.445  1.00 59.20  ? 510 HOH A O   1 
HETATM 1352 O  O   . HOH J 6 .   ? 11.467  -5.331  -10.575 1.00 44.40  ? 511 HOH A O   1 
HETATM 1353 O  O   . HOH J 6 .   ? -11.351 -2.220  -13.087 1.00 71.22  ? 512 HOH A O   1 
HETATM 1354 O  O   . HOH J 6 .   ? 10.156  -1.835  -13.146 1.00 47.86  ? 513 HOH A O   1 
HETATM 1355 O  O   . HOH J 6 .   ? -7.662  5.905   13.249  1.00 32.10  ? 514 HOH A O   1 
HETATM 1356 O  O   . HOH J 6 .   ? 18.844  -1.776  12.592  1.00 35.84  ? 515 HOH A O   1 
HETATM 1357 O  O   . HOH J 6 .   ? -2.285  17.483  12.692  1.00 121.02 ? 516 HOH A O   1 
HETATM 1358 O  O   . HOH J 6 .   ? 8.131   -3.440  18.540  1.00 45.61  ? 517 HOH A O   1 
HETATM 1359 O  O   . HOH J 6 .   ? 10.246  8.756   -0.792  1.00 42.23  ? 518 HOH A O   1 
HETATM 1360 O  O   . HOH J 6 .   ? 19.474  -3.561  9.209   1.00 49.48  ? 519 HOH A O   1 
HETATM 1361 O  O   . HOH J 6 .   ? -16.147 9.671   4.859   1.00 96.50  ? 520 HOH A O   1 
HETATM 1362 O  O   . HOH J 6 .   ? 6.281   -7.142  16.922  1.00 47.48  ? 521 HOH A O   1 
HETATM 1363 O  O   . HOH J 6 .   ? 0.371   -1.324  -18.522 1.00 62.48  ? 522 HOH A O   1 
HETATM 1364 O  O   . HOH J 6 .   ? -8.953  -4.854  -16.969 1.00 68.10  ? 523 HOH A O   1 
HETATM 1365 O  O   . HOH J 6 .   ? 10.594  10.698  -6.269  1.00 69.95  ? 524 HOH A O   1 
HETATM 1366 O  O   . HOH J 6 .   ? 0.960   -22.177 1.567   1.00 66.20  ? 525 HOH A O   1 
HETATM 1367 O  O   . HOH J 6 .   ? 9.454   7.053   -2.959  1.00 29.07  ? 526 HOH A O   1 
HETATM 1368 O  O   . HOH J 6 .   ? 6.512   10.489  -22.050 1.00 49.85  ? 527 HOH A O   1 
HETATM 1369 O  O   . HOH J 6 .   ? 10.520  -6.379  17.025  1.00 53.92  ? 528 HOH A O   1 
HETATM 1370 O  O   . HOH J 6 .   ? -4.447  19.105  11.198  1.00 57.27  ? 529 HOH A O   1 
HETATM 1371 O  O   . HOH J 6 .   ? -2.223  14.411  14.781  1.00 57.77  ? 530 HOH A O   1 
HETATM 1372 O  O   . HOH J 6 .   ? 8.452   -7.728  16.211  1.00 58.29  ? 531 HOH A O   1 
HETATM 1373 O  O   . HOH J 6 .   ? 11.260  12.172  1.503   1.00 48.38  ? 532 HOH A O   1 
HETATM 1374 O  O   . HOH J 6 .   ? 2.058   11.979  13.987  1.00 58.74  ? 533 HOH A O   1 
HETATM 1375 O  O   . HOH J 6 .   ? 9.498   10.948  -0.124  1.00 50.00  ? 534 HOH A O   1 
HETATM 1376 O  O   . HOH J 6 .   ? -15.937 10.894  2.546   1.00 48.57  ? 535 HOH A O   1 
HETATM 1377 O  O   . HOH J 6 .   ? -19.335 8.254   2.064   1.00 46.64  ? 536 HOH A O   1 
# 
